data_1RA8
# 
_entry.id   1RA8 
# 
_audit_conform.dict_name       mmcif_pdbx.dic 
_audit_conform.dict_version    5.392 
_audit_conform.dict_location   http://mmcif.pdb.org/dictionaries/ascii/mmcif_pdbx.dic 
# 
loop_
_database_2.database_id 
_database_2.database_code 
_database_2.pdbx_database_accession 
_database_2.pdbx_DOI 
PDB   1RA8         pdb_00001ra8 10.2210/pdb1ra8/pdb 
WWPDB D_1000175961 ?            ?                   
# 
loop_
_pdbx_audit_revision_history.ordinal 
_pdbx_audit_revision_history.data_content_type 
_pdbx_audit_revision_history.major_revision 
_pdbx_audit_revision_history.minor_revision 
_pdbx_audit_revision_history.revision_date 
1 'Structure model' 1 0 1997-03-12 
2 'Structure model' 1 1 2008-03-24 
3 'Structure model' 1 2 2011-07-13 
4 'Structure model' 1 3 2023-08-09 
5 'Structure model' 1 4 2024-05-22 
# 
_pdbx_audit_revision_details.ordinal             1 
_pdbx_audit_revision_details.revision_ordinal    1 
_pdbx_audit_revision_details.data_content_type   'Structure model' 
_pdbx_audit_revision_details.provider            repository 
_pdbx_audit_revision_details.type                'Initial release' 
_pdbx_audit_revision_details.description         ? 
_pdbx_audit_revision_details.details             ? 
# 
loop_
_pdbx_audit_revision_group.ordinal 
_pdbx_audit_revision_group.revision_ordinal 
_pdbx_audit_revision_group.data_content_type 
_pdbx_audit_revision_group.group 
1 2 'Structure model' 'Version format compliance' 
2 3 'Structure model' 'Version format compliance' 
3 4 'Structure model' 'Database references'       
4 4 'Structure model' 'Derived calculations'      
5 4 'Structure model' 'Refinement description'    
6 5 'Structure model' 'Data collection'           
# 
loop_
_pdbx_audit_revision_category.ordinal 
_pdbx_audit_revision_category.revision_ordinal 
_pdbx_audit_revision_category.data_content_type 
_pdbx_audit_revision_category.category 
1 4 'Structure model' database_2                    
2 4 'Structure model' pdbx_initial_refinement_model 
3 4 'Structure model' struct_ref_seq_dif            
4 4 'Structure model' struct_site                   
5 5 'Structure model' chem_comp_atom                
6 5 'Structure model' chem_comp_bond                
# 
loop_
_pdbx_audit_revision_item.ordinal 
_pdbx_audit_revision_item.revision_ordinal 
_pdbx_audit_revision_item.data_content_type 
_pdbx_audit_revision_item.item 
1 4 'Structure model' '_database_2.pdbx_DOI'                
2 4 'Structure model' '_database_2.pdbx_database_accession' 
3 4 'Structure model' '_struct_ref_seq_dif.details'         
4 4 'Structure model' '_struct_site.pdbx_auth_asym_id'      
5 4 'Structure model' '_struct_site.pdbx_auth_comp_id'      
6 4 'Structure model' '_struct_site.pdbx_auth_seq_id'       
# 
_pdbx_database_status.status_code                     REL 
_pdbx_database_status.entry_id                        1RA8 
_pdbx_database_status.recvd_initial_deposition_date   1996-11-21 
_pdbx_database_status.deposit_site                    ? 
_pdbx_database_status.process_site                    BNL 
_pdbx_database_status.status_code_sf                  REL 
_pdbx_database_status.status_code_mr                  ? 
_pdbx_database_status.SG_entry                        ? 
_pdbx_database_status.pdb_format_compatible           Y 
_pdbx_database_status.status_code_cs                  ? 
_pdbx_database_status.status_code_nmr_data            ? 
_pdbx_database_status.methods_development_category    ? 
# 
loop_
_audit_author.name 
_audit_author.pdbx_ordinal 
'Sawaya, M.R.' 1 
'Kraut, J.'    2 
# 
loop_
_citation.id 
_citation.title 
_citation.journal_abbrev 
_citation.journal_volume 
_citation.page_first 
_citation.page_last 
_citation.year 
_citation.journal_id_ASTM 
_citation.country 
_citation.journal_id_ISSN 
_citation.journal_id_CSD 
_citation.book_publisher 
_citation.pdbx_database_id_PubMed 
_citation.pdbx_database_id_DOI 
primary 'Loop and subdomain movements in the mechanism of Escherichia coli dihydrofolate reductase: crystallographic evidence.' 
Biochemistry 36 586  603 1997 BICHAW US 0006-2960 0033 ? 9012674 10.1021/bi962337c 
1       
;Isomorphous Crystal Structures of Escherichia Coli Dihydrofolate Reductase Complexed with Folate, 5-Deazafolate, and 5,10-Dideazatetrahydrofolate: Mechanistic Implications
;
Biochemistry 34 2710 ?   1995 BICHAW US 0006-2960 0033 ? ?       ?                 
2       
;Crystal Structure of Unliganded Escherichia Coli Dihydrofolate Reductase. Ligand-Induced Conformational Changes and Cooperativity in Binding
;
Biochemistry 30 2227 ?   1991 BICHAW US 0006-2960 0033 ? ?       ?                 
3       
;Crystal Structures of Escherichia Coli Dihydrofolate Reductase: The Nadp+ Holoenzyme and the Folate.Nadp+ Ternary Complex. Substrate Binding and a Model for the Transition State
;
Biochemistry 29 3263 ?   1990 BICHAW US 0006-2960 0033 ? ?       ?                 
# 
loop_
_citation_author.citation_id 
_citation_author.name 
_citation_author.ordinal 
_citation_author.identifier_ORCID 
primary 'Sawaya, M.R.' 1  ? 
primary 'Kraut, J.'    2  ? 
1       'Reyes, V.M.'  3  ? 
1       'Sawaya, M.R.' 4  ? 
1       'Brown, K.A.'  5  ? 
1       'Kraut, J.'    6  ? 
2       'Bystroff, C.' 7  ? 
2       'Kraut, J.'    8  ? 
3       'Bystroff, C.' 9  ? 
3       'Oatley, S.J.' 10 ? 
3       'Kraut, J.'    11 ? 
# 
loop_
_entity.id 
_entity.type 
_entity.src_method 
_entity.pdbx_description 
_entity.formula_weight 
_entity.pdbx_number_of_molecules 
_entity.pdbx_ec 
_entity.pdbx_mutation 
_entity.pdbx_fragment 
_entity.details 
1 polymer     man 'DIHYDROFOLATE REDUCTASE'                18020.326 1   1.5.1.3 ? ? ? 
2 non-polymer syn 'FOLIC ACID'                             441.397   1   ?       ? ? ? 
3 non-polymer syn "2'-MONOPHOSPHOADENOSINE-5'-DIPHOSPHATE" 507.181   1   ?       ? ? ? 
4 water       nat water                                    18.015    144 ?       ? ? ? 
# 
_entity_name_com.entity_id   1 
_entity_name_com.name        DHFR 
# 
_entity_poly.entity_id                      1 
_entity_poly.type                           'polypeptide(L)' 
_entity_poly.nstd_linkage                   no 
_entity_poly.nstd_monomer                   no 
_entity_poly.pdbx_seq_one_letter_code       
;MISLIAALAVDRVIGMENAMPWNLPADLAWFKRNTLDKPVIMGRHTWESIGRPLPGRKNIILSSQPGTDDRVTWVKSVDE
AIAACGDVPEIMVIGGGRVYEQFLPKAQKLYLTHIDAEVEGDTHFPDYEPDDWESVFSEFHDADAQNSHSYCFEILERR
;
_entity_poly.pdbx_seq_one_letter_code_can   
;MISLIAALAVDRVIGMENAMPWNLPADLAWFKRNTLDKPVIMGRHTWESIGRPLPGRKNIILSSQPGTDDRVTWVKSVDE
AIAACGDVPEIMVIGGGRVYEQFLPKAQKLYLTHIDAEVEGDTHFPDYEPDDWESVFSEFHDADAQNSHSYCFEILERR
;
_entity_poly.pdbx_strand_id                 A 
_entity_poly.pdbx_target_identifier         ? 
# 
loop_
_pdbx_entity_nonpoly.entity_id 
_pdbx_entity_nonpoly.name 
_pdbx_entity_nonpoly.comp_id 
2 'FOLIC ACID'                             FOL 
3 "2'-MONOPHOSPHOADENOSINE-5'-DIPHOSPHATE" ATR 
4 water                                    HOH 
# 
loop_
_entity_poly_seq.entity_id 
_entity_poly_seq.num 
_entity_poly_seq.mon_id 
_entity_poly_seq.hetero 
1 1   MET n 
1 2   ILE n 
1 3   SER n 
1 4   LEU n 
1 5   ILE n 
1 6   ALA n 
1 7   ALA n 
1 8   LEU n 
1 9   ALA n 
1 10  VAL n 
1 11  ASP n 
1 12  ARG n 
1 13  VAL n 
1 14  ILE n 
1 15  GLY n 
1 16  MET n 
1 17  GLU n 
1 18  ASN n 
1 19  ALA n 
1 20  MET n 
1 21  PRO n 
1 22  TRP n 
1 23  ASN n 
1 24  LEU n 
1 25  PRO n 
1 26  ALA n 
1 27  ASP n 
1 28  LEU n 
1 29  ALA n 
1 30  TRP n 
1 31  PHE n 
1 32  LYS n 
1 33  ARG n 
1 34  ASN n 
1 35  THR n 
1 36  LEU n 
1 37  ASP n 
1 38  LYS n 
1 39  PRO n 
1 40  VAL n 
1 41  ILE n 
1 42  MET n 
1 43  GLY n 
1 44  ARG n 
1 45  HIS n 
1 46  THR n 
1 47  TRP n 
1 48  GLU n 
1 49  SER n 
1 50  ILE n 
1 51  GLY n 
1 52  ARG n 
1 53  PRO n 
1 54  LEU n 
1 55  PRO n 
1 56  GLY n 
1 57  ARG n 
1 58  LYS n 
1 59  ASN n 
1 60  ILE n 
1 61  ILE n 
1 62  LEU n 
1 63  SER n 
1 64  SER n 
1 65  GLN n 
1 66  PRO n 
1 67  GLY n 
1 68  THR n 
1 69  ASP n 
1 70  ASP n 
1 71  ARG n 
1 72  VAL n 
1 73  THR n 
1 74  TRP n 
1 75  VAL n 
1 76  LYS n 
1 77  SER n 
1 78  VAL n 
1 79  ASP n 
1 80  GLU n 
1 81  ALA n 
1 82  ILE n 
1 83  ALA n 
1 84  ALA n 
1 85  CYS n 
1 86  GLY n 
1 87  ASP n 
1 88  VAL n 
1 89  PRO n 
1 90  GLU n 
1 91  ILE n 
1 92  MET n 
1 93  VAL n 
1 94  ILE n 
1 95  GLY n 
1 96  GLY n 
1 97  GLY n 
1 98  ARG n 
1 99  VAL n 
1 100 TYR n 
1 101 GLU n 
1 102 GLN n 
1 103 PHE n 
1 104 LEU n 
1 105 PRO n 
1 106 LYS n 
1 107 ALA n 
1 108 GLN n 
1 109 LYS n 
1 110 LEU n 
1 111 TYR n 
1 112 LEU n 
1 113 THR n 
1 114 HIS n 
1 115 ILE n 
1 116 ASP n 
1 117 ALA n 
1 118 GLU n 
1 119 VAL n 
1 120 GLU n 
1 121 GLY n 
1 122 ASP n 
1 123 THR n 
1 124 HIS n 
1 125 PHE n 
1 126 PRO n 
1 127 ASP n 
1 128 TYR n 
1 129 GLU n 
1 130 PRO n 
1 131 ASP n 
1 132 ASP n 
1 133 TRP n 
1 134 GLU n 
1 135 SER n 
1 136 VAL n 
1 137 PHE n 
1 138 SER n 
1 139 GLU n 
1 140 PHE n 
1 141 HIS n 
1 142 ASP n 
1 143 ALA n 
1 144 ASP n 
1 145 ALA n 
1 146 GLN n 
1 147 ASN n 
1 148 SER n 
1 149 HIS n 
1 150 SER n 
1 151 TYR n 
1 152 CYS n 
1 153 PHE n 
1 154 GLU n 
1 155 ILE n 
1 156 LEU n 
1 157 GLU n 
1 158 ARG n 
1 159 ARG n 
# 
_entity_src_gen.entity_id                          1 
_entity_src_gen.pdbx_src_id                        1 
_entity_src_gen.pdbx_alt_source_flag               sample 
_entity_src_gen.pdbx_seq_type                      ? 
_entity_src_gen.pdbx_beg_seq_num                   ? 
_entity_src_gen.pdbx_end_seq_num                   ? 
_entity_src_gen.gene_src_common_name               ? 
_entity_src_gen.gene_src_genus                     Escherichia 
_entity_src_gen.pdbx_gene_src_gene                 ? 
_entity_src_gen.gene_src_species                   ? 
_entity_src_gen.gene_src_strain                    RT500 
_entity_src_gen.gene_src_tissue                    ? 
_entity_src_gen.gene_src_tissue_fraction           ? 
_entity_src_gen.gene_src_details                   ? 
_entity_src_gen.pdbx_gene_src_fragment             ? 
_entity_src_gen.pdbx_gene_src_scientific_name      'Escherichia coli' 
_entity_src_gen.pdbx_gene_src_ncbi_taxonomy_id     562 
_entity_src_gen.pdbx_gene_src_variant              ? 
_entity_src_gen.pdbx_gene_src_cell_line            ? 
_entity_src_gen.pdbx_gene_src_atcc                 ? 
_entity_src_gen.pdbx_gene_src_organ                ? 
_entity_src_gen.pdbx_gene_src_organelle            ? 
_entity_src_gen.pdbx_gene_src_cell                 ? 
_entity_src_gen.pdbx_gene_src_cellular_location    ? 
_entity_src_gen.host_org_common_name               ? 
_entity_src_gen.pdbx_host_org_scientific_name      'Escherichia coli' 
_entity_src_gen.pdbx_host_org_ncbi_taxonomy_id     562 
_entity_src_gen.host_org_genus                     Escherichia 
_entity_src_gen.pdbx_host_org_gene                 ? 
_entity_src_gen.pdbx_host_org_organ                ? 
_entity_src_gen.host_org_species                   ? 
_entity_src_gen.pdbx_host_org_tissue               ? 
_entity_src_gen.pdbx_host_org_tissue_fraction      ? 
_entity_src_gen.pdbx_host_org_strain               ? 
_entity_src_gen.pdbx_host_org_variant              ? 
_entity_src_gen.pdbx_host_org_cell_line            ? 
_entity_src_gen.pdbx_host_org_atcc                 ? 
_entity_src_gen.pdbx_host_org_culture_collection   ? 
_entity_src_gen.pdbx_host_org_cell                 ? 
_entity_src_gen.pdbx_host_org_organelle            ? 
_entity_src_gen.pdbx_host_org_cellular_location    ? 
_entity_src_gen.pdbx_host_org_vector_type          ? 
_entity_src_gen.pdbx_host_org_vector               ? 
_entity_src_gen.host_org_details                   ? 
_entity_src_gen.expression_system_id               ? 
_entity_src_gen.plasmid_name                       PRWA-1 
_entity_src_gen.plasmid_details                    ? 
_entity_src_gen.pdbx_description                   ? 
# 
loop_
_chem_comp.id 
_chem_comp.type 
_chem_comp.mon_nstd_flag 
_chem_comp.name 
_chem_comp.pdbx_synonyms 
_chem_comp.formula 
_chem_comp.formula_weight 
ALA 'L-peptide linking' y ALANINE                                  ? 'C3 H7 N O2'        89.093  
ARG 'L-peptide linking' y ARGININE                                 ? 'C6 H15 N4 O2 1'    175.209 
ASN 'L-peptide linking' y ASPARAGINE                               ? 'C4 H8 N2 O3'       132.118 
ASP 'L-peptide linking' y 'ASPARTIC ACID'                          ? 'C4 H7 N O4'        133.103 
ATR non-polymer         . "2'-MONOPHOSPHOADENOSINE-5'-DIPHOSPHATE" ? 'C10 H16 N5 O13 P3' 507.181 
CYS 'L-peptide linking' y CYSTEINE                                 ? 'C3 H7 N O2 S'      121.158 
FOL non-polymer         . 'FOLIC ACID'                             ? 'C19 H19 N7 O6'     441.397 
GLN 'L-peptide linking' y GLUTAMINE                                ? 'C5 H10 N2 O3'      146.144 
GLU 'L-peptide linking' y 'GLUTAMIC ACID'                          ? 'C5 H9 N O4'        147.129 
GLY 'peptide linking'   y GLYCINE                                  ? 'C2 H5 N O2'        75.067  
HIS 'L-peptide linking' y HISTIDINE                                ? 'C6 H10 N3 O2 1'    156.162 
HOH non-polymer         . WATER                                    ? 'H2 O'              18.015  
ILE 'L-peptide linking' y ISOLEUCINE                               ? 'C6 H13 N O2'       131.173 
LEU 'L-peptide linking' y LEUCINE                                  ? 'C6 H13 N O2'       131.173 
LYS 'L-peptide linking' y LYSINE                                   ? 'C6 H15 N2 O2 1'    147.195 
MET 'L-peptide linking' y METHIONINE                               ? 'C5 H11 N O2 S'     149.211 
PHE 'L-peptide linking' y PHENYLALANINE                            ? 'C9 H11 N O2'       165.189 
PRO 'L-peptide linking' y PROLINE                                  ? 'C5 H9 N O2'        115.130 
SER 'L-peptide linking' y SERINE                                   ? 'C3 H7 N O3'        105.093 
THR 'L-peptide linking' y THREONINE                                ? 'C4 H9 N O3'        119.119 
TRP 'L-peptide linking' y TRYPTOPHAN                               ? 'C11 H12 N2 O2'     204.225 
TYR 'L-peptide linking' y TYROSINE                                 ? 'C9 H11 N O3'       181.189 
VAL 'L-peptide linking' y VALINE                                   ? 'C5 H11 N O2'       117.146 
# 
loop_
_pdbx_poly_seq_scheme.asym_id 
_pdbx_poly_seq_scheme.entity_id 
_pdbx_poly_seq_scheme.seq_id 
_pdbx_poly_seq_scheme.mon_id 
_pdbx_poly_seq_scheme.ndb_seq_num 
_pdbx_poly_seq_scheme.pdb_seq_num 
_pdbx_poly_seq_scheme.auth_seq_num 
_pdbx_poly_seq_scheme.pdb_mon_id 
_pdbx_poly_seq_scheme.auth_mon_id 
_pdbx_poly_seq_scheme.pdb_strand_id 
_pdbx_poly_seq_scheme.pdb_ins_code 
_pdbx_poly_seq_scheme.hetero 
A 1 1   MET 1   1   1   MET MET A . n 
A 1 2   ILE 2   2   2   ILE ILE A . n 
A 1 3   SER 3   3   3   SER SER A . n 
A 1 4   LEU 4   4   4   LEU LEU A . n 
A 1 5   ILE 5   5   5   ILE ILE A . n 
A 1 6   ALA 6   6   6   ALA ALA A . n 
A 1 7   ALA 7   7   7   ALA ALA A . n 
A 1 8   LEU 8   8   8   LEU LEU A . n 
A 1 9   ALA 9   9   9   ALA ALA A . n 
A 1 10  VAL 10  10  10  VAL VAL A . n 
A 1 11  ASP 11  11  11  ASP ASP A . n 
A 1 12  ARG 12  12  12  ARG ARG A . n 
A 1 13  VAL 13  13  13  VAL VAL A . n 
A 1 14  ILE 14  14  14  ILE ILE A . n 
A 1 15  GLY 15  15  15  GLY GLY A . n 
A 1 16  MET 16  16  16  MET MET A . n 
A 1 17  GLU 17  17  17  GLU GLU A . n 
A 1 18  ASN 18  18  18  ASN ASN A . n 
A 1 19  ALA 19  19  19  ALA ALA A . n 
A 1 20  MET 20  20  20  MET MET A . n 
A 1 21  PRO 21  21  21  PRO PRO A . n 
A 1 22  TRP 22  22  22  TRP TRP A . n 
A 1 23  ASN 23  23  23  ASN ASN A . n 
A 1 24  LEU 24  24  24  LEU LEU A . n 
A 1 25  PRO 25  25  25  PRO PRO A . n 
A 1 26  ALA 26  26  26  ALA ALA A . n 
A 1 27  ASP 27  27  27  ASP ASP A . n 
A 1 28  LEU 28  28  28  LEU LEU A . n 
A 1 29  ALA 29  29  29  ALA ALA A . n 
A 1 30  TRP 30  30  30  TRP TRP A . n 
A 1 31  PHE 31  31  31  PHE PHE A . n 
A 1 32  LYS 32  32  32  LYS LYS A . n 
A 1 33  ARG 33  33  33  ARG ARG A . n 
A 1 34  ASN 34  34  34  ASN ASN A . n 
A 1 35  THR 35  35  35  THR THR A . n 
A 1 36  LEU 36  36  36  LEU LEU A . n 
A 1 37  ASP 37  37  37  ASP ASP A . n 
A 1 38  LYS 38  38  38  LYS LYS A . n 
A 1 39  PRO 39  39  39  PRO PRO A . n 
A 1 40  VAL 40  40  40  VAL VAL A . n 
A 1 41  ILE 41  41  41  ILE ILE A . n 
A 1 42  MET 42  42  42  MET MET A . n 
A 1 43  GLY 43  43  43  GLY GLY A . n 
A 1 44  ARG 44  44  44  ARG ARG A . n 
A 1 45  HIS 45  45  45  HIS HIS A . n 
A 1 46  THR 46  46  46  THR THR A . n 
A 1 47  TRP 47  47  47  TRP TRP A . n 
A 1 48  GLU 48  48  48  GLU GLU A . n 
A 1 49  SER 49  49  49  SER SER A . n 
A 1 50  ILE 50  50  50  ILE ILE A . n 
A 1 51  GLY 51  51  51  GLY GLY A . n 
A 1 52  ARG 52  52  52  ARG ARG A . n 
A 1 53  PRO 53  53  53  PRO PRO A . n 
A 1 54  LEU 54  54  54  LEU LEU A . n 
A 1 55  PRO 55  55  55  PRO PRO A . n 
A 1 56  GLY 56  56  56  GLY GLY A . n 
A 1 57  ARG 57  57  57  ARG ARG A . n 
A 1 58  LYS 58  58  58  LYS LYS A . n 
A 1 59  ASN 59  59  59  ASN ASN A . n 
A 1 60  ILE 60  60  60  ILE ILE A . n 
A 1 61  ILE 61  61  61  ILE ILE A . n 
A 1 62  LEU 62  62  62  LEU LEU A . n 
A 1 63  SER 63  63  63  SER SER A . n 
A 1 64  SER 64  64  64  SER SER A . n 
A 1 65  GLN 65  65  65  GLN GLN A . n 
A 1 66  PRO 66  66  66  PRO PRO A . n 
A 1 67  GLY 67  67  67  GLY GLY A . n 
A 1 68  THR 68  68  68  THR THR A . n 
A 1 69  ASP 69  69  69  ASP ASP A . n 
A 1 70  ASP 70  70  70  ASP ASP A . n 
A 1 71  ARG 71  71  71  ARG ARG A . n 
A 1 72  VAL 72  72  72  VAL VAL A . n 
A 1 73  THR 73  73  73  THR THR A . n 
A 1 74  TRP 74  74  74  TRP TRP A . n 
A 1 75  VAL 75  75  75  VAL VAL A . n 
A 1 76  LYS 76  76  76  LYS LYS A . n 
A 1 77  SER 77  77  77  SER SER A . n 
A 1 78  VAL 78  78  78  VAL VAL A . n 
A 1 79  ASP 79  79  79  ASP ASP A . n 
A 1 80  GLU 80  80  80  GLU GLU A . n 
A 1 81  ALA 81  81  81  ALA ALA A . n 
A 1 82  ILE 82  82  82  ILE ILE A . n 
A 1 83  ALA 83  83  83  ALA ALA A . n 
A 1 84  ALA 84  84  84  ALA ALA A . n 
A 1 85  CYS 85  85  85  CYS CYS A . n 
A 1 86  GLY 86  86  86  GLY GLY A . n 
A 1 87  ASP 87  87  87  ASP ASP A . n 
A 1 88  VAL 88  88  88  VAL VAL A . n 
A 1 89  PRO 89  89  89  PRO PRO A . n 
A 1 90  GLU 90  90  90  GLU GLU A . n 
A 1 91  ILE 91  91  91  ILE ILE A . n 
A 1 92  MET 92  92  92  MET MET A . n 
A 1 93  VAL 93  93  93  VAL VAL A . n 
A 1 94  ILE 94  94  94  ILE ILE A . n 
A 1 95  GLY 95  95  95  GLY GLY A . n 
A 1 96  GLY 96  96  96  GLY GLY A . n 
A 1 97  GLY 97  97  97  GLY GLY A . n 
A 1 98  ARG 98  98  98  ARG ARG A . n 
A 1 99  VAL 99  99  99  VAL VAL A . n 
A 1 100 TYR 100 100 100 TYR TYR A . n 
A 1 101 GLU 101 101 101 GLU GLU A . n 
A 1 102 GLN 102 102 102 GLN GLN A . n 
A 1 103 PHE 103 103 103 PHE PHE A . n 
A 1 104 LEU 104 104 104 LEU LEU A . n 
A 1 105 PRO 105 105 105 PRO PRO A . n 
A 1 106 LYS 106 106 106 LYS LYS A . n 
A 1 107 ALA 107 107 107 ALA ALA A . n 
A 1 108 GLN 108 108 108 GLN GLN A . n 
A 1 109 LYS 109 109 109 LYS LYS A . n 
A 1 110 LEU 110 110 110 LEU LEU A . n 
A 1 111 TYR 111 111 111 TYR TYR A . n 
A 1 112 LEU 112 112 112 LEU LEU A . n 
A 1 113 THR 113 113 113 THR THR A . n 
A 1 114 HIS 114 114 114 HIS HIS A . n 
A 1 115 ILE 115 115 115 ILE ILE A . n 
A 1 116 ASP 116 116 116 ASP ASP A . n 
A 1 117 ALA 117 117 117 ALA ALA A . n 
A 1 118 GLU 118 118 118 GLU GLU A . n 
A 1 119 VAL 119 119 119 VAL VAL A . n 
A 1 120 GLU 120 120 120 GLU GLU A . n 
A 1 121 GLY 121 121 121 GLY GLY A . n 
A 1 122 ASP 122 122 122 ASP ASP A . n 
A 1 123 THR 123 123 123 THR THR A . n 
A 1 124 HIS 124 124 124 HIS HIS A . n 
A 1 125 PHE 125 125 125 PHE PHE A . n 
A 1 126 PRO 126 126 126 PRO PRO A . n 
A 1 127 ASP 127 127 127 ASP ASP A . n 
A 1 128 TYR 128 128 128 TYR TYR A . n 
A 1 129 GLU 129 129 129 GLU GLU A . n 
A 1 130 PRO 130 130 130 PRO PRO A . n 
A 1 131 ASP 131 131 131 ASP ASP A . n 
A 1 132 ASP 132 132 132 ASP ASP A . n 
A 1 133 TRP 133 133 133 TRP TRP A . n 
A 1 134 GLU 134 134 134 GLU GLU A . n 
A 1 135 SER 135 135 135 SER SER A . n 
A 1 136 VAL 136 136 136 VAL VAL A . n 
A 1 137 PHE 137 137 137 PHE PHE A . n 
A 1 138 SER 138 138 138 SER SER A . n 
A 1 139 GLU 139 139 139 GLU GLU A . n 
A 1 140 PHE 140 140 140 PHE PHE A . n 
A 1 141 HIS 141 141 141 HIS HIS A . n 
A 1 142 ASP 142 142 142 ASP ASP A . n 
A 1 143 ALA 143 143 143 ALA ALA A . n 
A 1 144 ASP 144 144 144 ASP ASP A . n 
A 1 145 ALA 145 145 145 ALA ALA A . n 
A 1 146 GLN 146 146 146 GLN GLN A . n 
A 1 147 ASN 147 147 147 ASN ASN A . n 
A 1 148 SER 148 148 148 SER SER A . n 
A 1 149 HIS 149 149 149 HIS HIS A . n 
A 1 150 SER 150 150 150 SER SER A . n 
A 1 151 TYR 151 151 151 TYR TYR A . n 
A 1 152 CYS 152 152 152 CYS CYS A . n 
A 1 153 PHE 153 153 153 PHE PHE A . n 
A 1 154 GLU 154 154 154 GLU GLU A . n 
A 1 155 ILE 155 155 155 ILE ILE A . n 
A 1 156 LEU 156 156 156 LEU LEU A . n 
A 1 157 GLU 157 157 157 GLU GLU A . n 
A 1 158 ARG 158 158 158 ARG ARG A . n 
A 1 159 ARG 159 159 159 ARG ARG A . n 
# 
loop_
_pdbx_nonpoly_scheme.asym_id 
_pdbx_nonpoly_scheme.entity_id 
_pdbx_nonpoly_scheme.mon_id 
_pdbx_nonpoly_scheme.ndb_seq_num 
_pdbx_nonpoly_scheme.pdb_seq_num 
_pdbx_nonpoly_scheme.auth_seq_num 
_pdbx_nonpoly_scheme.pdb_mon_id 
_pdbx_nonpoly_scheme.auth_mon_id 
_pdbx_nonpoly_scheme.pdb_strand_id 
_pdbx_nonpoly_scheme.pdb_ins_code 
B 2 FOL 1   161 161 FOL FOL A . 
C 3 ATR 1   164 164 ATR ATR A . 
D 4 HOH 1   302 302 HOH HOH A . 
D 4 HOH 2   305 305 HOH HOH A . 
D 4 HOH 3   307 307 HOH HOH A . 
D 4 HOH 4   309 309 HOH HOH A . 
D 4 HOH 5   310 310 HOH HOH A . 
D 4 HOH 6   311 311 HOH HOH A . 
D 4 HOH 7   312 312 HOH HOH A . 
D 4 HOH 8   314 314 HOH HOH A . 
D 4 HOH 9   316 316 HOH HOH A . 
D 4 HOH 10  318 318 HOH HOH A . 
D 4 HOH 11  320 320 HOH HOH A . 
D 4 HOH 12  321 321 HOH HOH A . 
D 4 HOH 13  323 323 HOH HOH A . 
D 4 HOH 14  327 327 HOH HOH A . 
D 4 HOH 15  328 328 HOH HOH A . 
D 4 HOH 16  335 335 HOH HOH A . 
D 4 HOH 17  337 337 HOH HOH A . 
D 4 HOH 18  338 338 HOH HOH A . 
D 4 HOH 19  340 340 HOH HOH A . 
D 4 HOH 20  348 348 HOH HOH A . 
D 4 HOH 21  349 349 HOH HOH A . 
D 4 HOH 22  353 353 HOH HOH A . 
D 4 HOH 23  354 354 HOH HOH A . 
D 4 HOH 24  357 357 HOH HOH A . 
D 4 HOH 25  358 358 HOH HOH A . 
D 4 HOH 26  359 359 HOH HOH A . 
D 4 HOH 27  362 362 HOH HOH A . 
D 4 HOH 28  363 363 HOH HOH A . 
D 4 HOH 29  365 365 HOH HOH A . 
D 4 HOH 30  369 369 HOH HOH A . 
D 4 HOH 31  370 370 HOH HOH A . 
D 4 HOH 32  375 375 HOH HOH A . 
D 4 HOH 33  379 379 HOH HOH A . 
D 4 HOH 34  385 385 HOH HOH A . 
D 4 HOH 35  406 406 HOH HOH A . 
D 4 HOH 36  407 407 HOH HOH A . 
D 4 HOH 37  408 408 HOH HOH A . 
D 4 HOH 38  411 411 HOH HOH A . 
D 4 HOH 39  423 423 HOH HOH A . 
D 4 HOH 40  425 425 HOH HOH A . 
D 4 HOH 41  428 428 HOH HOH A . 
D 4 HOH 42  449 449 HOH HOH A . 
D 4 HOH 43  456 456 HOH HOH A . 
D 4 HOH 44  461 461 HOH HOH A . 
D 4 HOH 45  479 479 HOH HOH A . 
D 4 HOH 46  499 499 HOH HOH A . 
D 4 HOH 47  509 509 HOH HOH A . 
D 4 HOH 48  600 600 HOH HOH A . 
D 4 HOH 49  601 601 HOH HOH A . 
D 4 HOH 50  602 602 HOH HOH A . 
D 4 HOH 51  604 604 HOH HOH A . 
D 4 HOH 52  605 605 HOH HOH A . 
D 4 HOH 53  606 606 HOH HOH A . 
D 4 HOH 54  607 607 HOH HOH A . 
D 4 HOH 55  608 608 HOH HOH A . 
D 4 HOH 56  609 609 HOH HOH A . 
D 4 HOH 57  610 610 HOH HOH A . 
D 4 HOH 58  611 611 HOH HOH A . 
D 4 HOH 59  613 613 HOH HOH A . 
D 4 HOH 60  614 614 HOH HOH A . 
D 4 HOH 61  615 615 HOH HOH A . 
D 4 HOH 62  616 616 HOH HOH A . 
D 4 HOH 63  617 617 HOH HOH A . 
D 4 HOH 64  618 618 HOH HOH A . 
D 4 HOH 65  619 619 HOH HOH A . 
D 4 HOH 66  620 620 HOH HOH A . 
D 4 HOH 67  621 621 HOH HOH A . 
D 4 HOH 68  622 622 HOH HOH A . 
D 4 HOH 69  624 624 HOH HOH A . 
D 4 HOH 70  625 625 HOH HOH A . 
D 4 HOH 71  626 626 HOH HOH A . 
D 4 HOH 72  627 627 HOH HOH A . 
D 4 HOH 73  628 628 HOH HOH A . 
D 4 HOH 74  629 629 HOH HOH A . 
D 4 HOH 75  633 633 HOH HOH A . 
D 4 HOH 76  636 636 HOH HOH A . 
D 4 HOH 77  637 637 HOH HOH A . 
D 4 HOH 78  640 640 HOH HOH A . 
D 4 HOH 79  641 641 HOH HOH A . 
D 4 HOH 80  642 642 HOH HOH A . 
D 4 HOH 81  643 643 HOH HOH A . 
D 4 HOH 82  644 644 HOH HOH A . 
D 4 HOH 83  646 646 HOH HOH A . 
D 4 HOH 84  647 647 HOH HOH A . 
D 4 HOH 85  648 648 HOH HOH A . 
D 4 HOH 86  649 649 HOH HOH A . 
D 4 HOH 87  650 650 HOH HOH A . 
D 4 HOH 88  651 651 HOH HOH A . 
D 4 HOH 89  652 652 HOH HOH A . 
D 4 HOH 90  653 653 HOH HOH A . 
D 4 HOH 91  655 655 HOH HOH A . 
D 4 HOH 92  656 656 HOH HOH A . 
D 4 HOH 93  658 658 HOH HOH A . 
D 4 HOH 94  659 659 HOH HOH A . 
D 4 HOH 95  660 660 HOH HOH A . 
D 4 HOH 96  661 661 HOH HOH A . 
D 4 HOH 97  662 662 HOH HOH A . 
D 4 HOH 98  664 664 HOH HOH A . 
D 4 HOH 99  665 665 HOH HOH A . 
D 4 HOH 100 666 666 HOH HOH A . 
D 4 HOH 101 667 667 HOH HOH A . 
D 4 HOH 102 668 668 HOH HOH A . 
D 4 HOH 103 670 670 HOH HOH A . 
D 4 HOH 104 671 671 HOH HOH A . 
D 4 HOH 105 672 672 HOH HOH A . 
D 4 HOH 106 673 673 HOH HOH A . 
D 4 HOH 107 674 674 HOH HOH A . 
D 4 HOH 108 675 675 HOH HOH A . 
D 4 HOH 109 676 676 HOH HOH A . 
D 4 HOH 110 677 677 HOH HOH A . 
D 4 HOH 111 678 678 HOH HOH A . 
D 4 HOH 112 679 679 HOH HOH A . 
D 4 HOH 113 682 682 HOH HOH A . 
D 4 HOH 114 683 683 HOH HOH A . 
D 4 HOH 115 684 684 HOH HOH A . 
D 4 HOH 116 685 685 HOH HOH A . 
D 4 HOH 117 686 686 HOH HOH A . 
D 4 HOH 118 687 687 HOH HOH A . 
D 4 HOH 119 688 688 HOH HOH A . 
D 4 HOH 120 689 689 HOH HOH A . 
D 4 HOH 121 690 690 HOH HOH A . 
D 4 HOH 122 691 691 HOH HOH A . 
D 4 HOH 123 693 693 HOH HOH A . 
D 4 HOH 124 695 695 HOH HOH A . 
D 4 HOH 125 696 696 HOH HOH A . 
D 4 HOH 126 697 697 HOH HOH A . 
D 4 HOH 127 699 699 HOH HOH A . 
D 4 HOH 128 700 700 HOH HOH A . 
D 4 HOH 129 701 701 HOH HOH A . 
D 4 HOH 130 702 702 HOH HOH A . 
D 4 HOH 131 703 703 HOH HOH A . 
D 4 HOH 132 704 704 HOH HOH A . 
D 4 HOH 133 705 705 HOH HOH A . 
D 4 HOH 134 706 706 HOH HOH A . 
D 4 HOH 135 708 708 HOH HOH A . 
D 4 HOH 136 709 709 HOH HOH A . 
D 4 HOH 137 710 710 HOH HOH A . 
D 4 HOH 138 711 711 HOH HOH A . 
D 4 HOH 139 712 712 HOH HOH A . 
D 4 HOH 140 713 713 HOH HOH A . 
D 4 HOH 141 714 714 HOH HOH A . 
D 4 HOH 142 716 716 HOH HOH A . 
D 4 HOH 143 717 717 HOH HOH A . 
D 4 HOH 144 718 718 HOH HOH A . 
# 
loop_
_pdbx_unobs_or_zero_occ_atoms.id 
_pdbx_unobs_or_zero_occ_atoms.PDB_model_num 
_pdbx_unobs_or_zero_occ_atoms.polymer_flag 
_pdbx_unobs_or_zero_occ_atoms.occupancy_flag 
_pdbx_unobs_or_zero_occ_atoms.auth_asym_id 
_pdbx_unobs_or_zero_occ_atoms.auth_comp_id 
_pdbx_unobs_or_zero_occ_atoms.auth_seq_id 
_pdbx_unobs_or_zero_occ_atoms.PDB_ins_code 
_pdbx_unobs_or_zero_occ_atoms.auth_atom_id 
_pdbx_unobs_or_zero_occ_atoms.label_alt_id 
_pdbx_unobs_or_zero_occ_atoms.label_asym_id 
_pdbx_unobs_or_zero_occ_atoms.label_comp_id 
_pdbx_unobs_or_zero_occ_atoms.label_seq_id 
_pdbx_unobs_or_zero_occ_atoms.label_atom_id 
1  1 Y 0 A GLU 17  ? CB  ? A GLU 17  CB  
2  1 Y 0 A GLU 17  ? CG  ? A GLU 17  CG  
3  1 Y 0 A GLU 17  ? CD  ? A GLU 17  CD  
4  1 Y 0 A GLU 17  ? OE1 ? A GLU 17  OE1 
5  1 Y 0 A GLU 17  ? OE2 ? A GLU 17  OE2 
6  1 Y 0 A GLU 118 ? CG  ? A GLU 118 CG  
7  1 Y 0 A GLU 118 ? CD  ? A GLU 118 CD  
8  1 Y 0 A GLU 118 ? OE1 ? A GLU 118 OE1 
9  1 Y 0 A GLU 118 ? OE2 ? A GLU 118 OE2 
10 1 Y 0 A GLU 134 ? CD  ? A GLU 134 CD  
11 1 Y 0 A GLU 134 ? OE1 ? A GLU 134 OE1 
12 1 Y 0 A GLU 134 ? OE2 ? A GLU 134 OE2 
# 
loop_
_software.name 
_software.classification 
_software.version 
_software.citation_id 
_software.pdbx_ordinal 
TNT  refinement       . ? 1 
UCSD 'data reduction' . ? 2 
UCSD 'data scaling'   . ? 3 
TNT  phasing          . ? 4 
# 
_cell.entry_id           1RA8 
_cell.length_a           74.270 
_cell.length_b           59.860 
_cell.length_c           38.920 
_cell.angle_alpha        90.00 
_cell.angle_beta         107.38 
_cell.angle_gamma        90.00 
_cell.Z_PDB              4 
_cell.pdbx_unique_axis   ? 
# 
_symmetry.entry_id                         1RA8 
_symmetry.space_group_name_H-M             'C 1 2 1' 
_symmetry.pdbx_full_space_group_name_H-M   ? 
_symmetry.cell_setting                     ? 
_symmetry.Int_Tables_number                5 
# 
_exptl.entry_id          1RA8 
_exptl.method            'X-RAY DIFFRACTION' 
_exptl.crystals_number   1 
# 
_exptl_crystal.id                    1 
_exptl_crystal.density_meas          ? 
_exptl_crystal.density_Matthews      2.31 
_exptl_crystal.density_percent_sol   46.8 
_exptl_crystal.description           ? 
# 
_exptl_crystal_grow.crystal_id      1 
_exptl_crystal_grow.method          ? 
_exptl_crystal_grow.temp            ? 
_exptl_crystal_grow.temp_details    ? 
_exptl_crystal_grow.pH              7.0 
_exptl_crystal_grow.pdbx_pH_range   ? 
_exptl_crystal_grow.pdbx_details    'pH 7.0' 
# 
_diffrn.id                     1 
_diffrn.ambient_temp           298 
_diffrn.ambient_temp_details   ? 
_diffrn.crystal_id             1 
# 
_diffrn_detector.diffrn_id              1 
_diffrn_detector.detector               'AREA DETECTOR' 
_diffrn_detector.type                   'XUONG-HAMLIN MULTIWIRE' 
_diffrn_detector.pdbx_collection_date   1993-01-27 
_diffrn_detector.details                ? 
# 
_diffrn_radiation.diffrn_id                        1 
_diffrn_radiation.wavelength_id                    1 
_diffrn_radiation.pdbx_monochromatic_or_laue_m_l   M 
_diffrn_radiation.monochromator                    'GRAPHITE(002)' 
_diffrn_radiation.pdbx_diffrn_protocol             ? 
_diffrn_radiation.pdbx_scattering_type             x-ray 
# 
_diffrn_radiation_wavelength.id           1 
_diffrn_radiation_wavelength.wavelength   1.5418 
_diffrn_radiation_wavelength.wt           1.0 
# 
_diffrn_source.diffrn_id                   1 
_diffrn_source.source                      'ROTATING ANODE' 
_diffrn_source.type                        'RIGAKU RUH2R' 
_diffrn_source.pdbx_synchrotron_site       ? 
_diffrn_source.pdbx_synchrotron_beamline   ? 
_diffrn_source.pdbx_wavelength             1.5418 
_diffrn_source.pdbx_wavelength_list        ? 
# 
_reflns.entry_id                     1RA8 
_reflns.observed_criterion_sigma_I   0. 
_reflns.observed_criterion_sigma_F   ? 
_reflns.d_resolution_low             100.0 
_reflns.d_resolution_high            1.8 
_reflns.number_obs                   10657 
_reflns.number_all                   ? 
_reflns.percent_possible_obs         72. 
_reflns.pdbx_Rmerge_I_obs            ? 
_reflns.pdbx_Rsym_value              0.0380000 
_reflns.pdbx_netI_over_sigmaI        14.0 
_reflns.B_iso_Wilson_estimate        ? 
_reflns.pdbx_redundancy              3.1 
_reflns.pdbx_diffrn_id               1 
_reflns.pdbx_ordinal                 1 
# 
_reflns_shell.d_res_high             1.84 
_reflns_shell.d_res_low              2.03 
_reflns_shell.percent_possible_all   58.0 
_reflns_shell.Rmerge_I_obs           ? 
_reflns_shell.pdbx_Rsym_value        0.1490000 
_reflns_shell.meanI_over_sigI_obs    2.7 
_reflns_shell.pdbx_redundancy        2.3 
_reflns_shell.pdbx_diffrn_id         ? 
_reflns_shell.pdbx_ordinal           1 
# 
_refine.entry_id                                 1RA8 
_refine.ls_number_reflns_obs                     10657 
_refine.ls_number_reflns_all                     ? 
_refine.pdbx_ls_sigma_I                          ? 
_refine.pdbx_ls_sigma_F                          0.0 
_refine.pdbx_data_cutoff_high_absF               ? 
_refine.pdbx_data_cutoff_low_absF                ? 
_refine.pdbx_data_cutoff_high_rms_absF           ? 
_refine.ls_d_res_low                             20.0 
_refine.ls_d_res_high                            1.8 
_refine.ls_percent_reflns_obs                    72.0 
_refine.ls_R_factor_obs                          ? 
_refine.ls_R_factor_all                          ? 
_refine.ls_R_factor_R_work                       0.1510000 
_refine.ls_R_factor_R_free                       ? 
_refine.ls_R_factor_R_free_error                 ? 
_refine.ls_R_factor_R_free_error_details         ? 
_refine.ls_percent_reflns_R_free                 ? 
_refine.ls_number_reflns_R_free                  ? 
_refine.ls_number_parameters                     ? 
_refine.ls_number_restraints                     ? 
_refine.occupancy_min                            ? 
_refine.occupancy_max                            ? 
_refine.B_iso_mean                               ? 
_refine.aniso_B[1][1]                            ? 
_refine.aniso_B[2][2]                            ? 
_refine.aniso_B[3][3]                            ? 
_refine.aniso_B[1][2]                            ? 
_refine.aniso_B[1][3]                            ? 
_refine.aniso_B[2][3]                            ? 
_refine.solvent_model_details                    'MOEWS AND KRETSINGER' 
_refine.solvent_model_param_ksol                 0.777 
_refine.solvent_model_param_bsol                 249.9 
_refine.pdbx_ls_cross_valid_method               ? 
_refine.details                                  ? 
_refine.pdbx_starting_model                      'PDB ENTRY 1RA2' 
_refine.pdbx_method_to_determine_struct          'DIFFERENCE FOURIER' 
_refine.pdbx_isotropic_thermal_model             ? 
_refine.pdbx_stereochemistry_target_values       'TNT PROTGEO' 
_refine.pdbx_stereochem_target_val_spec_case     ? 
_refine.pdbx_R_Free_selection_details            ? 
_refine.pdbx_overall_ESU_R                       ? 
_refine.pdbx_overall_ESU_R_Free                  ? 
_refine.overall_SU_ML                            ? 
_refine.overall_SU_B                             ? 
_refine.pdbx_refine_id                           'X-RAY DIFFRACTION' 
_refine.pdbx_diffrn_id                           1 
_refine.pdbx_TLS_residual_ADP_flag               ? 
_refine.correlation_coeff_Fo_to_Fc               ? 
_refine.correlation_coeff_Fo_to_Fc_free          ? 
_refine.pdbx_solvent_vdw_probe_radii             ? 
_refine.pdbx_solvent_ion_probe_radii             ? 
_refine.pdbx_solvent_shrinkage_radii             ? 
_refine.pdbx_overall_phase_error                 ? 
_refine.overall_SU_R_Cruickshank_DPI             ? 
_refine.pdbx_overall_SU_R_free_Cruickshank_DPI   ? 
_refine.pdbx_overall_SU_R_Blow_DPI               ? 
_refine.pdbx_overall_SU_R_free_Blow_DPI          ? 
# 
_refine_hist.pdbx_refine_id                   'X-RAY DIFFRACTION' 
_refine_hist.cycle_id                         LAST 
_refine_hist.pdbx_number_atoms_protein        1268 
_refine_hist.pdbx_number_atoms_nucleic_acid   0 
_refine_hist.pdbx_number_atoms_ligand         63 
_refine_hist.number_atoms_solvent             144 
_refine_hist.number_atoms_total               1475 
_refine_hist.d_res_high                       1.8 
_refine_hist.d_res_low                        20.0 
# 
loop_
_refine_ls_restr.type 
_refine_ls_restr.dev_ideal 
_refine_ls_restr.dev_ideal_target 
_refine_ls_restr.weight 
_refine_ls_restr.number 
_refine_ls_restr.pdbx_refine_id 
_refine_ls_restr.pdbx_restraint_function 
t_bond_d           0.022 ? 0.020 1369 'X-RAY DIFFRACTION' ? 
t_angle_deg        3.1   ? 3.0   1860 'X-RAY DIFFRACTION' ? 
t_dihedral_angle_d 24.0  ? ?     767  'X-RAY DIFFRACTION' ? 
t_incorr_chiral_ct 0     ? ?     ?    'X-RAY DIFFRACTION' ? 
t_pseud_angle      ?     ? ?     ?    'X-RAY DIFFRACTION' ? 
t_trig_c_planes    0.021 ? 0.020 39   'X-RAY DIFFRACTION' ? 
t_gen_planes       0.008 ? 0.020 191  'X-RAY DIFFRACTION' ? 
t_it               6.1   ? 6.0   1369 'X-RAY DIFFRACTION' ? 
t_nbd              0.026 ? 0.020 33   'X-RAY DIFFRACTION' ? 
# 
_pdbx_refine.entry_id                                    1RA8 
_pdbx_refine.R_factor_all_no_cutoff                      ? 
_pdbx_refine.R_factor_obs_no_cutoff                      0.1510000 
_pdbx_refine.free_R_factor_no_cutoff                     ? 
_pdbx_refine.free_R_val_test_set_size_perc_no_cutoff     ? 
_pdbx_refine.free_R_val_test_set_ct_no_cutoff            ? 
_pdbx_refine.R_factor_all_4sig_cutoff                    ? 
_pdbx_refine.R_factor_obs_4sig_cutoff                    ? 
_pdbx_refine.free_R_factor_4sig_cutoff                   ? 
_pdbx_refine.free_R_val_test_set_size_perc_4sig_cutoff   ? 
_pdbx_refine.free_R_val_test_set_ct_4sig_cutoff          ? 
_pdbx_refine.number_reflns_obs_4sig_cutoff               ? 
_pdbx_refine.pdbx_refine_id                              'X-RAY DIFFRACTION' 
_pdbx_refine.free_R_error_no_cutoff                      ? 
# 
_struct.entry_id                  1RA8 
_struct.title                     
;DIHYDROFOLATE REDUCTASE COMPLEXED WITH FOLATE AND 2-MONOPHOSPHOADENOSINE 5'-DIPHOSPHORIBOSE
;
_struct.pdbx_model_details        ? 
_struct.pdbx_CASP_flag            ? 
_struct.pdbx_model_type_details   ? 
# 
_struct_keywords.entry_id        1RA8 
_struct_keywords.pdbx_keywords   OXIDOREDUCTASE 
_struct_keywords.text            'OXIDOREDUCTASE, NADP, TRIMETHOPRIM RESISTANCE, METHOTREXATE RESISTANCE, ONE-CARBON METABOLISM' 
# 
loop_
_struct_asym.id 
_struct_asym.pdbx_blank_PDB_chainid_flag 
_struct_asym.pdbx_modified 
_struct_asym.entity_id 
_struct_asym.details 
A N N 1 ? 
B N N 2 ? 
C N N 3 ? 
D N N 4 ? 
# 
_struct_ref.id                         1 
_struct_ref.db_name                    UNP 
_struct_ref.db_code                    DYR_ECOLI 
_struct_ref.entity_id                  1 
_struct_ref.pdbx_db_accession          P0ABQ4 
_struct_ref.pdbx_align_begin           1 
_struct_ref.pdbx_seq_one_letter_code   
;MISLIAALAVDRVIGMENAMPWNLPADLAWFKRNTLNKPVIMGRHTWESIGRPLPGRKNIILSSQPGTDDRVTWVKSVDE
AIAACGDVPEIMVIGGGRVYEQFLPKAQKLYLTHIDAEVEGDTHFPDYEPDDWESVFSEFHDADAQNSHSYCFEILERR
;
_struct_ref.pdbx_db_isoform            ? 
# 
_struct_ref_seq.align_id                      1 
_struct_ref_seq.ref_id                        1 
_struct_ref_seq.pdbx_PDB_id_code              1RA8 
_struct_ref_seq.pdbx_strand_id                A 
_struct_ref_seq.seq_align_beg                 1 
_struct_ref_seq.pdbx_seq_align_beg_ins_code   ? 
_struct_ref_seq.seq_align_end                 159 
_struct_ref_seq.pdbx_seq_align_end_ins_code   ? 
_struct_ref_seq.pdbx_db_accession             P0ABQ4 
_struct_ref_seq.db_align_beg                  1 
_struct_ref_seq.pdbx_db_align_beg_ins_code    ? 
_struct_ref_seq.db_align_end                  159 
_struct_ref_seq.pdbx_db_align_end_ins_code    ? 
_struct_ref_seq.pdbx_auth_seq_align_beg       1 
_struct_ref_seq.pdbx_auth_seq_align_end       159 
# 
_struct_ref_seq_dif.align_id                     1 
_struct_ref_seq_dif.pdbx_pdb_id_code             1RA8 
_struct_ref_seq_dif.mon_id                       ASP 
_struct_ref_seq_dif.pdbx_pdb_strand_id           A 
_struct_ref_seq_dif.seq_num                      37 
_struct_ref_seq_dif.pdbx_pdb_ins_code            ? 
_struct_ref_seq_dif.pdbx_seq_db_name             UNP 
_struct_ref_seq_dif.pdbx_seq_db_accession_code   P0ABQ4 
_struct_ref_seq_dif.db_mon_id                    ASN 
_struct_ref_seq_dif.pdbx_seq_db_seq_num          37 
_struct_ref_seq_dif.details                      conflict 
_struct_ref_seq_dif.pdbx_auth_seq_num            37 
_struct_ref_seq_dif.pdbx_ordinal                 1 
# 
_pdbx_struct_assembly.id                   1 
_pdbx_struct_assembly.details              author_defined_assembly 
_pdbx_struct_assembly.method_details       ? 
_pdbx_struct_assembly.oligomeric_details   monomeric 
_pdbx_struct_assembly.oligomeric_count     1 
# 
_pdbx_struct_assembly_gen.assembly_id       1 
_pdbx_struct_assembly_gen.oper_expression   1 
_pdbx_struct_assembly_gen.asym_id_list      A,B,C,D 
# 
_pdbx_struct_oper_list.id                   1 
_pdbx_struct_oper_list.type                 'identity operation' 
_pdbx_struct_oper_list.name                 1_555 
_pdbx_struct_oper_list.symmetry_operation   x,y,z 
_pdbx_struct_oper_list.matrix[1][1]         1.0000000000 
_pdbx_struct_oper_list.matrix[1][2]         0.0000000000 
_pdbx_struct_oper_list.matrix[1][3]         0.0000000000 
_pdbx_struct_oper_list.vector[1]            0.0000000000 
_pdbx_struct_oper_list.matrix[2][1]         0.0000000000 
_pdbx_struct_oper_list.matrix[2][2]         1.0000000000 
_pdbx_struct_oper_list.matrix[2][3]         0.0000000000 
_pdbx_struct_oper_list.vector[2]            0.0000000000 
_pdbx_struct_oper_list.matrix[3][1]         0.0000000000 
_pdbx_struct_oper_list.matrix[3][2]         0.0000000000 
_pdbx_struct_oper_list.matrix[3][3]         1.0000000000 
_pdbx_struct_oper_list.vector[3]            0.0000000000 
# 
_struct_biol.id   1 
# 
loop_
_struct_conf.conf_type_id 
_struct_conf.id 
_struct_conf.pdbx_PDB_helix_id 
_struct_conf.beg_label_comp_id 
_struct_conf.beg_label_asym_id 
_struct_conf.beg_label_seq_id 
_struct_conf.pdbx_beg_PDB_ins_code 
_struct_conf.end_label_comp_id 
_struct_conf.end_label_asym_id 
_struct_conf.end_label_seq_id 
_struct_conf.pdbx_end_PDB_ins_code 
_struct_conf.beg_auth_comp_id 
_struct_conf.beg_auth_asym_id 
_struct_conf.beg_auth_seq_id 
_struct_conf.end_auth_comp_id 
_struct_conf.end_auth_asym_id 
_struct_conf.end_auth_seq_id 
_struct_conf.pdbx_PDB_helix_class 
_struct_conf.details 
_struct_conf.pdbx_PDB_helix_length 
HELX_P HELX_P1 2 PRO A 25 ? THR A 35  ? PRO A 25 THR A 35  1 ? 11 
HELX_P HELX_P2 3 ARG A 44 ? ILE A 50  ? ARG A 44 ILE A 50  1 ? 7  
HELX_P HELX_P3 4 VAL A 78 ? CYS A 85  ? VAL A 78 CYS A 85  1 ? 8  
HELX_P HELX_P4 5 GLY A 97 ? LYS A 106 ? GLY A 97 LYS A 106 1 ? 10 
# 
_struct_conf_type.id          HELX_P 
_struct_conf_type.criteria    ? 
_struct_conf_type.reference   ? 
# 
_struct_mon_prot_cis.pdbx_id                1 
_struct_mon_prot_cis.label_comp_id          GLY 
_struct_mon_prot_cis.label_seq_id           95 
_struct_mon_prot_cis.label_asym_id          A 
_struct_mon_prot_cis.label_alt_id           . 
_struct_mon_prot_cis.pdbx_PDB_ins_code      ? 
_struct_mon_prot_cis.auth_comp_id           GLY 
_struct_mon_prot_cis.auth_seq_id            95 
_struct_mon_prot_cis.auth_asym_id           A 
_struct_mon_prot_cis.pdbx_label_comp_id_2   GLY 
_struct_mon_prot_cis.pdbx_label_seq_id_2    96 
_struct_mon_prot_cis.pdbx_label_asym_id_2   A 
_struct_mon_prot_cis.pdbx_PDB_ins_code_2    ? 
_struct_mon_prot_cis.pdbx_auth_comp_id_2    GLY 
_struct_mon_prot_cis.pdbx_auth_seq_id_2     96 
_struct_mon_prot_cis.pdbx_auth_asym_id_2    A 
_struct_mon_prot_cis.pdbx_PDB_model_num     1 
_struct_mon_prot_cis.pdbx_omega_angle       2.58 
# 
_struct_sheet.id               A 
_struct_sheet.type             ? 
_struct_sheet.number_strands   8 
_struct_sheet.details          ? 
# 
loop_
_struct_sheet_order.sheet_id 
_struct_sheet_order.range_id_1 
_struct_sheet_order.range_id_2 
_struct_sheet_order.offset 
_struct_sheet_order.sense 
A 1 2 ? anti-parallel 
A 2 3 ? anti-parallel 
A 3 4 ? parallel      
A 4 5 ? parallel      
A 5 6 ? parallel      
A 6 7 ? parallel      
A 7 8 ? parallel      
# 
loop_
_struct_sheet_range.sheet_id 
_struct_sheet_range.id 
_struct_sheet_range.beg_label_comp_id 
_struct_sheet_range.beg_label_asym_id 
_struct_sheet_range.beg_label_seq_id 
_struct_sheet_range.pdbx_beg_PDB_ins_code 
_struct_sheet_range.end_label_comp_id 
_struct_sheet_range.end_label_asym_id 
_struct_sheet_range.end_label_seq_id 
_struct_sheet_range.pdbx_end_PDB_ins_code 
_struct_sheet_range.beg_auth_comp_id 
_struct_sheet_range.beg_auth_asym_id 
_struct_sheet_range.beg_auth_seq_id 
_struct_sheet_range.end_auth_comp_id 
_struct_sheet_range.end_auth_asym_id 
_struct_sheet_range.end_auth_seq_id 
A 1 TRP A 133 ? SER A 135 ? TRP A 133 SER A 135 
A 2 TYR A 151 ? ARG A 158 ? TYR A 151 ARG A 158 
A 3 ALA A 107 ? ILE A 115 ? ALA A 107 ILE A 115 
A 4 ILE A 2   ? ILE A 5   ? ILE A 2   ILE A 5   
A 5 ILE A 91  ? GLY A 95  ? ILE A 91  GLY A 95  
A 6 PRO A 39  ? GLY A 43  ? PRO A 39  GLY A 43  
A 7 LYS A 58  ? LEU A 62  ? LYS A 58  LEU A 62  
A 8 THR A 73  ? VAL A 75  ? THR A 73  VAL A 75  
# 
loop_
_pdbx_struct_sheet_hbond.sheet_id 
_pdbx_struct_sheet_hbond.range_id_1 
_pdbx_struct_sheet_hbond.range_id_2 
_pdbx_struct_sheet_hbond.range_1_label_atom_id 
_pdbx_struct_sheet_hbond.range_1_label_comp_id 
_pdbx_struct_sheet_hbond.range_1_label_asym_id 
_pdbx_struct_sheet_hbond.range_1_label_seq_id 
_pdbx_struct_sheet_hbond.range_1_PDB_ins_code 
_pdbx_struct_sheet_hbond.range_1_auth_atom_id 
_pdbx_struct_sheet_hbond.range_1_auth_comp_id 
_pdbx_struct_sheet_hbond.range_1_auth_asym_id 
_pdbx_struct_sheet_hbond.range_1_auth_seq_id 
_pdbx_struct_sheet_hbond.range_2_label_atom_id 
_pdbx_struct_sheet_hbond.range_2_label_comp_id 
_pdbx_struct_sheet_hbond.range_2_label_asym_id 
_pdbx_struct_sheet_hbond.range_2_label_seq_id 
_pdbx_struct_sheet_hbond.range_2_PDB_ins_code 
_pdbx_struct_sheet_hbond.range_2_auth_atom_id 
_pdbx_struct_sheet_hbond.range_2_auth_comp_id 
_pdbx_struct_sheet_hbond.range_2_auth_asym_id 
_pdbx_struct_sheet_hbond.range_2_auth_seq_id 
A 1 2 O GLU A 134 ? O GLU A 134 N GLU A 157 ? N GLU A 157 
A 2 3 O CYS A 152 ? O CYS A 152 N HIS A 114 ? N HIS A 114 
A 3 4 O GLN A 108 ? O GLN A 108 N ILE A 2   ? N ILE A 2   
A 4 5 O SER A 3   ? O SER A 3   N ILE A 91  ? N ILE A 91  
A 5 6 O MET A 92  ? O MET A 92  N PRO A 39  ? N PRO A 39  
A 6 7 O VAL A 40  ? O VAL A 40  N LYS A 58  ? N LYS A 58  
A 7 8 O ILE A 61  ? O ILE A 61  N THR A 73  ? N THR A 73  
# 
loop_
_struct_site.id 
_struct_site.pdbx_evidence_code 
_struct_site.pdbx_auth_asym_id 
_struct_site.pdbx_auth_comp_id 
_struct_site.pdbx_auth_seq_id 
_struct_site.pdbx_auth_ins_code 
_struct_site.pdbx_num_residues 
_struct_site.details 
AC1 Software A FOL 161 ? 13 'BINDING SITE FOR RESIDUE FOL A 161' 
AC2 Software A ATR 164 ? 21 'BINDING SITE FOR RESIDUE ATR A 164' 
# 
loop_
_struct_site_gen.id 
_struct_site_gen.site_id 
_struct_site_gen.pdbx_num_res 
_struct_site_gen.label_comp_id 
_struct_site_gen.label_asym_id 
_struct_site_gen.label_seq_id 
_struct_site_gen.pdbx_auth_ins_code 
_struct_site_gen.auth_comp_id 
_struct_site_gen.auth_asym_id 
_struct_site_gen.auth_seq_id 
_struct_site_gen.label_atom_id 
_struct_site_gen.label_alt_id 
_struct_site_gen.symmetry 
_struct_site_gen.details 
1  AC1 13 ILE A 5   ? ILE A 5   . ? 1_555 ? 
2  AC1 13 ALA A 6   ? ALA A 6   . ? 1_555 ? 
3  AC1 13 ALA A 7   ? ALA A 7   . ? 1_555 ? 
4  AC1 13 ASP A 27  ? ASP A 27  . ? 1_555 ? 
5  AC1 13 LEU A 28  ? LEU A 28  . ? 1_555 ? 
6  AC1 13 PHE A 31  ? PHE A 31  . ? 1_555 ? 
7  AC1 13 LYS A 32  ? LYS A 32  . ? 1_555 ? 
8  AC1 13 ARG A 57  ? ARG A 57  . ? 1_555 ? 
9  AC1 13 ILE A 94  ? ILE A 94  . ? 1_555 ? 
10 AC1 13 TYR A 100 ? TYR A 100 . ? 1_555 ? 
11 AC1 13 THR A 113 ? THR A 113 . ? 1_555 ? 
12 AC1 13 HOH D .   ? HOH A 601 . ? 1_555 ? 
13 AC1 13 HOH D .   ? HOH A 625 . ? 1_555 ? 
14 AC2 21 GLY A 43  ? GLY A 43  . ? 1_555 ? 
15 AC2 21 ARG A 44  ? ARG A 44  . ? 1_555 ? 
16 AC2 21 HIS A 45  ? HIS A 45  . ? 1_555 ? 
17 AC2 21 THR A 46  ? THR A 46  . ? 1_555 ? 
18 AC2 21 LEU A 62  ? LEU A 62  . ? 1_555 ? 
19 AC2 21 SER A 63  ? SER A 63  . ? 1_555 ? 
20 AC2 21 SER A 64  ? SER A 64  . ? 1_555 ? 
21 AC2 21 LYS A 76  ? LYS A 76  . ? 1_555 ? 
22 AC2 21 GLY A 96  ? GLY A 96  . ? 1_555 ? 
23 AC2 21 GLY A 97  ? GLY A 97  . ? 1_555 ? 
24 AC2 21 ARG A 98  ? ARG A 98  . ? 1_555 ? 
25 AC2 21 VAL A 99  ? VAL A 99  . ? 1_555 ? 
26 AC2 21 GLN A 102 ? GLN A 102 . ? 1_555 ? 
27 AC2 21 HOH D .   ? HOH A 307 . ? 1_555 ? 
28 AC2 21 HOH D .   ? HOH A 353 . ? 1_554 ? 
29 AC2 21 HOH D .   ? HOH A 461 . ? 1_555 ? 
30 AC2 21 HOH D .   ? HOH A 605 . ? 1_555 ? 
31 AC2 21 HOH D .   ? HOH A 651 . ? 1_555 ? 
32 AC2 21 HOH D .   ? HOH A 711 . ? 1_555 ? 
33 AC2 21 HOH D .   ? HOH A 712 . ? 1_555 ? 
34 AC2 21 HOH D .   ? HOH A 718 . ? 1_555 ? 
# 
loop_
_pdbx_validate_rmsd_bond.id 
_pdbx_validate_rmsd_bond.PDB_model_num 
_pdbx_validate_rmsd_bond.auth_atom_id_1 
_pdbx_validate_rmsd_bond.auth_asym_id_1 
_pdbx_validate_rmsd_bond.auth_comp_id_1 
_pdbx_validate_rmsd_bond.auth_seq_id_1 
_pdbx_validate_rmsd_bond.PDB_ins_code_1 
_pdbx_validate_rmsd_bond.label_alt_id_1 
_pdbx_validate_rmsd_bond.auth_atom_id_2 
_pdbx_validate_rmsd_bond.auth_asym_id_2 
_pdbx_validate_rmsd_bond.auth_comp_id_2 
_pdbx_validate_rmsd_bond.auth_seq_id_2 
_pdbx_validate_rmsd_bond.PDB_ins_code_2 
_pdbx_validate_rmsd_bond.label_alt_id_2 
_pdbx_validate_rmsd_bond.bond_value 
_pdbx_validate_rmsd_bond.bond_target_value 
_pdbx_validate_rmsd_bond.bond_deviation 
_pdbx_validate_rmsd_bond.bond_standard_deviation 
_pdbx_validate_rmsd_bond.linker_flag 
1  1 NE A ARG 33  ? ? CZ  A ARG 33  ? ? 1.406 1.326 0.080 0.013 N 
2  1 CD A GLU 48  ? ? OE1 A GLU 48  ? ? 1.320 1.252 0.068 0.011 N 
3  1 CD A GLU 80  ? ? OE1 A GLU 80  ? ? 1.364 1.252 0.112 0.011 N 
4  1 CD A GLU 90  ? ? OE1 A GLU 90  ? ? 1.340 1.252 0.088 0.011 N 
5  1 CD A GLU 101 ? ? OE1 A GLU 101 ? ? 1.335 1.252 0.083 0.011 N 
6  1 CD A GLU 120 ? ? OE2 A GLU 120 ? ? 1.322 1.252 0.070 0.011 N 
7  1 CD A GLU 129 ? ? OE1 A GLU 129 ? ? 1.326 1.252 0.074 0.011 N 
8  1 CD A GLU 139 ? ? OE1 A GLU 139 ? ? 1.327 1.252 0.075 0.011 N 
9  1 CD A GLU 154 ? ? OE1 A GLU 154 ? ? 1.347 1.252 0.095 0.011 N 
10 1 CD A GLU 157 ? ? OE2 A GLU 157 ? ? 1.319 1.252 0.067 0.011 N 
11 1 NE A ARG 159 ? ? CZ  A ARG 159 ? ? 1.433 1.326 0.107 0.013 N 
# 
loop_
_pdbx_validate_rmsd_angle.id 
_pdbx_validate_rmsd_angle.PDB_model_num 
_pdbx_validate_rmsd_angle.auth_atom_id_1 
_pdbx_validate_rmsd_angle.auth_asym_id_1 
_pdbx_validate_rmsd_angle.auth_comp_id_1 
_pdbx_validate_rmsd_angle.auth_seq_id_1 
_pdbx_validate_rmsd_angle.PDB_ins_code_1 
_pdbx_validate_rmsd_angle.label_alt_id_1 
_pdbx_validate_rmsd_angle.auth_atom_id_2 
_pdbx_validate_rmsd_angle.auth_asym_id_2 
_pdbx_validate_rmsd_angle.auth_comp_id_2 
_pdbx_validate_rmsd_angle.auth_seq_id_2 
_pdbx_validate_rmsd_angle.PDB_ins_code_2 
_pdbx_validate_rmsd_angle.label_alt_id_2 
_pdbx_validate_rmsd_angle.auth_atom_id_3 
_pdbx_validate_rmsd_angle.auth_asym_id_3 
_pdbx_validate_rmsd_angle.auth_comp_id_3 
_pdbx_validate_rmsd_angle.auth_seq_id_3 
_pdbx_validate_rmsd_angle.PDB_ins_code_3 
_pdbx_validate_rmsd_angle.label_alt_id_3 
_pdbx_validate_rmsd_angle.angle_value 
_pdbx_validate_rmsd_angle.angle_target_value 
_pdbx_validate_rmsd_angle.angle_deviation 
_pdbx_validate_rmsd_angle.angle_standard_deviation 
_pdbx_validate_rmsd_angle.linker_flag 
1  1 CA A MET 1   ? ? CB A MET 1   ? ? CG  A MET 1   ? ? 101.50 113.30 -11.80 1.70 N 
2  1 CB A ASP 11  ? ? CG A ASP 11  ? ? OD2 A ASP 11  ? ? 112.04 118.30 -6.26  0.90 N 
3  1 NE A ARG 12  ? ? CZ A ARG 12  ? ? NH1 A ARG 12  ? ? 125.06 120.30 4.76   0.50 N 
4  1 NE A ARG 12  ? ? CZ A ARG 12  ? ? NH2 A ARG 12  ? ? 115.68 120.30 -4.62  0.50 N 
5  1 CB A ASP 27  ? ? CG A ASP 27  ? ? OD1 A ASP 27  ? ? 123.86 118.30 5.56   0.90 N 
6  1 CB A ASP 27  ? ? CG A ASP 27  ? ? OD2 A ASP 27  ? ? 111.16 118.30 -7.14  0.90 N 
7  1 NE A ARG 33  ? ? CZ A ARG 33  ? ? NH1 A ARG 33  ? ? 123.98 120.30 3.68   0.50 N 
8  1 CB A ASP 37  ? ? CG A ASP 37  ? ? OD1 A ASP 37  ? ? 127.42 118.30 9.12   0.90 N 
9  1 CB A ASP 37  ? ? CG A ASP 37  ? ? OD2 A ASP 37  ? ? 107.88 118.30 -10.42 0.90 N 
10 1 NE A ARG 44  ? ? CZ A ARG 44  ? ? NH2 A ARG 44  ? ? 116.65 120.30 -3.65  0.50 N 
11 1 NE A ARG 71  ? ? CZ A ARG 71  ? ? NH2 A ARG 71  ? ? 115.66 120.30 -4.64  0.50 N 
12 1 CB A SER 77  ? ? CA A SER 77  ? ? C   A SER 77  ? ? 98.03  110.10 -12.07 1.90 N 
13 1 CB A ASP 87  ? ? CG A ASP 87  ? ? OD1 A ASP 87  ? ? 110.38 118.30 -7.92  0.90 N 
14 1 CB A ASP 87  ? ? CG A ASP 87  ? ? OD2 A ASP 87  ? ? 125.41 118.30 7.11   0.90 N 
15 1 N  A LYS 109 ? ? CA A LYS 109 ? ? CB  A LYS 109 ? ? 97.96  110.60 -12.64 1.80 N 
16 1 CB A LEU 112 ? ? CG A LEU 112 ? ? CD1 A LEU 112 ? ? 99.83  111.00 -11.17 1.70 N 
17 1 CB A ASP 122 ? ? CG A ASP 122 ? ? OD2 A ASP 122 ? ? 112.89 118.30 -5.41  0.90 N 
18 1 CB A ASP 132 ? ? CG A ASP 132 ? ? OD1 A ASP 132 ? ? 125.52 118.30 7.22   0.90 N 
19 1 CB A ASP 132 ? ? CG A ASP 132 ? ? OD2 A ASP 132 ? ? 110.47 118.30 -7.83  0.90 N 
20 1 CB A ASP 144 ? ? CG A ASP 144 ? ? OD1 A ASP 144 ? ? 125.63 118.30 7.33   0.90 N 
21 1 CB A ASP 144 ? ? CG A ASP 144 ? ? OD2 A ASP 144 ? ? 110.01 118.30 -8.29  0.90 N 
22 1 NE A ARG 159 ? ? CZ A ARG 159 ? ? NH1 A ARG 159 ? ? 125.13 120.30 4.83   0.50 N 
# 
_pdbx_validate_planes.id              1 
_pdbx_validate_planes.PDB_model_num   1 
_pdbx_validate_planes.auth_comp_id    GLN 
_pdbx_validate_planes.auth_asym_id    A 
_pdbx_validate_planes.auth_seq_id     102 
_pdbx_validate_planes.PDB_ins_code    ? 
_pdbx_validate_planes.label_alt_id    ? 
_pdbx_validate_planes.rmsd            0.075 
_pdbx_validate_planes.type            'SIDE CHAIN' 
# 
loop_
_chem_comp_atom.comp_id 
_chem_comp_atom.atom_id 
_chem_comp_atom.type_symbol 
_chem_comp_atom.pdbx_aromatic_flag 
_chem_comp_atom.pdbx_stereo_config 
_chem_comp_atom.pdbx_ordinal 
ALA N      N N N 1   
ALA CA     C N S 2   
ALA C      C N N 3   
ALA O      O N N 4   
ALA CB     C N N 5   
ALA OXT    O N N 6   
ALA H      H N N 7   
ALA H2     H N N 8   
ALA HA     H N N 9   
ALA HB1    H N N 10  
ALA HB2    H N N 11  
ALA HB3    H N N 12  
ALA HXT    H N N 13  
ARG N      N N N 14  
ARG CA     C N S 15  
ARG C      C N N 16  
ARG O      O N N 17  
ARG CB     C N N 18  
ARG CG     C N N 19  
ARG CD     C N N 20  
ARG NE     N N N 21  
ARG CZ     C N N 22  
ARG NH1    N N N 23  
ARG NH2    N N N 24  
ARG OXT    O N N 25  
ARG H      H N N 26  
ARG H2     H N N 27  
ARG HA     H N N 28  
ARG HB2    H N N 29  
ARG HB3    H N N 30  
ARG HG2    H N N 31  
ARG HG3    H N N 32  
ARG HD2    H N N 33  
ARG HD3    H N N 34  
ARG HE     H N N 35  
ARG HH11   H N N 36  
ARG HH12   H N N 37  
ARG HH21   H N N 38  
ARG HH22   H N N 39  
ARG HXT    H N N 40  
ASN N      N N N 41  
ASN CA     C N S 42  
ASN C      C N N 43  
ASN O      O N N 44  
ASN CB     C N N 45  
ASN CG     C N N 46  
ASN OD1    O N N 47  
ASN ND2    N N N 48  
ASN OXT    O N N 49  
ASN H      H N N 50  
ASN H2     H N N 51  
ASN HA     H N N 52  
ASN HB2    H N N 53  
ASN HB3    H N N 54  
ASN HD21   H N N 55  
ASN HD22   H N N 56  
ASN HXT    H N N 57  
ASP N      N N N 58  
ASP CA     C N S 59  
ASP C      C N N 60  
ASP O      O N N 61  
ASP CB     C N N 62  
ASP CG     C N N 63  
ASP OD1    O N N 64  
ASP OD2    O N N 65  
ASP OXT    O N N 66  
ASP H      H N N 67  
ASP H2     H N N 68  
ASP HA     H N N 69  
ASP HB2    H N N 70  
ASP HB3    H N N 71  
ASP HD2    H N N 72  
ASP HXT    H N N 73  
ATR PB     P N N 74  
ATR O1B    O N N 75  
ATR O2B    O N N 76  
ATR O3B    O N N 77  
ATR PA     P N R 78  
ATR O1A    O N N 79  
ATR O2A    O N N 80  
ATR O3A    O N N 81  
ATR "O5'"  O N N 82  
ATR "C5'"  C N N 83  
ATR "C4'"  C N R 84  
ATR "O4'"  O N N 85  
ATR "C3'"  C N R 86  
ATR "O3'"  O N N 87  
ATR "C2'"  C N R 88  
ATR "O2'"  O N N 89  
ATR "P2'"  P N N 90  
ATR O1P    O N N 91  
ATR O2P    O N N 92  
ATR O3P    O N N 93  
ATR "C1'"  C N R 94  
ATR N9     N Y N 95  
ATR C8     C Y N 96  
ATR N7     N Y N 97  
ATR C5     C Y N 98  
ATR C6     C Y N 99  
ATR N6     N N N 100 
ATR N1     N Y N 101 
ATR C2     C Y N 102 
ATR N3     N Y N 103 
ATR C4     C Y N 104 
ATR HOB2   H N N 105 
ATR HOB3   H N N 106 
ATR HOA2   H N N 107 
ATR "H5'1" H N N 108 
ATR "H5'2" H N N 109 
ATR "H4'"  H N N 110 
ATR "H3'"  H N N 111 
ATR "HO3'" H N N 112 
ATR "H2'"  H N N 113 
ATR HOP2   H N N 114 
ATR HOP3   H N N 115 
ATR "H1'"  H N N 116 
ATR H8     H N N 117 
ATR HN61   H N N 118 
ATR HN62   H N N 119 
ATR H2     H N N 120 
CYS N      N N N 121 
CYS CA     C N R 122 
CYS C      C N N 123 
CYS O      O N N 124 
CYS CB     C N N 125 
CYS SG     S N N 126 
CYS OXT    O N N 127 
CYS H      H N N 128 
CYS H2     H N N 129 
CYS HA     H N N 130 
CYS HB2    H N N 131 
CYS HB3    H N N 132 
CYS HG     H N N 133 
CYS HXT    H N N 134 
FOL N1     N Y N 135 
FOL C2     C Y N 136 
FOL NA2    N N N 137 
FOL N3     N Y N 138 
FOL C4     C Y N 139 
FOL O4     O N N 140 
FOL C4A    C Y N 141 
FOL N5     N Y N 142 
FOL C6     C Y N 143 
FOL C7     C Y N 144 
FOL N8     N Y N 145 
FOL C8A    C Y N 146 
FOL C9     C N N 147 
FOL N10    N N N 148 
FOL C11    C Y N 149 
FOL C12    C Y N 150 
FOL C13    C Y N 151 
FOL C14    C Y N 152 
FOL C15    C Y N 153 
FOL C16    C Y N 154 
FOL C      C N N 155 
FOL O      O N N 156 
FOL N      N N N 157 
FOL CA     C N S 158 
FOL CB     C N N 159 
FOL CG     C N N 160 
FOL CD     C N N 161 
FOL OE1    O N N 162 
FOL OE2    O N N 163 
FOL CT     C N N 164 
FOL O1     O N N 165 
FOL O2     O N N 166 
FOL HN1    H N N 167 
FOL HN21   H N N 168 
FOL HN22   H N N 169 
FOL H7     H N N 170 
FOL H91    H N N 171 
FOL H92    H N N 172 
FOL HN0    H N N 173 
FOL H12    H N N 174 
FOL H13    H N N 175 
FOL H15    H N N 176 
FOL H16    H N N 177 
FOL HN     H N N 178 
FOL HA     H N N 179 
FOL HB1    H N N 180 
FOL HB2    H N N 181 
FOL HG1    H N N 182 
FOL HG2    H N N 183 
FOL HOE2   H N N 184 
FOL HO2    H N N 185 
GLN N      N N N 186 
GLN CA     C N S 187 
GLN C      C N N 188 
GLN O      O N N 189 
GLN CB     C N N 190 
GLN CG     C N N 191 
GLN CD     C N N 192 
GLN OE1    O N N 193 
GLN NE2    N N N 194 
GLN OXT    O N N 195 
GLN H      H N N 196 
GLN H2     H N N 197 
GLN HA     H N N 198 
GLN HB2    H N N 199 
GLN HB3    H N N 200 
GLN HG2    H N N 201 
GLN HG3    H N N 202 
GLN HE21   H N N 203 
GLN HE22   H N N 204 
GLN HXT    H N N 205 
GLU N      N N N 206 
GLU CA     C N S 207 
GLU C      C N N 208 
GLU O      O N N 209 
GLU CB     C N N 210 
GLU CG     C N N 211 
GLU CD     C N N 212 
GLU OE1    O N N 213 
GLU OE2    O N N 214 
GLU OXT    O N N 215 
GLU H      H N N 216 
GLU H2     H N N 217 
GLU HA     H N N 218 
GLU HB2    H N N 219 
GLU HB3    H N N 220 
GLU HG2    H N N 221 
GLU HG3    H N N 222 
GLU HE2    H N N 223 
GLU HXT    H N N 224 
GLY N      N N N 225 
GLY CA     C N N 226 
GLY C      C N N 227 
GLY O      O N N 228 
GLY OXT    O N N 229 
GLY H      H N N 230 
GLY H2     H N N 231 
GLY HA2    H N N 232 
GLY HA3    H N N 233 
GLY HXT    H N N 234 
HIS N      N N N 235 
HIS CA     C N S 236 
HIS C      C N N 237 
HIS O      O N N 238 
HIS CB     C N N 239 
HIS CG     C Y N 240 
HIS ND1    N Y N 241 
HIS CD2    C Y N 242 
HIS CE1    C Y N 243 
HIS NE2    N Y N 244 
HIS OXT    O N N 245 
HIS H      H N N 246 
HIS H2     H N N 247 
HIS HA     H N N 248 
HIS HB2    H N N 249 
HIS HB3    H N N 250 
HIS HD1    H N N 251 
HIS HD2    H N N 252 
HIS HE1    H N N 253 
HIS HE2    H N N 254 
HIS HXT    H N N 255 
HOH O      O N N 256 
HOH H1     H N N 257 
HOH H2     H N N 258 
ILE N      N N N 259 
ILE CA     C N S 260 
ILE C      C N N 261 
ILE O      O N N 262 
ILE CB     C N S 263 
ILE CG1    C N N 264 
ILE CG2    C N N 265 
ILE CD1    C N N 266 
ILE OXT    O N N 267 
ILE H      H N N 268 
ILE H2     H N N 269 
ILE HA     H N N 270 
ILE HB     H N N 271 
ILE HG12   H N N 272 
ILE HG13   H N N 273 
ILE HG21   H N N 274 
ILE HG22   H N N 275 
ILE HG23   H N N 276 
ILE HD11   H N N 277 
ILE HD12   H N N 278 
ILE HD13   H N N 279 
ILE HXT    H N N 280 
LEU N      N N N 281 
LEU CA     C N S 282 
LEU C      C N N 283 
LEU O      O N N 284 
LEU CB     C N N 285 
LEU CG     C N N 286 
LEU CD1    C N N 287 
LEU CD2    C N N 288 
LEU OXT    O N N 289 
LEU H      H N N 290 
LEU H2     H N N 291 
LEU HA     H N N 292 
LEU HB2    H N N 293 
LEU HB3    H N N 294 
LEU HG     H N N 295 
LEU HD11   H N N 296 
LEU HD12   H N N 297 
LEU HD13   H N N 298 
LEU HD21   H N N 299 
LEU HD22   H N N 300 
LEU HD23   H N N 301 
LEU HXT    H N N 302 
LYS N      N N N 303 
LYS CA     C N S 304 
LYS C      C N N 305 
LYS O      O N N 306 
LYS CB     C N N 307 
LYS CG     C N N 308 
LYS CD     C N N 309 
LYS CE     C N N 310 
LYS NZ     N N N 311 
LYS OXT    O N N 312 
LYS H      H N N 313 
LYS H2     H N N 314 
LYS HA     H N N 315 
LYS HB2    H N N 316 
LYS HB3    H N N 317 
LYS HG2    H N N 318 
LYS HG3    H N N 319 
LYS HD2    H N N 320 
LYS HD3    H N N 321 
LYS HE2    H N N 322 
LYS HE3    H N N 323 
LYS HZ1    H N N 324 
LYS HZ2    H N N 325 
LYS HZ3    H N N 326 
LYS HXT    H N N 327 
MET N      N N N 328 
MET CA     C N S 329 
MET C      C N N 330 
MET O      O N N 331 
MET CB     C N N 332 
MET CG     C N N 333 
MET SD     S N N 334 
MET CE     C N N 335 
MET OXT    O N N 336 
MET H      H N N 337 
MET H2     H N N 338 
MET HA     H N N 339 
MET HB2    H N N 340 
MET HB3    H N N 341 
MET HG2    H N N 342 
MET HG3    H N N 343 
MET HE1    H N N 344 
MET HE2    H N N 345 
MET HE3    H N N 346 
MET HXT    H N N 347 
PHE N      N N N 348 
PHE CA     C N S 349 
PHE C      C N N 350 
PHE O      O N N 351 
PHE CB     C N N 352 
PHE CG     C Y N 353 
PHE CD1    C Y N 354 
PHE CD2    C Y N 355 
PHE CE1    C Y N 356 
PHE CE2    C Y N 357 
PHE CZ     C Y N 358 
PHE OXT    O N N 359 
PHE H      H N N 360 
PHE H2     H N N 361 
PHE HA     H N N 362 
PHE HB2    H N N 363 
PHE HB3    H N N 364 
PHE HD1    H N N 365 
PHE HD2    H N N 366 
PHE HE1    H N N 367 
PHE HE2    H N N 368 
PHE HZ     H N N 369 
PHE HXT    H N N 370 
PRO N      N N N 371 
PRO CA     C N S 372 
PRO C      C N N 373 
PRO O      O N N 374 
PRO CB     C N N 375 
PRO CG     C N N 376 
PRO CD     C N N 377 
PRO OXT    O N N 378 
PRO H      H N N 379 
PRO HA     H N N 380 
PRO HB2    H N N 381 
PRO HB3    H N N 382 
PRO HG2    H N N 383 
PRO HG3    H N N 384 
PRO HD2    H N N 385 
PRO HD3    H N N 386 
PRO HXT    H N N 387 
SER N      N N N 388 
SER CA     C N S 389 
SER C      C N N 390 
SER O      O N N 391 
SER CB     C N N 392 
SER OG     O N N 393 
SER OXT    O N N 394 
SER H      H N N 395 
SER H2     H N N 396 
SER HA     H N N 397 
SER HB2    H N N 398 
SER HB3    H N N 399 
SER HG     H N N 400 
SER HXT    H N N 401 
THR N      N N N 402 
THR CA     C N S 403 
THR C      C N N 404 
THR O      O N N 405 
THR CB     C N R 406 
THR OG1    O N N 407 
THR CG2    C N N 408 
THR OXT    O N N 409 
THR H      H N N 410 
THR H2     H N N 411 
THR HA     H N N 412 
THR HB     H N N 413 
THR HG1    H N N 414 
THR HG21   H N N 415 
THR HG22   H N N 416 
THR HG23   H N N 417 
THR HXT    H N N 418 
TRP N      N N N 419 
TRP CA     C N S 420 
TRP C      C N N 421 
TRP O      O N N 422 
TRP CB     C N N 423 
TRP CG     C Y N 424 
TRP CD1    C Y N 425 
TRP CD2    C Y N 426 
TRP NE1    N Y N 427 
TRP CE2    C Y N 428 
TRP CE3    C Y N 429 
TRP CZ2    C Y N 430 
TRP CZ3    C Y N 431 
TRP CH2    C Y N 432 
TRP OXT    O N N 433 
TRP H      H N N 434 
TRP H2     H N N 435 
TRP HA     H N N 436 
TRP HB2    H N N 437 
TRP HB3    H N N 438 
TRP HD1    H N N 439 
TRP HE1    H N N 440 
TRP HE3    H N N 441 
TRP HZ2    H N N 442 
TRP HZ3    H N N 443 
TRP HH2    H N N 444 
TRP HXT    H N N 445 
TYR N      N N N 446 
TYR CA     C N S 447 
TYR C      C N N 448 
TYR O      O N N 449 
TYR CB     C N N 450 
TYR CG     C Y N 451 
TYR CD1    C Y N 452 
TYR CD2    C Y N 453 
TYR CE1    C Y N 454 
TYR CE2    C Y N 455 
TYR CZ     C Y N 456 
TYR OH     O N N 457 
TYR OXT    O N N 458 
TYR H      H N N 459 
TYR H2     H N N 460 
TYR HA     H N N 461 
TYR HB2    H N N 462 
TYR HB3    H N N 463 
TYR HD1    H N N 464 
TYR HD2    H N N 465 
TYR HE1    H N N 466 
TYR HE2    H N N 467 
TYR HH     H N N 468 
TYR HXT    H N N 469 
VAL N      N N N 470 
VAL CA     C N S 471 
VAL C      C N N 472 
VAL O      O N N 473 
VAL CB     C N N 474 
VAL CG1    C N N 475 
VAL CG2    C N N 476 
VAL OXT    O N N 477 
VAL H      H N N 478 
VAL H2     H N N 479 
VAL HA     H N N 480 
VAL HB     H N N 481 
VAL HG11   H N N 482 
VAL HG12   H N N 483 
VAL HG13   H N N 484 
VAL HG21   H N N 485 
VAL HG22   H N N 486 
VAL HG23   H N N 487 
VAL HXT    H N N 488 
# 
loop_
_chem_comp_bond.comp_id 
_chem_comp_bond.atom_id_1 
_chem_comp_bond.atom_id_2 
_chem_comp_bond.value_order 
_chem_comp_bond.pdbx_aromatic_flag 
_chem_comp_bond.pdbx_stereo_config 
_chem_comp_bond.pdbx_ordinal 
ALA N     CA     sing N N 1   
ALA N     H      sing N N 2   
ALA N     H2     sing N N 3   
ALA CA    C      sing N N 4   
ALA CA    CB     sing N N 5   
ALA CA    HA     sing N N 6   
ALA C     O      doub N N 7   
ALA C     OXT    sing N N 8   
ALA CB    HB1    sing N N 9   
ALA CB    HB2    sing N N 10  
ALA CB    HB3    sing N N 11  
ALA OXT   HXT    sing N N 12  
ARG N     CA     sing N N 13  
ARG N     H      sing N N 14  
ARG N     H2     sing N N 15  
ARG CA    C      sing N N 16  
ARG CA    CB     sing N N 17  
ARG CA    HA     sing N N 18  
ARG C     O      doub N N 19  
ARG C     OXT    sing N N 20  
ARG CB    CG     sing N N 21  
ARG CB    HB2    sing N N 22  
ARG CB    HB3    sing N N 23  
ARG CG    CD     sing N N 24  
ARG CG    HG2    sing N N 25  
ARG CG    HG3    sing N N 26  
ARG CD    NE     sing N N 27  
ARG CD    HD2    sing N N 28  
ARG CD    HD3    sing N N 29  
ARG NE    CZ     sing N N 30  
ARG NE    HE     sing N N 31  
ARG CZ    NH1    sing N N 32  
ARG CZ    NH2    doub N N 33  
ARG NH1   HH11   sing N N 34  
ARG NH1   HH12   sing N N 35  
ARG NH2   HH21   sing N N 36  
ARG NH2   HH22   sing N N 37  
ARG OXT   HXT    sing N N 38  
ASN N     CA     sing N N 39  
ASN N     H      sing N N 40  
ASN N     H2     sing N N 41  
ASN CA    C      sing N N 42  
ASN CA    CB     sing N N 43  
ASN CA    HA     sing N N 44  
ASN C     O      doub N N 45  
ASN C     OXT    sing N N 46  
ASN CB    CG     sing N N 47  
ASN CB    HB2    sing N N 48  
ASN CB    HB3    sing N N 49  
ASN CG    OD1    doub N N 50  
ASN CG    ND2    sing N N 51  
ASN ND2   HD21   sing N N 52  
ASN ND2   HD22   sing N N 53  
ASN OXT   HXT    sing N N 54  
ASP N     CA     sing N N 55  
ASP N     H      sing N N 56  
ASP N     H2     sing N N 57  
ASP CA    C      sing N N 58  
ASP CA    CB     sing N N 59  
ASP CA    HA     sing N N 60  
ASP C     O      doub N N 61  
ASP C     OXT    sing N N 62  
ASP CB    CG     sing N N 63  
ASP CB    HB2    sing N N 64  
ASP CB    HB3    sing N N 65  
ASP CG    OD1    doub N N 66  
ASP CG    OD2    sing N N 67  
ASP OD2   HD2    sing N N 68  
ASP OXT   HXT    sing N N 69  
ATR PB    O1B    doub N N 70  
ATR PB    O2B    sing N N 71  
ATR PB    O3B    sing N N 72  
ATR PB    O3A    sing N N 73  
ATR O2B   HOB2   sing N N 74  
ATR O3B   HOB3   sing N N 75  
ATR PA    O1A    doub N N 76  
ATR PA    O2A    sing N N 77  
ATR PA    O3A    sing N N 78  
ATR PA    "O5'"  sing N N 79  
ATR O2A   HOA2   sing N N 80  
ATR "O5'" "C5'"  sing N N 81  
ATR "C5'" "C4'"  sing N N 82  
ATR "C5'" "H5'1" sing N N 83  
ATR "C5'" "H5'2" sing N N 84  
ATR "C4'" "O4'"  sing N N 85  
ATR "C4'" "C3'"  sing N N 86  
ATR "C4'" "H4'"  sing N N 87  
ATR "O4'" "C1'"  sing N N 88  
ATR "C3'" "O3'"  sing N N 89  
ATR "C3'" "C2'"  sing N N 90  
ATR "C3'" "H3'"  sing N N 91  
ATR "O3'" "HO3'" sing N N 92  
ATR "C2'" "O2'"  sing N N 93  
ATR "C2'" "C1'"  sing N N 94  
ATR "C2'" "H2'"  sing N N 95  
ATR "O2'" "P2'"  sing N N 96  
ATR "P2'" O1P    doub N N 97  
ATR "P2'" O2P    sing N N 98  
ATR "P2'" O3P    sing N N 99  
ATR O2P   HOP2   sing N N 100 
ATR O3P   HOP3   sing N N 101 
ATR "C1'" N9     sing N N 102 
ATR "C1'" "H1'"  sing N N 103 
ATR N9    C8     sing Y N 104 
ATR N9    C4     sing Y N 105 
ATR C8    N7     doub Y N 106 
ATR C8    H8     sing N N 107 
ATR N7    C5     sing Y N 108 
ATR C5    C6     sing Y N 109 
ATR C5    C4     doub Y N 110 
ATR C6    N6     sing N N 111 
ATR C6    N1     doub Y N 112 
ATR N6    HN61   sing N N 113 
ATR N6    HN62   sing N N 114 
ATR N1    C2     sing Y N 115 
ATR C2    N3     doub Y N 116 
ATR C2    H2     sing N N 117 
ATR N3    C4     sing Y N 118 
CYS N     CA     sing N N 119 
CYS N     H      sing N N 120 
CYS N     H2     sing N N 121 
CYS CA    C      sing N N 122 
CYS CA    CB     sing N N 123 
CYS CA    HA     sing N N 124 
CYS C     O      doub N N 125 
CYS C     OXT    sing N N 126 
CYS CB    SG     sing N N 127 
CYS CB    HB2    sing N N 128 
CYS CB    HB3    sing N N 129 
CYS SG    HG     sing N N 130 
CYS OXT   HXT    sing N N 131 
FOL N1    C2     sing Y N 132 
FOL N1    C8A    sing Y N 133 
FOL N1    HN1    sing N N 134 
FOL C2    NA2    sing N N 135 
FOL C2    N3     doub Y N 136 
FOL NA2   HN21   sing N N 137 
FOL NA2   HN22   sing N N 138 
FOL N3    C4     sing Y N 139 
FOL C4    O4     doub N N 140 
FOL C4    C4A    sing Y N 141 
FOL C4A   N5     sing Y N 142 
FOL C4A   C8A    doub Y N 143 
FOL N5    C6     doub Y N 144 
FOL C6    C7     sing Y N 145 
FOL C6    C9     sing N N 146 
FOL C7    N8     doub Y N 147 
FOL C7    H7     sing N N 148 
FOL N8    C8A    sing Y N 149 
FOL C9    N10    sing N N 150 
FOL C9    H91    sing N N 151 
FOL C9    H92    sing N N 152 
FOL N10   C14    sing N N 153 
FOL N10   HN0    sing N N 154 
FOL C11   C12    doub Y N 155 
FOL C11   C16    sing Y N 156 
FOL C11   C      sing N N 157 
FOL C12   C13    sing Y N 158 
FOL C12   H12    sing N N 159 
FOL C13   C14    doub Y N 160 
FOL C13   H13    sing N N 161 
FOL C14   C15    sing Y N 162 
FOL C15   C16    doub Y N 163 
FOL C15   H15    sing N N 164 
FOL C16   H16    sing N N 165 
FOL C     O      doub N N 166 
FOL C     N      sing N N 167 
FOL N     CA     sing N N 168 
FOL N     HN     sing N N 169 
FOL CA    CB     sing N N 170 
FOL CA    CT     sing N N 171 
FOL CA    HA     sing N N 172 
FOL CB    CG     sing N N 173 
FOL CB    HB1    sing N N 174 
FOL CB    HB2    sing N N 175 
FOL CG    CD     sing N N 176 
FOL CG    HG1    sing N N 177 
FOL CG    HG2    sing N N 178 
FOL CD    OE1    doub N N 179 
FOL CD    OE2    sing N N 180 
FOL OE2   HOE2   sing N N 181 
FOL CT    O1     doub N N 182 
FOL CT    O2     sing N N 183 
FOL O2    HO2    sing N N 184 
GLN N     CA     sing N N 185 
GLN N     H      sing N N 186 
GLN N     H2     sing N N 187 
GLN CA    C      sing N N 188 
GLN CA    CB     sing N N 189 
GLN CA    HA     sing N N 190 
GLN C     O      doub N N 191 
GLN C     OXT    sing N N 192 
GLN CB    CG     sing N N 193 
GLN CB    HB2    sing N N 194 
GLN CB    HB3    sing N N 195 
GLN CG    CD     sing N N 196 
GLN CG    HG2    sing N N 197 
GLN CG    HG3    sing N N 198 
GLN CD    OE1    doub N N 199 
GLN CD    NE2    sing N N 200 
GLN NE2   HE21   sing N N 201 
GLN NE2   HE22   sing N N 202 
GLN OXT   HXT    sing N N 203 
GLU N     CA     sing N N 204 
GLU N     H      sing N N 205 
GLU N     H2     sing N N 206 
GLU CA    C      sing N N 207 
GLU CA    CB     sing N N 208 
GLU CA    HA     sing N N 209 
GLU C     O      doub N N 210 
GLU C     OXT    sing N N 211 
GLU CB    CG     sing N N 212 
GLU CB    HB2    sing N N 213 
GLU CB    HB3    sing N N 214 
GLU CG    CD     sing N N 215 
GLU CG    HG2    sing N N 216 
GLU CG    HG3    sing N N 217 
GLU CD    OE1    doub N N 218 
GLU CD    OE2    sing N N 219 
GLU OE2   HE2    sing N N 220 
GLU OXT   HXT    sing N N 221 
GLY N     CA     sing N N 222 
GLY N     H      sing N N 223 
GLY N     H2     sing N N 224 
GLY CA    C      sing N N 225 
GLY CA    HA2    sing N N 226 
GLY CA    HA3    sing N N 227 
GLY C     O      doub N N 228 
GLY C     OXT    sing N N 229 
GLY OXT   HXT    sing N N 230 
HIS N     CA     sing N N 231 
HIS N     H      sing N N 232 
HIS N     H2     sing N N 233 
HIS CA    C      sing N N 234 
HIS CA    CB     sing N N 235 
HIS CA    HA     sing N N 236 
HIS C     O      doub N N 237 
HIS C     OXT    sing N N 238 
HIS CB    CG     sing N N 239 
HIS CB    HB2    sing N N 240 
HIS CB    HB3    sing N N 241 
HIS CG    ND1    sing Y N 242 
HIS CG    CD2    doub Y N 243 
HIS ND1   CE1    doub Y N 244 
HIS ND1   HD1    sing N N 245 
HIS CD2   NE2    sing Y N 246 
HIS CD2   HD2    sing N N 247 
HIS CE1   NE2    sing Y N 248 
HIS CE1   HE1    sing N N 249 
HIS NE2   HE2    sing N N 250 
HIS OXT   HXT    sing N N 251 
HOH O     H1     sing N N 252 
HOH O     H2     sing N N 253 
ILE N     CA     sing N N 254 
ILE N     H      sing N N 255 
ILE N     H2     sing N N 256 
ILE CA    C      sing N N 257 
ILE CA    CB     sing N N 258 
ILE CA    HA     sing N N 259 
ILE C     O      doub N N 260 
ILE C     OXT    sing N N 261 
ILE CB    CG1    sing N N 262 
ILE CB    CG2    sing N N 263 
ILE CB    HB     sing N N 264 
ILE CG1   CD1    sing N N 265 
ILE CG1   HG12   sing N N 266 
ILE CG1   HG13   sing N N 267 
ILE CG2   HG21   sing N N 268 
ILE CG2   HG22   sing N N 269 
ILE CG2   HG23   sing N N 270 
ILE CD1   HD11   sing N N 271 
ILE CD1   HD12   sing N N 272 
ILE CD1   HD13   sing N N 273 
ILE OXT   HXT    sing N N 274 
LEU N     CA     sing N N 275 
LEU N     H      sing N N 276 
LEU N     H2     sing N N 277 
LEU CA    C      sing N N 278 
LEU CA    CB     sing N N 279 
LEU CA    HA     sing N N 280 
LEU C     O      doub N N 281 
LEU C     OXT    sing N N 282 
LEU CB    CG     sing N N 283 
LEU CB    HB2    sing N N 284 
LEU CB    HB3    sing N N 285 
LEU CG    CD1    sing N N 286 
LEU CG    CD2    sing N N 287 
LEU CG    HG     sing N N 288 
LEU CD1   HD11   sing N N 289 
LEU CD1   HD12   sing N N 290 
LEU CD1   HD13   sing N N 291 
LEU CD2   HD21   sing N N 292 
LEU CD2   HD22   sing N N 293 
LEU CD2   HD23   sing N N 294 
LEU OXT   HXT    sing N N 295 
LYS N     CA     sing N N 296 
LYS N     H      sing N N 297 
LYS N     H2     sing N N 298 
LYS CA    C      sing N N 299 
LYS CA    CB     sing N N 300 
LYS CA    HA     sing N N 301 
LYS C     O      doub N N 302 
LYS C     OXT    sing N N 303 
LYS CB    CG     sing N N 304 
LYS CB    HB2    sing N N 305 
LYS CB    HB3    sing N N 306 
LYS CG    CD     sing N N 307 
LYS CG    HG2    sing N N 308 
LYS CG    HG3    sing N N 309 
LYS CD    CE     sing N N 310 
LYS CD    HD2    sing N N 311 
LYS CD    HD3    sing N N 312 
LYS CE    NZ     sing N N 313 
LYS CE    HE2    sing N N 314 
LYS CE    HE3    sing N N 315 
LYS NZ    HZ1    sing N N 316 
LYS NZ    HZ2    sing N N 317 
LYS NZ    HZ3    sing N N 318 
LYS OXT   HXT    sing N N 319 
MET N     CA     sing N N 320 
MET N     H      sing N N 321 
MET N     H2     sing N N 322 
MET CA    C      sing N N 323 
MET CA    CB     sing N N 324 
MET CA    HA     sing N N 325 
MET C     O      doub N N 326 
MET C     OXT    sing N N 327 
MET CB    CG     sing N N 328 
MET CB    HB2    sing N N 329 
MET CB    HB3    sing N N 330 
MET CG    SD     sing N N 331 
MET CG    HG2    sing N N 332 
MET CG    HG3    sing N N 333 
MET SD    CE     sing N N 334 
MET CE    HE1    sing N N 335 
MET CE    HE2    sing N N 336 
MET CE    HE3    sing N N 337 
MET OXT   HXT    sing N N 338 
PHE N     CA     sing N N 339 
PHE N     H      sing N N 340 
PHE N     H2     sing N N 341 
PHE CA    C      sing N N 342 
PHE CA    CB     sing N N 343 
PHE CA    HA     sing N N 344 
PHE C     O      doub N N 345 
PHE C     OXT    sing N N 346 
PHE CB    CG     sing N N 347 
PHE CB    HB2    sing N N 348 
PHE CB    HB3    sing N N 349 
PHE CG    CD1    doub Y N 350 
PHE CG    CD2    sing Y N 351 
PHE CD1   CE1    sing Y N 352 
PHE CD1   HD1    sing N N 353 
PHE CD2   CE2    doub Y N 354 
PHE CD2   HD2    sing N N 355 
PHE CE1   CZ     doub Y N 356 
PHE CE1   HE1    sing N N 357 
PHE CE2   CZ     sing Y N 358 
PHE CE2   HE2    sing N N 359 
PHE CZ    HZ     sing N N 360 
PHE OXT   HXT    sing N N 361 
PRO N     CA     sing N N 362 
PRO N     CD     sing N N 363 
PRO N     H      sing N N 364 
PRO CA    C      sing N N 365 
PRO CA    CB     sing N N 366 
PRO CA    HA     sing N N 367 
PRO C     O      doub N N 368 
PRO C     OXT    sing N N 369 
PRO CB    CG     sing N N 370 
PRO CB    HB2    sing N N 371 
PRO CB    HB3    sing N N 372 
PRO CG    CD     sing N N 373 
PRO CG    HG2    sing N N 374 
PRO CG    HG3    sing N N 375 
PRO CD    HD2    sing N N 376 
PRO CD    HD3    sing N N 377 
PRO OXT   HXT    sing N N 378 
SER N     CA     sing N N 379 
SER N     H      sing N N 380 
SER N     H2     sing N N 381 
SER CA    C      sing N N 382 
SER CA    CB     sing N N 383 
SER CA    HA     sing N N 384 
SER C     O      doub N N 385 
SER C     OXT    sing N N 386 
SER CB    OG     sing N N 387 
SER CB    HB2    sing N N 388 
SER CB    HB3    sing N N 389 
SER OG    HG     sing N N 390 
SER OXT   HXT    sing N N 391 
THR N     CA     sing N N 392 
THR N     H      sing N N 393 
THR N     H2     sing N N 394 
THR CA    C      sing N N 395 
THR CA    CB     sing N N 396 
THR CA    HA     sing N N 397 
THR C     O      doub N N 398 
THR C     OXT    sing N N 399 
THR CB    OG1    sing N N 400 
THR CB    CG2    sing N N 401 
THR CB    HB     sing N N 402 
THR OG1   HG1    sing N N 403 
THR CG2   HG21   sing N N 404 
THR CG2   HG22   sing N N 405 
THR CG2   HG23   sing N N 406 
THR OXT   HXT    sing N N 407 
TRP N     CA     sing N N 408 
TRP N     H      sing N N 409 
TRP N     H2     sing N N 410 
TRP CA    C      sing N N 411 
TRP CA    CB     sing N N 412 
TRP CA    HA     sing N N 413 
TRP C     O      doub N N 414 
TRP C     OXT    sing N N 415 
TRP CB    CG     sing N N 416 
TRP CB    HB2    sing N N 417 
TRP CB    HB3    sing N N 418 
TRP CG    CD1    doub Y N 419 
TRP CG    CD2    sing Y N 420 
TRP CD1   NE1    sing Y N 421 
TRP CD1   HD1    sing N N 422 
TRP CD2   CE2    doub Y N 423 
TRP CD2   CE3    sing Y N 424 
TRP NE1   CE2    sing Y N 425 
TRP NE1   HE1    sing N N 426 
TRP CE2   CZ2    sing Y N 427 
TRP CE3   CZ3    doub Y N 428 
TRP CE3   HE3    sing N N 429 
TRP CZ2   CH2    doub Y N 430 
TRP CZ2   HZ2    sing N N 431 
TRP CZ3   CH2    sing Y N 432 
TRP CZ3   HZ3    sing N N 433 
TRP CH2   HH2    sing N N 434 
TRP OXT   HXT    sing N N 435 
TYR N     CA     sing N N 436 
TYR N     H      sing N N 437 
TYR N     H2     sing N N 438 
TYR CA    C      sing N N 439 
TYR CA    CB     sing N N 440 
TYR CA    HA     sing N N 441 
TYR C     O      doub N N 442 
TYR C     OXT    sing N N 443 
TYR CB    CG     sing N N 444 
TYR CB    HB2    sing N N 445 
TYR CB    HB3    sing N N 446 
TYR CG    CD1    doub Y N 447 
TYR CG    CD2    sing Y N 448 
TYR CD1   CE1    sing Y N 449 
TYR CD1   HD1    sing N N 450 
TYR CD2   CE2    doub Y N 451 
TYR CD2   HD2    sing N N 452 
TYR CE1   CZ     doub Y N 453 
TYR CE1   HE1    sing N N 454 
TYR CE2   CZ     sing Y N 455 
TYR CE2   HE2    sing N N 456 
TYR CZ    OH     sing N N 457 
TYR OH    HH     sing N N 458 
TYR OXT   HXT    sing N N 459 
VAL N     CA     sing N N 460 
VAL N     H      sing N N 461 
VAL N     H2     sing N N 462 
VAL CA    C      sing N N 463 
VAL CA    CB     sing N N 464 
VAL CA    HA     sing N N 465 
VAL C     O      doub N N 466 
VAL C     OXT    sing N N 467 
VAL CB    CG1    sing N N 468 
VAL CB    CG2    sing N N 469 
VAL CB    HB     sing N N 470 
VAL CG1   HG11   sing N N 471 
VAL CG1   HG12   sing N N 472 
VAL CG1   HG13   sing N N 473 
VAL CG2   HG21   sing N N 474 
VAL CG2   HG22   sing N N 475 
VAL CG2   HG23   sing N N 476 
VAL OXT   HXT    sing N N 477 
# 
_pdbx_initial_refinement_model.id               1 
_pdbx_initial_refinement_model.entity_id_list   ? 
_pdbx_initial_refinement_model.type             'experimental model' 
_pdbx_initial_refinement_model.source_name      PDB 
_pdbx_initial_refinement_model.accession_code   1RA2 
_pdbx_initial_refinement_model.details          'PDB ENTRY 1RA2' 
# 
_atom_sites.entry_id                    1RA8 
_atom_sites.fract_transf_matrix[1][1]   0.00554519 
_atom_sites.fract_transf_matrix[1][2]   -0.00121445 
_atom_sites.fract_transf_matrix[1][3]   0.01291561 
_atom_sites.fract_transf_matrix[2][1]   0.00882216 
_atom_sites.fract_transf_matrix[2][2]   0.01396919 
_atom_sites.fract_transf_matrix[2][3]   -0.00247419 
_atom_sites.fract_transf_matrix[3][1]   -0.01618039 
_atom_sites.fract_transf_matrix[3][2]   0.01322513 
_atom_sites.fract_transf_matrix[3][3]   0.01697465 
_atom_sites.fract_transf_vector[1]      0.249601 
_atom_sites.fract_transf_vector[2]      0.301939 
_atom_sites.fract_transf_vector[3]      0.325811 
# 
loop_
_atom_type.symbol 
C 
N 
O 
P 
S 
# 
loop_
_atom_site.group_PDB 
_atom_site.id 
_atom_site.type_symbol 
_atom_site.label_atom_id 
_atom_site.label_alt_id 
_atom_site.label_comp_id 
_atom_site.label_asym_id 
_atom_site.label_entity_id 
_atom_site.label_seq_id 
_atom_site.pdbx_PDB_ins_code 
_atom_site.Cartn_x 
_atom_site.Cartn_y 
_atom_site.Cartn_z 
_atom_site.occupancy 
_atom_site.B_iso_or_equiv 
_atom_site.pdbx_formal_charge 
_atom_site.auth_seq_id 
_atom_site.auth_comp_id 
_atom_site.auth_asym_id 
_atom_site.auth_atom_id 
_atom_site.pdbx_PDB_model_num 
ATOM   1    N N     . MET A 1 1   ? -12.200 -2.100  -9.977  1.00 15.05 ? 1   MET A N     1 
ATOM   2    C CA    . MET A 1 1   ? -11.306 -0.984  -9.948  1.00 20.97 ? 1   MET A CA    1 
ATOM   3    C C     . MET A 1 1   ? -10.082 -1.335  -9.050  1.00 16.08 ? 1   MET A C     1 
ATOM   4    O O     . MET A 1 1   ? -10.116 -2.166  -8.126  1.00 15.84 ? 1   MET A O     1 
ATOM   5    C CB    . MET A 1 1   ? -11.947 0.273   -9.405  1.00 24.57 ? 1   MET A CB    1 
ATOM   6    C CG    . MET A 1 1   ? -11.862 0.037   -7.919  1.00 40.12 ? 1   MET A CG    1 
ATOM   7    S SD    . MET A 1 1   ? -12.778 1.203   -6.955  1.00 55.61 ? 1   MET A SD    1 
ATOM   8    C CE    . MET A 1 1   ? -12.574 2.590   -8.094  1.00 53.26 ? 1   MET A CE    1 
ATOM   9    N N     . ILE A 1 2   ? -9.036  -0.658  -9.381  1.00 17.89 ? 2   ILE A N     1 
ATOM   10   C CA    . ILE A 1 2   ? -7.790  -0.843  -8.688  1.00 15.85 ? 2   ILE A CA    1 
ATOM   11   C C     . ILE A 1 2   ? -7.547  0.267   -7.800  1.00 13.86 ? 2   ILE A C     1 
ATOM   12   O O     . ILE A 1 2   ? -7.674  1.429   -8.203  1.00 15.48 ? 2   ILE A O     1 
ATOM   13   C CB    . ILE A 1 2   ? -6.709  -0.808  -9.779  1.00 20.43 ? 2   ILE A CB    1 
ATOM   14   C CG1   . ILE A 1 2   ? -6.944  -2.067  -10.575 1.00 21.38 ? 2   ILE A CG1   1 
ATOM   15   C CG2   . ILE A 1 2   ? -5.238  -0.690  -9.282  1.00 19.46 ? 2   ILE A CG2   1 
ATOM   16   C CD1   . ILE A 1 2   ? -5.908  -2.194  -11.639 1.00 26.53 ? 2   ILE A CD1   1 
ATOM   17   N N     . SER A 1 3   ? -7.129  -0.078  -6.604  1.00 12.33 ? 3   SER A N     1 
ATOM   18   C CA    . SER A 1 3   ? -6.806  1.035   -5.693  1.00 15.63 ? 3   SER A CA    1 
ATOM   19   C C     . SER A 1 3   ? -5.395  0.832   -5.069  1.00 16.78 ? 3   SER A C     1 
ATOM   20   O O     . SER A 1 3   ? -4.955  -0.305  -4.899  1.00 14.77 ? 3   SER A O     1 
ATOM   21   C CB    . SER A 1 3   ? -7.708  1.054   -4.464  1.00 18.35 ? 3   SER A CB    1 
ATOM   22   O OG    . SER A 1 3   ? -9.032  1.041   -4.853  1.00 18.61 ? 3   SER A OG    1 
ATOM   23   N N     . LEU A 1 4   ? -4.756  1.901   -4.715  1.00 12.17 ? 4   LEU A N     1 
ATOM   24   C CA    . LEU A 1 4   ? -3.457  1.755   -4.074  1.00 15.29 ? 4   LEU A CA    1 
ATOM   25   C C     . LEU A 1 4   ? -3.567  2.172   -2.626  1.00 18.78 ? 4   LEU A C     1 
ATOM   26   O O     . LEU A 1 4   ? -4.259  3.167   -2.318  1.00 15.20 ? 4   LEU A O     1 
ATOM   27   C CB    . LEU A 1 4   ? -2.537  2.783   -4.701  1.00 20.15 ? 4   LEU A CB    1 
ATOM   28   C CG    . LEU A 1 4   ? -1.683  2.320   -5.882  1.00 19.33 ? 4   LEU A CG    1 
ATOM   29   C CD1   . LEU A 1 4   ? -2.398  1.536   -6.947  1.00 17.26 ? 4   LEU A CD1   1 
ATOM   30   C CD2   . LEU A 1 4   ? -0.816  3.467   -6.419  1.00 15.62 ? 4   LEU A CD2   1 
ATOM   31   N N     . ILE A 1 5   ? -2.895  1.487   -1.681  1.00 15.66 ? 5   ILE A N     1 
ATOM   32   C CA    . ILE A 1 5   ? -2.975  1.976   -0.299  1.00 8.89  ? 5   ILE A CA    1 
ATOM   33   C C     . ILE A 1 5   ? -1.559  2.216   0.206   1.00 10.03 ? 5   ILE A C     1 
ATOM   34   O O     . ILE A 1 5   ? -0.727  1.373   -0.034  1.00 15.01 ? 5   ILE A O     1 
ATOM   35   C CB    . ILE A 1 5   ? -3.759  1.045   0.552   1.00 7.67  ? 5   ILE A CB    1 
ATOM   36   C CG1   . ILE A 1 5   ? -3.626  1.518   1.962   1.00 7.48  ? 5   ILE A CG1   1 
ATOM   37   C CG2   . ILE A 1 5   ? -3.305  -0.423  0.350   1.00 7.90  ? 5   ILE A CG2   1 
ATOM   38   C CD1   . ILE A 1 5   ? -4.775  1.006   2.859   1.00 9.12  ? 5   ILE A CD1   1 
ATOM   39   N N     . ALA A 1 6   ? -1.173  3.320   0.859   1.00 6.46  ? 6   ALA A N     1 
ATOM   40   C CA    . ALA A 1 6   ? 0.223   3.450   1.280   1.00 9.43  ? 6   ALA A CA    1 
ATOM   41   C C     . ALA A 1 6   ? 0.293   4.425   2.433   1.00 18.08 ? 6   ALA A C     1 
ATOM   42   O O     . ALA A 1 6   ? -0.651  5.227   2.647   1.00 16.19 ? 6   ALA A O     1 
ATOM   43   C CB    . ALA A 1 6   ? 1.052   4.097   0.137   1.00 11.43 ? 6   ALA A CB    1 
ATOM   44   N N     . ALA A 1 7   ? 1.410   4.348   3.181   1.00 15.42 ? 7   ALA A N     1 
ATOM   45   C CA    . ALA A 1 7   ? 1.663   5.237   4.306   1.00 11.13 ? 7   ALA A CA    1 
ATOM   46   C C     . ALA A 1 7   ? 2.913   5.992   3.871   1.00 22.49 ? 7   ALA A C     1 
ATOM   47   O O     . ALA A 1 7   ? 3.945   5.422   3.423   1.00 16.18 ? 7   ALA A O     1 
ATOM   48   C CB    . ALA A 1 7   ? 1.860   4.521   5.634   1.00 13.17 ? 7   ALA A CB    1 
ATOM   49   N N     . LEU A 1 8   ? 2.845   7.324   3.949   1.00 14.09 ? 8   LEU A N     1 
ATOM   50   C CA    . LEU A 1 8   ? 3.950   8.097   3.535   1.00 17.58 ? 8   LEU A CA    1 
ATOM   51   C C     . LEU A 1 8   ? 4.309   9.234   4.414   1.00 23.03 ? 8   LEU A C     1 
ATOM   52   O O     . LEU A 1 8   ? 3.426   9.887   4.946   1.00 17.72 ? 8   LEU A O     1 
ATOM   53   C CB    . LEU A 1 8   ? 3.894   8.683   2.092   1.00 34.56 ? 8   LEU A CB    1 
ATOM   54   C CG    . LEU A 1 8   ? 2.603   9.236   1.506   1.00 24.10 ? 8   LEU A CG    1 
ATOM   55   C CD1   . LEU A 1 8   ? 2.875   10.151  0.297   1.00 28.95 ? 8   LEU A CD1   1 
ATOM   56   C CD2   . LEU A 1 8   ? 1.864   8.029   0.932   1.00 30.85 ? 8   LEU A CD2   1 
ATOM   57   N N     . ALA A 1 9   ? 5.641   9.477   4.527   1.00 10.70 ? 9   ALA A N     1 
ATOM   58   C CA    . ALA A 1 9   ? 6.052   10.569  5.346   1.00 13.19 ? 9   ALA A CA    1 
ATOM   59   C C     . ALA A 1 9   ? 6.252   11.756  4.479   1.00 15.89 ? 9   ALA A C     1 
ATOM   60   O O     . ALA A 1 9   ? 5.800   11.771  3.331   1.00 19.16 ? 9   ALA A O     1 
ATOM   61   C CB    . ALA A 1 9   ? 7.352   10.265  6.002   1.00 22.44 ? 9   ALA A CB    1 
ATOM   62   N N     . VAL A 1 10  ? 6.949   12.760  5.029   1.00 21.17 ? 10  VAL A N     1 
ATOM   63   C CA    . VAL A 1 10  ? 7.171   13.902  4.178   1.00 35.95 ? 10  VAL A CA    1 
ATOM   64   C C     . VAL A 1 10  ? 8.049   13.483  3.038   1.00 36.07 ? 10  VAL A C     1 
ATOM   65   O O     . VAL A 1 10  ? 8.870   12.540  3.122   1.00 31.00 ? 10  VAL A O     1 
ATOM   66   C CB    . VAL A 1 10  ? 7.662   15.196  4.858   1.00 41.02 ? 10  VAL A CB    1 
ATOM   67   C CG1   . VAL A 1 10  ? 6.627   15.630  5.907   1.00 39.26 ? 10  VAL A CG1   1 
ATOM   68   C CG2   . VAL A 1 10  ? 9.084   15.097  5.431   1.00 32.07 ? 10  VAL A CG2   1 
ATOM   69   N N     . ASP A 1 11  ? 7.888   14.173  1.941   1.00 39.26 ? 11  ASP A N     1 
ATOM   70   C CA    . ASP A 1 11  ? 8.736   13.783  0.846   1.00 31.44 ? 11  ASP A CA    1 
ATOM   71   C C     . ASP A 1 11  ? 8.358   12.483  0.196   1.00 17.03 ? 11  ASP A C     1 
ATOM   72   O O     . ASP A 1 11  ? 9.134   11.955  -0.552  1.00 33.25 ? 11  ASP A O     1 
ATOM   73   C CB    . ASP A 1 11  ? 10.255  13.888  1.120   1.00 34.31 ? 11  ASP A CB    1 
ATOM   74   C CG    . ASP A 1 11  ? 10.725  15.285  1.500   1.00 47.66 ? 11  ASP A CG    1 
ATOM   75   O OD1   . ASP A 1 11  ? 10.367  16.311  0.884   1.00 47.74 ? 11  ASP A OD1   1 
ATOM   76   O OD2   . ASP A 1 11  ? 11.558  15.267  2.543   1.00 49.24 ? 11  ASP A OD2   1 
ATOM   77   N N     . ARG A 1 12  ? 7.185   11.965  0.471   1.00 12.16 ? 12  ARG A N     1 
ATOM   78   C CA    . ARG A 1 12  ? 6.745   10.736  -0.180  1.00 13.77 ? 12  ARG A CA    1 
ATOM   79   C C     . ARG A 1 12  ? 7.536   9.482   0.155   1.00 11.85 ? 12  ARG A C     1 
ATOM   80   O O     . ARG A 1 12  ? 7.358   8.487   -0.527  1.00 14.78 ? 12  ARG A O     1 
ATOM   81   C CB    . ARG A 1 12  ? 6.575   10.872  -1.682  1.00 18.12 ? 12  ARG A CB    1 
ATOM   82   C CG    . ARG A 1 12  ? 5.555   11.968  -2.113  1.00 29.58 ? 12  ARG A CG    1 
ATOM   83   C CD    . ARG A 1 12  ? 5.002   11.865  -3.528  1.00 28.01 ? 12  ARG A CD    1 
ATOM   84   N NE    . ARG A 1 12  ? 6.096   11.503  -4.377  1.00 37.65 ? 12  ARG A NE    1 
ATOM   85   C CZ    . ARG A 1 12  ? 7.041   12.292  -4.806  1.00 35.57 ? 12  ARG A CZ    1 
ATOM   86   N NH1   . ARG A 1 12  ? 7.124   13.577  -4.551  1.00 27.44 ? 12  ARG A NH1   1 
ATOM   87   N NH2   . ARG A 1 12  ? 7.957   11.727  -5.544  1.00 37.71 ? 12  ARG A NH2   1 
ATOM   88   N N     . VAL A 1 13  ? 8.375   9.594   1.164   1.00 13.46 ? 13  VAL A N     1 
ATOM   89   C CA    . VAL A 1 13  ? 9.160   8.446   1.635   1.00 18.22 ? 13  VAL A CA    1 
ATOM   90   C C     . VAL A 1 13  ? 8.263   7.322   2.166   1.00 19.58 ? 13  VAL A C     1 
ATOM   91   O O     . VAL A 1 13  ? 7.433   7.481   3.070   1.00 15.05 ? 13  VAL A O     1 
ATOM   92   C CB    . VAL A 1 13  ? 10.088  8.842   2.764   1.00 22.43 ? 13  VAL A CB    1 
ATOM   93   C CG1   . VAL A 1 13  ? 10.752  7.578   3.311   1.00 10.77 ? 13  VAL A CG1   1 
ATOM   94   C CG2   . VAL A 1 13  ? 11.085  9.863   2.208   1.00 25.02 ? 13  VAL A CG2   1 
ATOM   95   N N     . ILE A 1 14  ? 8.384   6.112   1.598   1.00 14.05 ? 14  ILE A N     1 
ATOM   96   C CA    . ILE A 1 14  ? 7.581   5.010   2.054   1.00 16.28 ? 14  ILE A CA    1 
ATOM   97   C C     . ILE A 1 14  ? 8.448   3.892   2.644   1.00 15.61 ? 14  ILE A C     1 
ATOM   98   O O     . ILE A 1 14  ? 7.921   2.981   3.206   1.00 14.52 ? 14  ILE A O     1 
ATOM   99   C CB    . ILE A 1 14  ? 6.589   4.406   0.955   1.00 24.40 ? 14  ILE A CB    1 
ATOM   100  C CG1   . ILE A 1 14  ? 7.272   4.061   -0.387  1.00 26.42 ? 14  ILE A CG1   1 
ATOM   101  C CG2   . ILE A 1 14  ? 5.346   5.280   0.727   1.00 12.13 ? 14  ILE A CG2   1 
ATOM   102  C CD1   . ILE A 1 14  ? 6.469   3.213   -1.414  1.00 28.73 ? 14  ILE A CD1   1 
ATOM   103  N N     . GLY A 1 15  ? 9.763   3.931   2.500   1.00 16.10 ? 15  GLY A N     1 
ATOM   104  C CA    . GLY A 1 15  ? 10.557  2.827   3.063   1.00 15.28 ? 15  GLY A CA    1 
ATOM   105  C C     . GLY A 1 15  ? 12.021  3.167   3.060   1.00 15.14 ? 15  GLY A C     1 
ATOM   106  O O     . GLY A 1 15  ? 12.467  4.100   2.423   1.00 16.08 ? 15  GLY A O     1 
ATOM   107  N N     . MET A 1 16  ? 12.766  2.407   3.809   1.00 18.47 ? 16  MET A N     1 
ATOM   108  C CA    . MET A 1 16  ? 14.229  2.556   3.958   1.00 20.13 ? 16  MET A CA    1 
ATOM   109  C C     . MET A 1 16  ? 14.802  1.196   4.233   1.00 17.03 ? 16  MET A C     1 
ATOM   110  O O     . MET A 1 16  ? 14.066  0.219   4.364   1.00 16.37 ? 16  MET A O     1 
ATOM   111  C CB    . MET A 1 16  ? 14.653  3.512   5.060   1.00 19.27 ? 16  MET A CB    1 
ATOM   112  C CG    . MET A 1 16  ? 13.592  3.724   6.081   1.00 35.38 ? 16  MET A CG    1 
ATOM   113  S SD    . MET A 1 16  ? 14.333  4.056   7.685   1.00 63.31 ? 16  MET A SD    1 
ATOM   114  C CE    . MET A 1 16  ? 15.746  2.903   7.587   1.00 44.77 ? 16  MET A CE    1 
ATOM   115  N N     . GLU A 1 17  ? 16.104  1.073   4.337   1.00 22.74 ? 17  GLU A N     1 
ATOM   116  C CA    . GLU A 1 17  ? 16.674  -0.252  4.603   1.00 22.87 ? 17  GLU A CA    1 
ATOM   117  C C     . GLU A 1 17  ? 16.179  -0.897  5.891   1.00 23.37 ? 17  GLU A C     1 
ATOM   118  O O     . GLU A 1 17  ? 15.775  -2.081  5.909   1.00 27.74 ? 17  GLU A O     1 
ATOM   119  C CB    . GLU A 1 17  ? 18.216  -0.190  4.613   0.00 20.45 ? 17  GLU A CB    1 
ATOM   120  C CG    . GLU A 1 17  ? 18.892  -1.557  4.856   0.00 20.02 ? 17  GLU A CG    1 
ATOM   121  C CD    . GLU A 1 17  ? 20.399  -1.513  4.839   0.00 20.00 ? 17  GLU A CD    1 
ATOM   122  O OE1   . GLU A 1 17  ? 20.881  -0.316  4.607   0.00 20.00 ? 17  GLU A OE1   1 
ATOM   123  O OE2   . GLU A 1 17  ? 21.094  -2.495  5.031   0.00 20.00 ? 17  GLU A OE2   1 
ATOM   124  N N     . ASN A 1 18  ? 16.222  -0.109  6.998   1.00 20.65 ? 18  ASN A N     1 
ATOM   125  C CA    . ASN A 1 18  ? 15.785  -0.664  8.308   1.00 26.11 ? 18  ASN A CA    1 
ATOM   126  C C     . ASN A 1 18  ? 14.343  -0.326  8.602   1.00 24.75 ? 18  ASN A C     1 
ATOM   127  O O     . ASN A 1 18  ? 13.720  0.433   7.870   1.00 18.65 ? 18  ASN A O     1 
ATOM   128  C CB    . ASN A 1 18  ? 16.685  -0.118  9.445   1.00 26.67 ? 18  ASN A CB    1 
ATOM   129  C CG    . ASN A 1 18  ? 18.167  -0.292  9.058   1.00 38.66 ? 18  ASN A CG    1 
ATOM   130  O OD1   . ASN A 1 18  ? 19.005  0.669   9.057   1.00 41.34 ? 18  ASN A OD1   1 
ATOM   131  N ND2   . ASN A 1 18  ? 18.463  -1.528  8.621   1.00 24.06 ? 18  ASN A ND2   1 
ATOM   132  N N     . ALA A 1 19  ? 13.837  -0.864  9.681   1.00 16.62 ? 19  ALA A N     1 
ATOM   133  C CA    . ALA A 1 19  ? 12.459  -0.564  10.059  1.00 19.14 ? 19  ALA A CA    1 
ATOM   134  C C     . ALA A 1 19  ? 12.253  0.959   10.210  1.00 20.52 ? 19  ALA A C     1 
ATOM   135  O O     . ALA A 1 19  ? 13.131  1.687   10.610  1.00 16.38 ? 19  ALA A O     1 
ATOM   136  C CB    . ALA A 1 19  ? 12.311  -1.245  11.419  1.00 18.15 ? 19  ALA A CB    1 
ATOM   137  N N     . MET A 1 20  ? 11.062  1.495   9.907   1.00 18.66 ? 20  MET A N     1 
ATOM   138  C CA    . MET A 1 20  ? 10.804  2.900   10.043  1.00 18.69 ? 20  MET A CA    1 
ATOM   139  C C     . MET A 1 20  ? 10.747  3.246   11.535  1.00 14.08 ? 20  MET A C     1 
ATOM   140  O O     . MET A 1 20  ? 10.290  2.450   12.344  1.00 14.93 ? 20  MET A O     1 
ATOM   141  C CB    . MET A 1 20  ? 9.400   3.051   9.445   1.00 22.43 ? 20  MET A CB    1 
ATOM   142  C CG    . MET A 1 20  ? 9.455   2.696   7.972   1.00 28.00 ? 20  MET A CG    1 
ATOM   143  S SD    . MET A 1 20  ? 10.701  3.749   7.204   1.00 43.21 ? 20  MET A SD    1 
ATOM   144  C CE    . MET A 1 20  ? 9.810   5.267   6.834   1.00 47.99 ? 20  MET A CE    1 
ATOM   145  N N     . PRO A 1 21  ? 11.216  4.434   11.881  1.00 14.00 ? 21  PRO A N     1 
ATOM   146  C CA    . PRO A 1 21  ? 11.287  4.952   13.241  1.00 23.57 ? 21  PRO A CA    1 
ATOM   147  C C     . PRO A 1 21  ? 9.941   5.567   13.701  1.00 32.93 ? 21  PRO A C     1 
ATOM   148  O O     . PRO A 1 21  ? 9.876   6.772   14.030  1.00 24.65 ? 21  PRO A O     1 
ATOM   149  C CB    . PRO A 1 21  ? 12.203  6.154   13.124  1.00 18.49 ? 21  PRO A CB    1 
ATOM   150  C CG    . PRO A 1 21  ? 11.942  6.661   11.730  1.00 22.79 ? 21  PRO A CG    1 
ATOM   151  C CD    . PRO A 1 21  ? 11.785  5.384   10.926  1.00 15.87 ? 21  PRO A CD    1 
ATOM   152  N N     . TRP A 1 22  ? 8.919   4.744   13.703  1.00 21.63 ? 22  TRP A N     1 
ATOM   153  C CA    . TRP A 1 22  ? 7.600   5.158   14.116  1.00 33.06 ? 22  TRP A CA    1 
ATOM   154  C C     . TRP A 1 22  ? 6.796   3.959   14.509  1.00 30.27 ? 22  TRP A C     1 
ATOM   155  O O     . TRP A 1 22  ? 7.192   2.878   14.160  1.00 27.17 ? 22  TRP A O     1 
ATOM   156  C CB    . TRP A 1 22  ? 6.859   6.098   13.157  1.00 23.52 ? 22  TRP A CB    1 
ATOM   157  C CG    . TRP A 1 22  ? 6.481   5.474   11.890  1.00 22.14 ? 22  TRP A CG    1 
ATOM   158  C CD1   . TRP A 1 22  ? 5.813   4.309   11.721  1.00 30.46 ? 22  TRP A CD1   1 
ATOM   159  C CD2   . TRP A 1 22  ? 6.764   5.958   10.590  1.00 17.09 ? 22  TRP A CD2   1 
ATOM   160  N NE1   . TRP A 1 22  ? 5.648   4.067   10.382  1.00 29.43 ? 22  TRP A NE1   1 
ATOM   161  C CE2   . TRP A 1 22  ? 6.227   5.036   9.672   1.00 15.11 ? 22  TRP A CE2   1 
ATOM   162  C CE3   . TRP A 1 22  ? 7.425   7.052   10.104  1.00 25.90 ? 22  TRP A CE3   1 
ATOM   163  C CZ2   . TRP A 1 22  ? 6.310   5.168   8.320   1.00 20.75 ? 22  TRP A CZ2   1 
ATOM   164  C CZ3   . TRP A 1 22  ? 7.470   7.187   8.732   1.00 30.22 ? 22  TRP A CZ3   1 
ATOM   165  C CH2   . TRP A 1 22  ? 6.925   6.255   7.853   1.00 23.95 ? 22  TRP A CH2   1 
ATOM   166  N N     . ASN A 1 23  ? 5.709   4.177   15.229  1.00 22.44 ? 23  ASN A N     1 
ATOM   167  C CA    . ASN A 1 23  ? 4.844   3.123   15.687  1.00 21.37 ? 23  ASN A CA    1 
ATOM   168  C C     . ASN A 1 23  ? 3.436   3.682   15.511  1.00 15.93 ? 23  ASN A C     1 
ATOM   169  O O     . ASN A 1 23  ? 3.108   4.582   16.266  1.00 17.77 ? 23  ASN A O     1 
ATOM   170  C CB    . ASN A 1 23  ? 5.179   2.981   17.168  1.00 26.83 ? 23  ASN A CB    1 
ATOM   171  C CG    . ASN A 1 23  ? 5.251   1.556   17.553  1.00 40.86 ? 23  ASN A CG    1 
ATOM   172  O OD1   . ASN A 1 23  ? 6.184   1.125   18.229  1.00 54.40 ? 23  ASN A OD1   1 
ATOM   173  N ND2   . ASN A 1 23  ? 4.402   0.787   16.915  1.00 41.04 ? 23  ASN A ND2   1 
ATOM   174  N N     . LEU A 1 24  ? 2.689   3.173   14.535  1.00 14.56 ? 24  LEU A N     1 
ATOM   175  C CA    . LEU A 1 24  ? 1.353   3.656   14.229  1.00 14.70 ? 24  LEU A CA    1 
ATOM   176  C C     . LEU A 1 24  ? 0.345   2.571   14.095  1.00 14.25 ? 24  LEU A C     1 
ATOM   177  O O     . LEU A 1 24  ? -0.137  2.238   13.021  1.00 21.10 ? 24  LEU A O     1 
ATOM   178  C CB    . LEU A 1 24  ? 1.373   4.519   12.955  1.00 18.80 ? 24  LEU A CB    1 
ATOM   179  C CG    . LEU A 1 24  ? 2.407   5.669   12.926  1.00 27.27 ? 24  LEU A CG    1 
ATOM   180  C CD1   . LEU A 1 24  ? 2.567   6.241   11.504  1.00 30.41 ? 24  LEU A CD1   1 
ATOM   181  C CD2   . LEU A 1 24  ? 2.107   6.802   13.904  1.00 22.43 ? 24  LEU A CD2   1 
ATOM   182  N N     . PRO A 1 25  ? 0.015   2.007   15.229  1.00 22.33 ? 25  PRO A N     1 
ATOM   183  C CA    . PRO A 1 25  ? -0.952  0.970   15.288  1.00 18.05 ? 25  PRO A CA    1 
ATOM   184  C C     . PRO A 1 25  ? -2.311  1.387   14.629  1.00 20.83 ? 25  PRO A C     1 
ATOM   185  O O     . PRO A 1 25  ? -3.005  0.576   14.032  1.00 16.30 ? 25  PRO A O     1 
ATOM   186  C CB    . PRO A 1 25  ? -1.197  0.757   16.790  1.00 18.75 ? 25  PRO A CB    1 
ATOM   187  C CG    . PRO A 1 25  ? -0.308  1.682   17.588  1.00 19.48 ? 25  PRO A CG    1 
ATOM   188  C CD    . PRO A 1 25  ? 0.607   2.332   16.580  1.00 15.50 ? 25  PRO A CD    1 
ATOM   189  N N     . ALA A 1 26  ? -2.687  2.649   14.755  1.00 12.65 ? 26  ALA A N     1 
ATOM   190  C CA    . ALA A 1 26  ? -3.937  3.094   14.181  1.00 17.59 ? 26  ALA A CA    1 
ATOM   191  C C     . ALA A 1 26  ? -3.870  2.967   12.697  1.00 18.99 ? 26  ALA A C     1 
ATOM   192  O O     . ALA A 1 26  ? -4.841  2.617   12.029  1.00 15.06 ? 26  ALA A O     1 
ATOM   193  C CB    . ALA A 1 26  ? -4.091  4.596   14.430  1.00 14.91 ? 26  ALA A CB    1 
ATOM   194  N N     . ASP A 1 27  ? -2.710  3.267   12.169  1.00 13.09 ? 27  ASP A N     1 
ATOM   195  C CA    . ASP A 1 27  ? -2.603  3.166   10.715  1.00 21.16 ? 27  ASP A CA    1 
ATOM   196  C C     . ASP A 1 27  ? -2.734  1.714   10.272  1.00 18.34 ? 27  ASP A C     1 
ATOM   197  O O     . ASP A 1 27  ? -3.404  1.319   9.313   1.00 12.62 ? 27  ASP A O     1 
ATOM   198  C CB    . ASP A 1 27  ? -1.369  3.915   10.184  1.00 26.75 ? 27  ASP A CB    1 
ATOM   199  C CG    . ASP A 1 27  ? -1.125  3.643   8.738   1.00 29.58 ? 27  ASP A CG    1 
ATOM   200  O OD1   . ASP A 1 27  ? -1.913  3.922   7.851   1.00 26.60 ? 27  ASP A OD1   1 
ATOM   201  O OD2   . ASP A 1 27  ? -0.067  2.910   8.571   1.00 19.28 ? 27  ASP A OD2   1 
ATOM   202  N N     . LEU A 1 28  ? -2.074  0.865   11.043  1.00 22.19 ? 28  LEU A N     1 
ATOM   203  C CA    . LEU A 1 28  ? -2.212  -0.499  10.693  1.00 24.84 ? 28  LEU A CA    1 
ATOM   204  C C     . LEU A 1 28  ? -3.678  -0.951  10.911  1.00 20.78 ? 28  LEU A C     1 
ATOM   205  O O     . LEU A 1 28  ? -4.128  -1.842  10.194  1.00 18.99 ? 28  LEU A O     1 
ATOM   206  C CB    . LEU A 1 28  ? -1.227  -1.387  11.449  1.00 35.46 ? 28  LEU A CB    1 
ATOM   207  C CG    . LEU A 1 28  ? 0.171   -1.339  10.825  1.00 43.36 ? 28  LEU A CG    1 
ATOM   208  C CD1   . LEU A 1 28  ? 0.906   -2.468  11.465  1.00 48.21 ? 28  LEU A CD1   1 
ATOM   209  C CD2   . LEU A 1 28  ? 0.171   -1.672  9.330   1.00 42.08 ? 28  LEU A CD2   1 
ATOM   210  N N     . ALA A 1 29  ? -4.470  -0.393  11.862  1.00 19.87 ? 29  ALA A N     1 
ATOM   211  C CA    . ALA A 1 29  ? -5.885  -0.874  11.976  1.00 19.20 ? 29  ALA A CA    1 
ATOM   212  C C     . ALA A 1 29  ? -6.643  -0.461  10.683  1.00 14.63 ? 29  ALA A C     1 
ATOM   213  O O     . ALA A 1 29  ? -7.541  -1.131  10.121  1.00 18.05 ? 29  ALA A O     1 
ATOM   214  C CB    . ALA A 1 29  ? -6.591  -0.325  13.224  1.00 17.95 ? 29  ALA A CB    1 
ATOM   215  N N     . TRP A 1 30  ? -6.266  0.715   10.175  1.00 14.51 ? 30  TRP A N     1 
ATOM   216  C CA    . TRP A 1 30  ? -6.860  1.245   8.927   1.00 16.18 ? 30  TRP A CA    1 
ATOM   217  C C     . TRP A 1 30  ? -6.555  0.390   7.685   1.00 17.22 ? 30  TRP A C     1 
ATOM   218  O O     . TRP A 1 30  ? -7.413  0.066   6.888   1.00 15.44 ? 30  TRP A O     1 
ATOM   219  C CB    . TRP A 1 30  ? -6.217  2.581   8.727   1.00 15.67 ? 30  TRP A CB    1 
ATOM   220  C CG    . TRP A 1 30  ? -6.352  3.282   7.413   1.00 26.70 ? 30  TRP A CG    1 
ATOM   221  C CD1   . TRP A 1 30  ? -5.372  3.402   6.468   1.00 16.50 ? 30  TRP A CD1   1 
ATOM   222  C CD2   . TRP A 1 30  ? -7.492  4.041   6.906   1.00 26.68 ? 30  TRP A CD2   1 
ATOM   223  N NE1   . TRP A 1 30  ? -5.810  4.154   5.404   1.00 17.07 ? 30  TRP A NE1   1 
ATOM   224  C CE2   . TRP A 1 30  ? -7.108  4.588   5.647   1.00 16.65 ? 30  TRP A CE2   1 
ATOM   225  C CE3   . TRP A 1 30  ? -8.761  4.318   7.379   1.00 20.61 ? 30  TRP A CE3   1 
ATOM   226  C CZ2   . TRP A 1 30  ? -7.961  5.399   4.862   1.00 27.96 ? 30  TRP A CZ2   1 
ATOM   227  C CZ3   . TRP A 1 30  ? -9.563  5.129   6.584   1.00 21.40 ? 30  TRP A CZ3   1 
ATOM   228  C CH2   . TRP A 1 30  ? -9.205  5.663   5.344   1.00 13.89 ? 30  TRP A CH2   1 
ATOM   229  N N     . PHE A 1 31  ? -5.280  0.037   7.543   1.00 12.28 ? 31  PHE A N     1 
ATOM   230  C CA    . PHE A 1 31  ? -4.852  -0.780  6.464   1.00 11.17 ? 31  PHE A CA    1 
ATOM   231  C C     . PHE A 1 31  ? -5.624  -2.050  6.431   1.00 12.23 ? 31  PHE A C     1 
ATOM   232  O O     . PHE A 1 31  ? -6.143  -2.527  5.435   1.00 14.41 ? 31  PHE A O     1 
ATOM   233  C CB    . PHE A 1 31  ? -3.340  -1.116  6.655   1.00 21.05 ? 31  PHE A CB    1 
ATOM   234  C CG    . PHE A 1 31  ? -2.821  -2.163  5.659   1.00 15.31 ? 31  PHE A CG    1 
ATOM   235  C CD1   . PHE A 1 31  ? -2.324  -1.784  4.411   1.00 15.54 ? 31  PHE A CD1   1 
ATOM   236  C CD2   . PHE A 1 31  ? -2.832  -3.515  5.974   1.00 15.20 ? 31  PHE A CD2   1 
ATOM   237  C CE1   . PHE A 1 31  ? -1.863  -2.741  3.498   1.00 16.67 ? 31  PHE A CE1   1 
ATOM   238  C CE2   . PHE A 1 31  ? -2.369  -4.486  5.100   1.00 16.43 ? 31  PHE A CE2   1 
ATOM   239  C CZ    . PHE A 1 31  ? -1.900  -4.087  3.855   1.00 17.69 ? 31  PHE A CZ    1 
ATOM   240  N N     . LYS A 1 32  ? -5.740  -2.704  7.562   1.00 13.89 ? 32  LYS A N     1 
ATOM   241  C CA    . LYS A 1 32  ? -6.439  -3.932  7.623   1.00 18.36 ? 32  LYS A CA    1 
ATOM   242  C C     . LYS A 1 32  ? -7.918  -3.803  7.337   1.00 25.20 ? 32  LYS A C     1 
ATOM   243  O O     . LYS A 1 32  ? -8.496  -4.638  6.587   1.00 19.87 ? 32  LYS A O     1 
ATOM   244  C CB    . LYS A 1 32  ? -6.192  -4.406  9.009   1.00 25.25 ? 32  LYS A CB    1 
ATOM   245  C CG    . LYS A 1 32  ? -6.838  -5.688  9.410   1.00 42.48 ? 32  LYS A CG    1 
ATOM   246  C CD    . LYS A 1 32  ? -6.001  -6.195  10.570  1.00 48.88 ? 32  LYS A CD    1 
ATOM   247  C CE    . LYS A 1 32  ? -6.781  -6.863  11.648  1.00 58.82 ? 32  LYS A CE    1 
ATOM   248  N NZ    . LYS A 1 32  ? -6.196  -6.564  12.970  1.00 68.38 ? 32  LYS A NZ    1 
ATOM   249  N N     . ARG A 1 33  ? -8.503  -2.754  7.924   1.00 17.55 ? 33  ARG A N     1 
ATOM   250  C CA    . ARG A 1 33  ? -9.917  -2.510  7.710   1.00 14.08 ? 33  ARG A CA    1 
ATOM   251  C C     . ARG A 1 33  ? -10.153 -2.369  6.247   1.00 14.78 ? 33  ARG A C     1 
ATOM   252  O O     . ARG A 1 33  ? -11.085 -3.003  5.758   1.00 21.67 ? 33  ARG A O     1 
ATOM   253  C CB    . ARG A 1 33  ? -10.270 -1.180  8.349   1.00 30.13 ? 33  ARG A CB    1 
ATOM   254  C CG    . ARG A 1 33  ? -11.771 -0.824  8.391   1.00 41.17 ? 33  ARG A CG    1 
ATOM   255  C CD    . ARG A 1 33  ? -12.246 -0.046  9.662   1.00 55.72 ? 33  ARG A CD    1 
ATOM   256  N NE    . ARG A 1 33  ? -11.670 1.331   9.878   1.00 66.02 ? 33  ARG A NE    1 
ATOM   257  C CZ    . ARG A 1 33  ? -10.664 1.771   10.755  1.00 66.35 ? 33  ARG A CZ    1 
ATOM   258  N NH1   . ARG A 1 33  ? -10.007 0.964   11.614  1.00 61.53 ? 33  ARG A NH1   1 
ATOM   259  N NH2   . ARG A 1 33  ? -10.295 3.082   10.773  1.00 60.26 ? 33  ARG A NH2   1 
ATOM   260  N N     . ASN A 1 34  ? -9.317  -1.526  5.545   1.00 14.12 ? 34  ASN A N     1 
ATOM   261  C CA    . ASN A 1 34  ? -9.476  -1.296  4.110   1.00 12.29 ? 34  ASN A CA    1 
ATOM   262  C C     . ASN A 1 34  ? -9.066  -2.453  3.173   1.00 16.38 ? 34  ASN A C     1 
ATOM   263  O O     . ASN A 1 34  ? -9.401  -2.459  2.007   1.00 26.03 ? 34  ASN A O     1 
ATOM   264  C CB    . ASN A 1 34  ? -8.818  0.030   3.660   1.00 16.05 ? 34  ASN A CB    1 
ATOM   265  C CG    . ASN A 1 34  ? -9.563  1.241   4.128   1.00 22.65 ? 34  ASN A CG    1 
ATOM   266  O OD1   . ASN A 1 34  ? -10.764 1.379   3.846   1.00 22.08 ? 34  ASN A OD1   1 
ATOM   267  N ND2   . ASN A 1 34  ? -8.870  2.109   4.868   1.00 19.51 ? 34  ASN A ND2   1 
ATOM   268  N N     . THR A 1 35  ? -8.327  -3.435  3.618   1.00 13.20 ? 35  THR A N     1 
ATOM   269  C CA    . THR A 1 35  ? -7.949  -4.500  2.702   1.00 15.30 ? 35  THR A CA    1 
ATOM   270  C C     . THR A 1 35  ? -8.562  -5.844  2.889   1.00 15.43 ? 35  THR A C     1 
ATOM   271  O O     . THR A 1 35  ? -8.507  -6.738  2.040   1.00 23.05 ? 35  THR A O     1 
ATOM   272  C CB    . THR A 1 35  ? -6.397  -4.638  2.792   1.00 21.87 ? 35  THR A CB    1 
ATOM   273  O OG1   . THR A 1 35  ? -6.093  -4.947  4.133   1.00 16.13 ? 35  THR A OG1   1 
ATOM   274  C CG2   . THR A 1 35  ? -5.686  -3.336  2.337   1.00 9.17  ? 35  THR A CG2   1 
ATOM   275  N N     . LEU A 1 36  ? -9.146  -6.037  4.019   1.00 19.63 ? 36  LEU A N     1 
ATOM   276  C CA    . LEU A 1 36  ? -9.737  -7.286  4.278   1.00 18.90 ? 36  LEU A CA    1 
ATOM   277  C C     . LEU A 1 36  ? -10.772 -7.699  3.260   1.00 17.39 ? 36  LEU A C     1 
ATOM   278  O O     . LEU A 1 36  ? -11.548 -6.867  2.779   1.00 19.77 ? 36  LEU A O     1 
ATOM   279  C CB    . LEU A 1 36  ? -10.365 -7.150  5.628   1.00 21.26 ? 36  LEU A CB    1 
ATOM   280  C CG    . LEU A 1 36  ? -10.337 -8.377  6.479   1.00 33.84 ? 36  LEU A CG    1 
ATOM   281  C CD1   . LEU A 1 36  ? -9.021  -9.155  6.350   1.00 34.44 ? 36  LEU A CD1   1 
ATOM   282  C CD2   . LEU A 1 36  ? -10.533 -7.858  7.890   1.00 29.88 ? 36  LEU A CD2   1 
ATOM   283  N N     . ASP A 1 37  ? -10.691 -8.999  2.986   1.00 12.71 ? 37  ASP A N     1 
ATOM   284  C CA    . ASP A 1 37  ? -11.517 -9.782  2.067   1.00 10.12 ? 37  ASP A CA    1 
ATOM   285  C C     . ASP A 1 37  ? -11.414 -9.286  0.677   1.00 12.39 ? 37  ASP A C     1 
ATOM   286  O O     . ASP A 1 37  ? -12.357 -9.437  -0.143  1.00 22.56 ? 37  ASP A O     1 
ATOM   287  C CB    . ASP A 1 37  ? -12.973 -9.859  2.466   1.00 17.76 ? 37  ASP A CB    1 
ATOM   288  C CG    . ASP A 1 37  ? -13.210 -10.314 3.876   1.00 18.07 ? 37  ASP A CG    1 
ATOM   289  O OD1   . ASP A 1 37  ? -12.944 -11.405 4.359   1.00 30.62 ? 37  ASP A OD1   1 
ATOM   290  O OD2   . ASP A 1 37  ? -13.752 -9.340  4.520   1.00 33.91 ? 37  ASP A OD2   1 
ATOM   291  N N     . LYS A 1 38  ? -10.294 -8.670  0.368   1.00 7.28  ? 38  LYS A N     1 
ATOM   292  C CA    . LYS A 1 38  ? -10.079 -8.173  -0.985  1.00 13.80 ? 38  LYS A CA    1 
ATOM   293  C C     . LYS A 1 38  ? -8.720  -8.795  -1.420  1.00 20.52 ? 38  LYS A C     1 
ATOM   294  O O     . LYS A 1 38  ? -7.980  -9.218  -0.537  1.00 22.13 ? 38  LYS A O     1 
ATOM   295  C CB    . LYS A 1 38  ? -9.902  -6.644  -1.099  1.00 18.69 ? 38  LYS A CB    1 
ATOM   296  C CG    . LYS A 1 38  ? -11.120 -5.866  -0.707  1.00 11.93 ? 38  LYS A CG    1 
ATOM   297  C CD    . LYS A 1 38  ? -10.851 -4.420  -0.420  1.00 15.52 ? 38  LYS A CD    1 
ATOM   298  C CE    . LYS A 1 38  ? -12.131 -3.626  -0.118  1.00 19.25 ? 38  LYS A CE    1 
ATOM   299  N NZ    . LYS A 1 38  ? -11.846 -2.243  0.362   1.00 17.02 ? 38  LYS A NZ    1 
ATOM   300  N N     . PRO A 1 39  ? -8.387  -8.875  -2.724  1.00 24.93 ? 39  PRO A N     1 
ATOM   301  C CA    . PRO A 1 39  ? -7.082  -9.440  -3.065  1.00 19.74 ? 39  PRO A CA    1 
ATOM   302  C C     . PRO A 1 39  ? -6.117  -8.256  -3.009  1.00 23.80 ? 39  PRO A C     1 
ATOM   303  O O     . PRO A 1 39  ? -6.468  -7.100  -3.331  1.00 20.71 ? 39  PRO A O     1 
ATOM   304  C CB    . PRO A 1 39  ? -7.155  -9.971  -4.467  1.00 14.38 ? 39  PRO A CB    1 
ATOM   305  C CG    . PRO A 1 39  ? -8.353  -9.302  -5.095  1.00 24.16 ? 39  PRO A CG    1 
ATOM   306  C CD    . PRO A 1 39  ? -9.263  -8.890  -3.950  1.00 21.13 ? 39  PRO A CD    1 
ATOM   307  N N     . VAL A 1 40  ? -4.875  -8.557  -2.569  1.00 17.45 ? 40  VAL A N     1 
ATOM   308  C CA    . VAL A 1 40  ? -3.807  -7.591  -2.447  1.00 14.06 ? 40  VAL A CA    1 
ATOM   309  C C     . VAL A 1 40  ? -2.649  -8.094  -3.288  1.00 21.60 ? 40  VAL A C     1 
ATOM   310  O O     . VAL A 1 40  ? -2.306  -9.303  -3.254  1.00 18.90 ? 40  VAL A O     1 
ATOM   311  C CB    . VAL A 1 40  ? -3.341  -7.433  -0.992  1.00 12.72 ? 40  VAL A CB    1 
ATOM   312  C CG1   . VAL A 1 40  ? -4.529  -7.189  -0.051  1.00 18.47 ? 40  VAL A CG1   1 
ATOM   313  C CG2   . VAL A 1 40  ? -2.697  -8.740  -0.544  1.00 16.98 ? 40  VAL A CG2   1 
ATOM   314  N N     . ILE A 1 41  ? -2.135  -7.128  -4.025  1.00 15.84 ? 41  ILE A N     1 
ATOM   315  C CA    . ILE A 1 41  ? -1.005  -7.225  -4.921  1.00 13.81 ? 41  ILE A CA    1 
ATOM   316  C C     . ILE A 1 41  ? 0.156   -6.497  -4.347  1.00 6.79  ? 41  ILE A C     1 
ATOM   317  O O     . ILE A 1 41  ? 0.183   -5.329  -3.950  1.00 12.40 ? 41  ILE A O     1 
ATOM   318  C CB    . ILE A 1 41  ? -1.219  -6.766  -6.348  1.00 11.17 ? 41  ILE A CB    1 
ATOM   319  C CG1   . ILE A 1 41  ? -2.383  -7.558  -6.957  1.00 10.57 ? 41  ILE A CG1   1 
ATOM   320  C CG2   . ILE A 1 41  ? 0.064   -6.686  -7.235  1.00 13.30 ? 41  ILE A CG2   1 
ATOM   321  C CD1   . ILE A 1 41  ? -2.887  -6.710  -8.105  1.00 13.55 ? 41  ILE A CD1   1 
ATOM   322  N N     . MET A 1 42  ? 1.300   -7.294  -4.316  1.00 11.41 ? 42  MET A N     1 
ATOM   323  C CA    . MET A 1 42  ? 2.512   -6.691  -3.789  1.00 10.71 ? 42  MET A CA    1 
ATOM   324  C C     . MET A 1 42  ? 3.764   -7.235  -4.494  1.00 14.01 ? 42  MET A C     1 
ATOM   325  O O     . MET A 1 42  ? 3.684   -8.316  -5.095  1.00 14.46 ? 42  MET A O     1 
ATOM   326  C CB    . MET A 1 42  ? 2.621   -7.051  -2.297  1.00 9.05  ? 42  MET A CB    1 
ATOM   327  C CG    . MET A 1 42  ? 3.000   -8.518  -2.032  1.00 16.56 ? 42  MET A CG    1 
ATOM   328  S SD    . MET A 1 42  ? 2.823   -8.998  -0.280  1.00 19.17 ? 42  MET A SD    1 
ATOM   329  C CE    . MET A 1 42  ? 1.166   -9.610  -0.292  1.00 11.54 ? 42  MET A CE    1 
ATOM   330  N N     . GLY A 1 43  ? 4.838   -6.465  -4.377  1.00 13.35 ? 43  GLY A N     1 
ATOM   331  C CA    . GLY A 1 43  ? 6.168   -6.771  -4.921  1.00 14.21 ? 43  GLY A CA    1 
ATOM   332  C C     . GLY A 1 43  ? 6.884   -7.803  -4.029  1.00 16.37 ? 43  GLY A C     1 
ATOM   333  O O     . GLY A 1 43  ? 6.565   -7.984  -2.825  1.00 8.80  ? 43  GLY A O     1 
ATOM   334  N N     . ARG A 1 44  ? 7.871   -8.509  -4.627  1.00 12.14 ? 44  ARG A N     1 
ATOM   335  C CA    . ARG A 1 44  ? 8.584   -9.551  -3.821  1.00 13.41 ? 44  ARG A CA    1 
ATOM   336  C C     . ARG A 1 44  ? 9.237   -8.912  -2.560  1.00 12.13 ? 44  ARG A C     1 
ATOM   337  O O     . ARG A 1 44  ? 9.235   -9.473  -1.455  1.00 18.24 ? 44  ARG A O     1 
ATOM   338  C CB    . ARG A 1 44  ? 9.653   -10.195 -4.668  1.00 18.34 ? 44  ARG A CB    1 
ATOM   339  C CG    . ARG A 1 44  ? 10.044  -11.545 -4.099  1.00 23.49 ? 44  ARG A CG    1 
ATOM   340  C CD    . ARG A 1 44  ? 11.512  -11.607 -3.759  1.00 21.94 ? 44  ARG A CD    1 
ATOM   341  N NE    . ARG A 1 44  ? 12.402  -10.987 -4.714  1.00 25.19 ? 44  ARG A NE    1 
ATOM   342  C CZ    . ARG A 1 44  ? 13.586  -10.496 -4.360  1.00 32.56 ? 44  ARG A CZ    1 
ATOM   343  N NH1   . ARG A 1 44  ? 14.041  -10.530 -3.073  1.00 32.21 ? 44  ARG A NH1   1 
ATOM   344  N NH2   . ARG A 1 44  ? 14.320  -9.937  -5.333  1.00 31.48 ? 44  ARG A NH2   1 
ATOM   345  N N     . HIS A 1 45  ? 9.755   -7.745  -2.725  1.00 9.12  ? 45  HIS A N     1 
ATOM   346  C CA    . HIS A 1 45  ? 10.347  -7.105  -1.569  1.00 16.01 ? 45  HIS A CA    1 
ATOM   347  C C     . HIS A 1 45  ? 9.340   -6.872  -0.415  1.00 19.98 ? 45  HIS A C     1 
ATOM   348  O O     . HIS A 1 45  ? 9.643   -7.102  0.731   1.00 21.11 ? 45  HIS A O     1 
ATOM   349  C CB    . HIS A 1 45  ? 11.054  -5.761  -1.861  1.00 21.80 ? 45  HIS A CB    1 
ATOM   350  C CG    . HIS A 1 45  ? 12.182  -5.788  -2.833  1.00 28.00 ? 45  HIS A CG    1 
ATOM   351  N ND1   . HIS A 1 45  ? 12.861  -6.977  -3.109  1.00 30.95 ? 45  HIS A ND1   1 
ATOM   352  C CD2   . HIS A 1 45  ? 12.766  -4.779  -3.567  1.00 33.60 ? 45  HIS A CD2   1 
ATOM   353  C CE1   . HIS A 1 45  ? 13.816  -6.694  -3.999  1.00 31.78 ? 45  HIS A CE1   1 
ATOM   354  N NE2   . HIS A 1 45  ? 13.794  -5.386  -4.290  1.00 39.21 ? 45  HIS A NE2   1 
ATOM   355  N N     . THR A 1 46  ? 8.148   -6.398  -0.712  1.00 20.33 ? 46  THR A N     1 
ATOM   356  C CA    . THR A 1 46  ? 7.200   -6.156  0.338   1.00 14.41 ? 46  THR A CA    1 
ATOM   357  C C     . THR A 1 46  ? 6.817   -7.438  1.020   1.00 20.17 ? 46  THR A C     1 
ATOM   358  O O     . THR A 1 46  ? 6.629   -7.546  2.225   1.00 18.37 ? 46  THR A O     1 
ATOM   359  C CB    . THR A 1 46  ? 5.990   -5.419  -0.301  1.00 10.34 ? 46  THR A CB    1 
ATOM   360  O OG1   . THR A 1 46  ? 6.396   -4.080  -0.415  1.00 12.50 ? 46  THR A OG1   1 
ATOM   361  C CG2   . THR A 1 46  ? 4.781   -5.465  0.602   1.00 14.03 ? 46  THR A CG2   1 
ATOM   362  N N     . TRP A 1 47  ? 6.696   -8.471  0.221   1.00 19.01 ? 47  TRP A N     1 
ATOM   363  C CA    . TRP A 1 47  ? 6.328   -9.740  0.770   1.00 20.96 ? 47  TRP A CA    1 
ATOM   364  C C     . TRP A 1 47  ? 7.362   -10.240 1.780   1.00 20.90 ? 47  TRP A C     1 
ATOM   365  O O     . TRP A 1 47  ? 6.991   -10.745 2.835   1.00 17.56 ? 47  TRP A O     1 
ATOM   366  C CB    . TRP A 1 47  ? 6.189   -10.740 -0.378  1.00 13.89 ? 47  TRP A CB    1 
ATOM   367  C CG    . TRP A 1 47  ? 6.334   -12.151 0.029   1.00 18.97 ? 47  TRP A CG    1 
ATOM   368  C CD1   . TRP A 1 47  ? 7.423   -12.934 -0.181  1.00 22.17 ? 47  TRP A CD1   1 
ATOM   369  C CD2   . TRP A 1 47  ? 5.360   -12.963 0.691   1.00 17.66 ? 47  TRP A CD2   1 
ATOM   370  N NE1   . TRP A 1 47  ? 7.183   -14.193 0.331   1.00 19.00 ? 47  TRP A NE1   1 
ATOM   371  C CE2   . TRP A 1 47  ? 5.932   -14.252 0.884   1.00 23.96 ? 47  TRP A CE2   1 
ATOM   372  C CE3   . TRP A 1 47  ? 4.070   -12.725 1.169   1.00 13.23 ? 47  TRP A CE3   1 
ATOM   373  C CZ2   . TRP A 1 47  ? 5.238   -15.307 1.525   1.00 23.15 ? 47  TRP A CZ2   1 
ATOM   374  C CZ3   . TRP A 1 47  ? 3.386   -13.766 1.783   1.00 20.04 ? 47  TRP A CZ3   1 
ATOM   375  C CH2   . TRP A 1 47  ? 3.944   -15.039 1.981   1.00 26.76 ? 47  TRP A CH2   1 
ATOM   376  N N     . GLU A 1 48  ? 8.637   -10.085 1.442   1.00 13.06 ? 48  GLU A N     1 
ATOM   377  C CA    . GLU A 1 48  ? 9.584   -10.559 2.387   1.00 20.82 ? 48  GLU A CA    1 
ATOM   378  C C     . GLU A 1 48  ? 9.521   -9.741  3.609   1.00 23.47 ? 48  GLU A C     1 
ATOM   379  O O     . GLU A 1 48  ? 9.637   -10.246 4.698   1.00 28.44 ? 48  GLU A O     1 
ATOM   380  C CB    . GLU A 1 48  ? 10.979  -10.463 1.821   1.00 24.12 ? 48  GLU A CB    1 
ATOM   381  C CG    . GLU A 1 48  ? 11.123  -11.591 0.817   1.00 29.81 ? 48  GLU A CG    1 
ATOM   382  C CD    . GLU A 1 48  ? 12.402  -11.515 0.050   1.00 42.49 ? 48  GLU A CD    1 
ATOM   383  O OE1   . GLU A 1 48  ? 13.149  -10.473 0.368   1.00 49.01 ? 48  GLU A OE1   1 
ATOM   384  O OE2   . GLU A 1 48  ? 12.706  -12.343 -0.787  1.00 42.99 ? 48  GLU A OE2   1 
ATOM   385  N N     . SER A 1 49  ? 9.354   -8.465  3.473   1.00 20.06 ? 49  SER A N     1 
ATOM   386  C CA    . SER A 1 49  ? 9.313   -7.765  4.693   1.00 19.46 ? 49  SER A CA    1 
ATOM   387  C C     . SER A 1 49  ? 8.078   -8.081  5.514   1.00 25.45 ? 49  SER A C     1 
ATOM   388  O O     . SER A 1 49  ? 8.121   -7.942  6.708   1.00 30.45 ? 49  SER A O     1 
ATOM   389  C CB    . SER A 1 49  ? 9.718   -6.322  4.639   1.00 34.49 ? 49  SER A CB    1 
ATOM   390  O OG    . SER A 1 49  ? 8.609   -5.572  4.305   1.00 31.07 ? 49  SER A OG    1 
ATOM   391  N N     . ILE A 1 50  ? 6.972   -8.528  4.927   1.00 24.76 ? 50  ILE A N     1 
ATOM   392  C CA    . ILE A 1 50  ? 5.762   -8.837  5.726   1.00 28.03 ? 50  ILE A CA    1 
ATOM   393  C C     . ILE A 1 50  ? 5.975   -10.155 6.434   1.00 37.83 ? 50  ILE A C     1 
ATOM   394  O O     . ILE A 1 50  ? 5.700   -10.319 7.635   1.00 44.97 ? 50  ILE A O     1 
ATOM   395  C CB    . ILE A 1 50  ? 4.475   -8.830  4.924   1.00 27.51 ? 50  ILE A CB    1 
ATOM   396  C CG1   . ILE A 1 50  ? 4.250   -7.486  4.241   1.00 25.59 ? 50  ILE A CG1   1 
ATOM   397  C CG2   . ILE A 1 50  ? 3.234   -9.391  5.659   1.00 23.66 ? 50  ILE A CG2   1 
ATOM   398  C CD1   . ILE A 1 50  ? 2.965   -7.529  3.427   1.00 20.04 ? 50  ILE A CD1   1 
ATOM   399  N N     . GLY A 1 51  ? 6.482   -11.120 5.696   1.00 29.56 ? 51  GLY A N     1 
ATOM   400  C CA    . GLY A 1 51  ? 6.737   -12.355 6.366   1.00 24.93 ? 51  GLY A CA    1 
ATOM   401  C C     . GLY A 1 51  ? 5.836   -13.510 6.297   1.00 32.90 ? 51  GLY A C     1 
ATOM   402  O O     . GLY A 1 51  ? 6.346   -14.617 6.308   1.00 38.98 ? 51  GLY A O     1 
ATOM   403  N N     . ARG A 1 52  ? 4.557   -13.307 6.238   1.00 24.59 ? 52  ARG A N     1 
ATOM   404  C CA    . ARG A 1 52  ? 3.658   -14.427 6.187   1.00 26.72 ? 52  ARG A CA    1 
ATOM   405  C C     . ARG A 1 52  ? 2.535   -13.920 5.356   1.00 28.97 ? 52  ARG A C     1 
ATOM   406  O O     . ARG A 1 52  ? 2.509   -12.727 5.134   1.00 24.12 ? 52  ARG A O     1 
ATOM   407  C CB    . ARG A 1 52  ? 3.061   -14.626 7.568   1.00 31.78 ? 52  ARG A CB    1 
ATOM   408  C CG    . ARG A 1 52  ? 2.884   -13.268 8.272   1.00 36.43 ? 52  ARG A CG    1 
ATOM   409  C CD    . ARG A 1 52  ? 1.808   -13.285 9.358   1.00 50.85 ? 52  ARG A CD    1 
ATOM   410  N NE    . ARG A 1 52  ? 1.266   -11.945 9.664   1.00 68.48 ? 52  ARG A NE    1 
ATOM   411  C CZ    . ARG A 1 52  ? 0.091   -11.675 10.302  1.00 76.38 ? 52  ARG A CZ    1 
ATOM   412  N NH1   . ARG A 1 52  ? -0.745  -12.634 10.739  1.00 77.41 ? 52  ARG A NH1   1 
ATOM   413  N NH2   . ARG A 1 52  ? -0.264  -10.394 10.509  1.00 77.04 ? 52  ARG A NH2   1 
ATOM   414  N N     . PRO A 1 53  ? 1.629   -14.749 4.944   1.00 25.18 ? 53  PRO A N     1 
ATOM   415  C CA    . PRO A 1 53  ? 0.518   -14.260 4.142   1.00 21.07 ? 53  PRO A CA    1 
ATOM   416  C C     . PRO A 1 53  ? -0.467  -13.409 4.932   1.00 20.27 ? 53  PRO A C     1 
ATOM   417  O O     . PRO A 1 53  ? -0.791  -13.748 6.059   1.00 24.18 ? 53  PRO A O     1 
ATOM   418  C CB    . PRO A 1 53  ? -0.203  -15.509 3.664   1.00 21.33 ? 53  PRO A CB    1 
ATOM   419  C CG    . PRO A 1 53  ? 0.663   -16.697 4.040   1.00 20.83 ? 53  PRO A CG    1 
ATOM   420  C CD    . PRO A 1 53  ? 1.770   -16.218 4.964   1.00 26.40 ? 53  PRO A CD    1 
ATOM   421  N N     . LEU A 1 54  ? -0.974  -12.324 4.368   1.00 16.68 ? 54  LEU A N     1 
ATOM   422  C CA    . LEU A 1 54  ? -1.926  -11.571 5.171   1.00 19.32 ? 54  LEU A CA    1 
ATOM   423  C C     . LEU A 1 54  ? -3.181  -12.417 5.248   1.00 25.67 ? 54  LEU A C     1 
ATOM   424  O O     . LEU A 1 54  ? -3.644  -12.916 4.228   1.00 25.72 ? 54  LEU A O     1 
ATOM   425  C CB    . LEU A 1 54  ? -2.270  -10.294 4.464   1.00 16.73 ? 54  LEU A CB    1 
ATOM   426  C CG    . LEU A 1 54  ? -1.104  -9.395  4.388   1.00 23.80 ? 54  LEU A CG    1 
ATOM   427  C CD1   . LEU A 1 54  ? -1.543  -8.254  3.509   1.00 30.39 ? 54  LEU A CD1   1 
ATOM   428  C CD2   . LEU A 1 54  ? -0.713  -8.912  5.795   1.00 24.19 ? 54  LEU A CD2   1 
ATOM   429  N N     . PRO A 1 55  ? -3.726  -12.632 6.438   1.00 22.67 ? 55  PRO A N     1 
ATOM   430  C CA    . PRO A 1 55  ? -4.936  -13.437 6.650   1.00 16.89 ? 55  PRO A CA    1 
ATOM   431  C C     . PRO A 1 55  ? -6.196  -12.745 6.123   1.00 19.75 ? 55  PRO A C     1 
ATOM   432  O O     . PRO A 1 55  ? -6.251  -11.516 6.133   1.00 25.39 ? 55  PRO A O     1 
ATOM   433  C CB    . PRO A 1 55  ? -5.066  -13.570 8.152   1.00 19.12 ? 55  PRO A CB    1 
ATOM   434  C CG    . PRO A 1 55  ? -4.093  -12.558 8.752   1.00 27.23 ? 55  PRO A CG    1 
ATOM   435  C CD    . PRO A 1 55  ? -3.155  -12.065 7.663   1.00 22.80 ? 55  PRO A CD    1 
ATOM   436  N N     . GLY A 1 56  ? -7.166  -13.542 5.658   1.00 16.00 ? 56  GLY A N     1 
ATOM   437  C CA    . GLY A 1 56  ? -8.417  -13.043 5.159   1.00 21.06 ? 56  GLY A CA    1 
ATOM   438  C C     . GLY A 1 56  ? -8.337  -12.244 3.890   1.00 25.59 ? 56  GLY A C     1 
ATOM   439  O O     . GLY A 1 56  ? -9.262  -11.470 3.593   1.00 30.97 ? 56  GLY A O     1 
ATOM   440  N N     . ARG A 1 57  ? -7.237  -12.440 3.154   1.00 22.29 ? 57  ARG A N     1 
ATOM   441  C CA    . ARG A 1 57  ? -6.994  -11.750 1.871   1.00 16.51 ? 57  ARG A CA    1 
ATOM   442  C C     . ARG A 1 57  ? -6.338  -12.668 0.868   1.00 29.41 ? 57  ARG A C     1 
ATOM   443  O O     . ARG A 1 57  ? -5.625  -13.542 1.237   1.00 22.78 ? 57  ARG A O     1 
ATOM   444  C CB    . ARG A 1 57  ? -6.117  -10.539 1.962   1.00 20.77 ? 57  ARG A CB    1 
ATOM   445  C CG    . ARG A 1 57  ? -6.836  -9.409  2.665   1.00 21.33 ? 57  ARG A CG    1 
ATOM   446  C CD    . ARG A 1 57  ? -5.972  -8.519  3.541   1.00 17.81 ? 57  ARG A CD    1 
ATOM   447  N NE    . ARG A 1 57  ? -5.811  -9.158  4.812   1.00 25.02 ? 57  ARG A NE    1 
ATOM   448  C CZ    . ARG A 1 57  ? -5.157  -8.542  5.778   1.00 21.72 ? 57  ARG A CZ    1 
ATOM   449  N NH1   . ARG A 1 57  ? -4.685  -7.335  5.559   1.00 15.87 ? 57  ARG A NH1   1 
ATOM   450  N NH2   . ARG A 1 57  ? -4.990  -9.143  6.969   1.00 19.12 ? 57  ARG A NH2   1 
ATOM   451  N N     . LYS A 1 58  ? -6.567  -12.450 -0.418  1.00 35.12 ? 58  LYS A N     1 
ATOM   452  C CA    . LYS A 1 58  ? -5.950  -13.256 -1.463  1.00 26.99 ? 58  LYS A CA    1 
ATOM   453  C C     . LYS A 1 58  ? -4.600  -12.579 -1.718  1.00 14.07 ? 58  LYS A C     1 
ATOM   454  O O     . LYS A 1 58  ? -4.567  -11.451 -2.153  1.00 20.33 ? 58  LYS A O     1 
ATOM   455  C CB    . LYS A 1 58  ? -6.878  -13.297 -2.698  1.00 32.05 ? 58  LYS A CB    1 
ATOM   456  C CG    . LYS A 1 58  ? -6.527  -14.418 -3.662  1.00 40.44 ? 58  LYS A CG    1 
ATOM   457  C CD    . LYS A 1 58  ? -7.395  -14.436 -4.920  1.00 53.87 ? 58  LYS A CD    1 
ATOM   458  C CE    . LYS A 1 58  ? -6.635  -14.810 -6.208  1.00 62.58 ? 58  LYS A CE    1 
ATOM   459  N NZ    . LYS A 1 58  ? -5.486  -15.736 -6.039  1.00 55.66 ? 58  LYS A NZ    1 
ATOM   460  N N     . ASN A 1 59  ? -3.468  -13.218 -1.416  1.00 18.48 ? 59  ASN A N     1 
ATOM   461  C CA    . ASN A 1 59  ? -2.127  -12.623 -1.587  1.00 16.39 ? 59  ASN A CA    1 
ATOM   462  C C     . ASN A 1 59  ? -1.518  -12.937 -2.950  1.00 13.78 ? 59  ASN A C     1 
ATOM   463  O O     . ASN A 1 59  ? -1.419  -14.086 -3.309  1.00 22.54 ? 59  ASN A O     1 
ATOM   464  C CB    . ASN A 1 59  ? -1.208  -13.110 -0.407  1.00 18.30 ? 59  ASN A CB    1 
ATOM   465  C CG    . ASN A 1 59  ? -1.609  -12.681 0.989   1.00 14.84 ? 59  ASN A CG    1 
ATOM   466  O OD1   . ASN A 1 59  ? -0.857  -12.032 1.777   1.00 22.65 ? 59  ASN A OD1   1 
ATOM   467  N ND2   . ASN A 1 59  ? -2.807  -13.020 1.304   1.00 13.16 ? 59  ASN A ND2   1 
ATOM   468  N N     . ILE A 1 60  ? -1.142  -11.936 -3.720  1.00 16.56 ? 60  ILE A N     1 
ATOM   469  C CA    . ILE A 1 60  ? -0.570  -12.119 -5.049  1.00 13.20 ? 60  ILE A CA    1 
ATOM   470  C C     . ILE A 1 60  ? 0.726   -11.409 -5.018  1.00 20.56 ? 60  ILE A C     1 
ATOM   471  O O     . ILE A 1 60  ? 0.815   -10.214 -4.754  1.00 18.76 ? 60  ILE A O     1 
ATOM   472  C CB    . ILE A 1 60  ? -1.413  -11.609 -6.159  1.00 18.63 ? 60  ILE A CB    1 
ATOM   473  C CG1   . ILE A 1 60  ? -2.635  -12.497 -6.128  1.00 17.96 ? 60  ILE A CG1   1 
ATOM   474  C CG2   . ILE A 1 60  ? -0.714  -11.664 -7.519  1.00 15.87 ? 60  ILE A CG2   1 
ATOM   475  C CD1   . ILE A 1 60  ? -3.885  -11.719 -6.383  1.00 17.50 ? 60  ILE A CD1   1 
ATOM   476  N N     . ILE A 1 61  ? 1.779   -12.194 -5.264  1.00 15.15 ? 61  ILE A N     1 
ATOM   477  C CA    . ILE A 1 61  ? 3.115   -11.628 -5.250  1.00 10.92 ? 61  ILE A CA    1 
ATOM   478  C C     . ILE A 1 61  ? 3.695   -11.571 -6.661  1.00 10.44 ? 61  ILE A C     1 
ATOM   479  O O     . ILE A 1 61  ? 3.617   -12.578 -7.384  1.00 22.02 ? 61  ILE A O     1 
ATOM   480  C CB    . ILE A 1 61  ? 4.052   -12.497 -4.371  1.00 16.77 ? 61  ILE A CB    1 
ATOM   481  C CG1   . ILE A 1 61  ? 3.592   -12.655 -2.921  1.00 15.37 ? 61  ILE A CG1   1 
ATOM   482  C CG2   . ILE A 1 61  ? 5.398   -11.822 -4.222  1.00 18.30 ? 61  ILE A CG2   1 
ATOM   483  C CD1   . ILE A 1 61  ? 2.218   -13.178 -2.713  1.00 25.12 ? 61  ILE A CD1   1 
ATOM   484  N N     . LEU A 1 62  ? 4.257   -10.436 -7.005  1.00 9.12  ? 62  LEU A N     1 
ATOM   485  C CA    . LEU A 1 62  ? 4.883   -10.199 -8.271  1.00 13.78 ? 62  LEU A CA    1 
ATOM   486  C C     . LEU A 1 62  ? 6.419   -10.562 -8.158  1.00 19.55 ? 62  LEU A C     1 
ATOM   487  O O     . LEU A 1 62  ? 7.103   -10.070 -7.285  1.00 20.35 ? 62  LEU A O     1 
ATOM   488  C CB    . LEU A 1 62  ? 4.788   -8.708  -8.626  1.00 23.78 ? 62  LEU A CB    1 
ATOM   489  C CG    . LEU A 1 62  ? 3.638   -8.287  -9.531  1.00 25.95 ? 62  LEU A CG    1 
ATOM   490  C CD1   . LEU A 1 62  ? 3.592   -6.793  -9.322  1.00 19.92 ? 62  LEU A CD1   1 
ATOM   491  C CD2   . LEU A 1 62  ? 4.075   -8.449  -10.981 1.00 22.58 ? 62  LEU A CD2   1 
ATOM   492  N N     . SER A 1 63  ? 6.976   -11.410 -9.019  1.00 30.45 ? 63  SER A N     1 
ATOM   493  C CA    . SER A 1 63  ? 8.423   -11.767 -8.952  1.00 28.74 ? 63  SER A CA    1 
ATOM   494  C C     . SER A 1 63  ? 8.844   -12.257 -10.284 1.00 23.56 ? 63  SER A C     1 
ATOM   495  O O     . SER A 1 63  ? 8.057   -12.939 -10.937 1.00 21.61 ? 63  SER A O     1 
ATOM   496  C CB    . SER A 1 63  ? 8.812   -12.895 -8.019  1.00 21.69 ? 63  SER A CB    1 
ATOM   497  O OG    . SER A 1 63  ? 10.228  -12.891 -7.996  1.00 17.38 ? 63  SER A OG    1 
ATOM   498  N N     . SER A 1 64  ? 10.056  -11.927 -10.656 1.00 20.20 ? 64  SER A N     1 
ATOM   499  C CA    . SER A 1 64  ? 10.497  -12.389 -11.918 1.00 20.08 ? 64  SER A CA    1 
ATOM   500  C C     . SER A 1 64  ? 10.873  -13.843 -11.718 1.00 25.89 ? 64  SER A C     1 
ATOM   501  O O     . SER A 1 64  ? 10.961  -14.634 -12.634 1.00 26.93 ? 64  SER A O     1 
ATOM   502  C CB    . SER A 1 64  ? 11.630  -11.559 -12.485 1.00 18.24 ? 64  SER A CB    1 
ATOM   503  O OG    . SER A 1 64  ? 12.755  -11.709 -11.664 1.00 14.56 ? 64  SER A OG    1 
ATOM   504  N N     . GLN A 1 65  ? 11.063  -14.227 -10.497 1.00 26.83 ? 65  GLN A N     1 
ATOM   505  C CA    . GLN A 1 65  ? 11.441  -15.596 -10.291 1.00 25.13 ? 65  GLN A CA    1 
ATOM   506  C C     . GLN A 1 65  ? 10.349  -16.461 -9.778  1.00 29.55 ? 65  GLN A C     1 
ATOM   507  O O     . GLN A 1 65  ? 9.340   -15.968 -9.387  1.00 31.62 ? 65  GLN A O     1 
ATOM   508  C CB    . GLN A 1 65  ? 12.605  -15.658 -9.289  1.00 22.53 ? 65  GLN A CB    1 
ATOM   509  C CG    . GLN A 1 65  ? 13.814  -14.756 -9.645  1.00 25.63 ? 65  GLN A CG    1 
ATOM   510  C CD    . GLN A 1 65  ? 14.455  -15.053 -10.997 1.00 32.23 ? 65  GLN A CD    1 
ATOM   511  O OE1   . GLN A 1 65  ? 14.412  -14.175 -11.908 1.00 30.48 ? 65  GLN A OE1   1 
ATOM   512  N NE2   . GLN A 1 65  ? 14.937  -16.308 -11.174 1.00 39.65 ? 65  GLN A NE2   1 
ATOM   513  N N     . PRO A 1 66  ? 10.611  -17.747 -9.771  1.00 31.94 ? 66  PRO A N     1 
ATOM   514  C CA    . PRO A 1 66  ? 9.687   -18.735 -9.288  1.00 35.62 ? 66  PRO A CA    1 
ATOM   515  C C     . PRO A 1 66  ? 9.366   -18.531 -7.829  1.00 28.15 ? 66  PRO A C     1 
ATOM   516  O O     . PRO A 1 66  ? 10.252  -18.165 -7.032  1.00 22.44 ? 66  PRO A O     1 
ATOM   517  C CB    . PRO A 1 66  ? 10.397  -20.091 -9.409  1.00 33.83 ? 66  PRO A CB    1 
ATOM   518  C CG    . PRO A 1 66  ? 11.459  -19.875 -10.457 1.00 35.79 ? 66  PRO A CG    1 
ATOM   519  C CD    . PRO A 1 66  ? 11.711  -18.375 -10.539 1.00 33.53 ? 66  PRO A CD    1 
ATOM   520  N N     . GLY A 1 67  ? 8.086   -18.799 -7.508  1.00 16.03 ? 67  GLY A N     1 
ATOM   521  C CA    . GLY A 1 67  ? 7.619   -18.655 -6.148  1.00 24.19 ? 67  GLY A CA    1 
ATOM   522  C C     . GLY A 1 67  ? 8.199   -19.649 -5.160  1.00 31.91 ? 67  GLY A C     1 
ATOM   523  O O     . GLY A 1 67  ? 8.376   -20.829 -5.439  1.00 34.42 ? 67  GLY A O     1 
ATOM   524  N N     . THR A 1 68  ? 8.504   -19.170 -3.976  1.00 26.79 ? 68  THR A N     1 
ATOM   525  C CA    . THR A 1 68  ? 9.047   -20.014 -2.954  1.00 27.97 ? 68  THR A CA    1 
ATOM   526  C C     . THR A 1 68  ? 8.060   -20.166 -1.784  1.00 33.67 ? 68  THR A C     1 
ATOM   527  O O     . THR A 1 68  ? 8.465   -20.422 -0.666  1.00 40.92 ? 68  THR A O     1 
ATOM   528  C CB    . THR A 1 68  ? 10.341  -19.409 -2.405  1.00 37.05 ? 68  THR A CB    1 
ATOM   529  O OG1   . THR A 1 68  ? 9.966   -18.144 -1.899  1.00 41.88 ? 68  THR A OG1   1 
ATOM   530  C CG2   . THR A 1 68  ? 11.397  -19.239 -3.504  1.00 34.87 ? 68  THR A CG2   1 
ATOM   531  N N     . ASP A 1 69  ? 6.769   -19.995 -2.019  1.00 33.94 ? 69  ASP A N     1 
ATOM   532  C CA    . ASP A 1 69  ? 5.776   -20.124 -0.982  1.00 24.74 ? 69  ASP A CA    1 
ATOM   533  C C     . ASP A 1 69  ? 4.434   -20.435 -1.642  1.00 23.51 ? 69  ASP A C     1 
ATOM   534  O O     . ASP A 1 69  ? 3.820   -19.577 -2.311  1.00 24.13 ? 69  ASP A O     1 
ATOM   535  C CB    . ASP A 1 69  ? 5.765   -18.930 -0.038  1.00 25.46 ? 69  ASP A CB    1 
ATOM   536  C CG    . ASP A 1 69  ? 4.990   -19.340 1.166   1.00 24.32 ? 69  ASP A CG    1 
ATOM   537  O OD1   . ASP A 1 69  ? 4.069   -20.136 1.123   1.00 23.70 ? 69  ASP A OD1   1 
ATOM   538  O OD2   . ASP A 1 69  ? 5.459   -18.841 2.285   1.00 32.23 ? 69  ASP A OD2   1 
ATOM   539  N N     . ASP A 1 70  ? 4.030   -21.706 -1.487  1.00 14.09 ? 70  ASP A N     1 
ATOM   540  C CA    . ASP A 1 70  ? 2.812   -22.167 -2.065  1.00 15.38 ? 70  ASP A CA    1 
ATOM   541  C C     . ASP A 1 70  ? 1.561   -21.609 -1.354  1.00 15.15 ? 70  ASP A C     1 
ATOM   542  O O     . ASP A 1 70  ? 0.495   -21.840 -1.851  1.00 15.68 ? 70  ASP A O     1 
ATOM   543  C CB    . ASP A 1 70  ? 2.652   -23.705 -2.238  1.00 13.59 ? 70  ASP A CB    1 
ATOM   544  C CG    . ASP A 1 70  ? 3.585   -24.282 -3.287  1.00 19.89 ? 70  ASP A CG    1 
ATOM   545  O OD1   . ASP A 1 70  ? 4.210   -23.586 -4.037  1.00 21.84 ? 70  ASP A OD1   1 
ATOM   546  O OD2   . ASP A 1 70  ? 3.688   -25.564 -3.269  1.00 19.47 ? 70  ASP A OD2   1 
ATOM   547  N N     . ARG A 1 71  ? 1.652   -20.922 -0.231  1.00 25.94 ? 71  ARG A N     1 
ATOM   548  C CA    . ARG A 1 71  ? 0.430   -20.410 0.399   1.00 19.91 ? 71  ARG A CA    1 
ATOM   549  C C     . ARG A 1 71  ? -0.185  -19.189 -0.308  1.00 24.40 ? 71  ARG A C     1 
ATOM   550  O O     . ARG A 1 71  ? -1.348  -18.897 -0.096  1.00 25.62 ? 71  ARG A O     1 
ATOM   551  C CB    . ARG A 1 71  ? 0.746   -20.020 1.794   1.00 29.38 ? 71  ARG A CB    1 
ATOM   552  C CG    . ARG A 1 71  ? 0.945   -21.294 2.587   1.00 32.71 ? 71  ARG A CG    1 
ATOM   553  C CD    . ARG A 1 71  ? 1.333   -20.987 3.991   1.00 25.70 ? 71  ARG A CD    1 
ATOM   554  N NE    . ARG A 1 71  ? 2.548   -20.213 4.011   1.00 29.50 ? 71  ARG A NE    1 
ATOM   555  C CZ    . ARG A 1 71  ? 2.900   -19.552 5.104   1.00 36.56 ? 71  ARG A CZ    1 
ATOM   556  N NH1   . ARG A 1 71  ? 2.146   -19.536 6.246   1.00 38.51 ? 71  ARG A NH1   1 
ATOM   557  N NH2   . ARG A 1 71  ? 4.034   -18.884 5.026   1.00 30.05 ? 71  ARG A NH2   1 
ATOM   558  N N     . VAL A 1 72  ? 0.600   -18.517 -1.146  1.00 19.69 ? 72  VAL A N     1 
ATOM   559  C CA    . VAL A 1 72  ? 0.263   -17.328 -1.901  1.00 19.85 ? 72  VAL A CA    1 
ATOM   560  C C     . VAL A 1 72  ? 0.422   -17.550 -3.409  1.00 25.66 ? 72  VAL A C     1 
ATOM   561  O O     . VAL A 1 72  ? 0.955   -18.552 -3.814  1.00 19.90 ? 72  VAL A O     1 
ATOM   562  C CB    . VAL A 1 72  ? 1.127   -16.155 -1.446  1.00 18.30 ? 72  VAL A CB    1 
ATOM   563  C CG1   . VAL A 1 72  ? 1.048   -16.085 0.047   1.00 18.77 ? 72  VAL A CG1   1 
ATOM   564  C CG2   . VAL A 1 72  ? 2.606   -16.290 -1.785  1.00 17.84 ? 72  VAL A CG2   1 
ATOM   565  N N     . THR A 1 73  ? -0.039  -16.602 -4.224  1.00 21.45 ? 73  THR A N     1 
ATOM   566  C CA    . THR A 1 73  ? 0.042   -16.663 -5.648  1.00 17.82 ? 73  THR A CA    1 
ATOM   567  C C     . THR A 1 73  ? 1.136   -15.797 -6.174  1.00 20.59 ? 73  THR A C     1 
ATOM   568  O O     . THR A 1 73  ? 1.228   -14.626 -5.797  1.00 26.81 ? 73  THR A O     1 
ATOM   569  C CB    . THR A 1 73  ? -1.303  -16.193 -6.193  1.00 25.44 ? 73  THR A CB    1 
ATOM   570  O OG1   . THR A 1 73  ? -2.293  -17.031 -5.670  1.00 21.30 ? 73  THR A OG1   1 
ATOM   571  C CG2   . THR A 1 73  ? -1.368  -16.300 -7.701  1.00 18.77 ? 73  THR A CG2   1 
ATOM   572  N N     . TRP A 1 74  ? 1.984   -16.375 -7.050  1.00 18.94 ? 74  TRP A N     1 
ATOM   573  C CA    . TRP A 1 74  ? 3.117   -15.667 -7.649  1.00 14.41 ? 74  TRP A CA    1 
ATOM   574  C C     . TRP A 1 74  ? 2.837   -15.354 -9.089  1.00 10.54 ? 74  TRP A C     1 
ATOM   575  O O     . TRP A 1 74  ? 2.335   -16.236 -9.773  1.00 19.49 ? 74  TRP A O     1 
ATOM   576  C CB    . TRP A 1 74  ? 4.344   -16.599 -7.535  1.00 16.36 ? 74  TRP A CB    1 
ATOM   577  C CG    . TRP A 1 74  ? 4.630   -16.918 -6.148  1.00 9.96  ? 74  TRP A CG    1 
ATOM   578  C CD1   . TRP A 1 74  ? 4.035   -17.863 -5.369  1.00 16.33 ? 74  TRP A CD1   1 
ATOM   579  C CD2   . TRP A 1 74  ? 5.619   -16.255 -5.378  1.00 5.10  ? 74  TRP A CD2   1 
ATOM   580  N NE1   . TRP A 1 74  ? 4.603   -17.853 -4.106  1.00 14.17 ? 74  TRP A NE1   1 
ATOM   581  C CE2   . TRP A 1 74  ? 5.560   -16.834 -4.090  1.00 11.20 ? 74  TRP A CE2   1 
ATOM   582  C CE3   . TRP A 1 74  ? 6.434   -15.240 -5.682  1.00 10.62 ? 74  TRP A CE3   1 
ATOM   583  C CZ2   . TRP A 1 74  ? 6.377   -16.351 -3.091  1.00 12.65 ? 74  TRP A CZ2   1 
ATOM   584  C CZ3   . TRP A 1 74  ? 7.290   -14.781 -4.733  1.00 11.00 ? 74  TRP A CZ3   1 
ATOM   585  C CH2   . TRP A 1 74  ? 7.244   -15.364 -3.456  1.00 13.05 ? 74  TRP A CH2   1 
ATOM   586  N N     . VAL A 1 75  ? 3.114   -14.160 -9.589  1.00 12.92 ? 75  VAL A N     1 
ATOM   587  C CA    . VAL A 1 75  ? 2.832   -13.908 -10.975 1.00 18.59 ? 75  VAL A CA    1 
ATOM   588  C C     . VAL A 1 75  ? 4.003   -13.236 -11.556 1.00 12.97 ? 75  VAL A C     1 
ATOM   589  O O     . VAL A 1 75  ? 4.782   -12.696 -10.785 1.00 18.47 ? 75  VAL A O     1 
ATOM   590  C CB    . VAL A 1 75  ? 1.540   -13.048 -11.127 1.00 23.14 ? 75  VAL A CB    1 
ATOM   591  C CG1   . VAL A 1 75  ? 0.339   -13.803 -10.504 1.00 27.99 ? 75  VAL A CG1   1 
ATOM   592  C CG2   . VAL A 1 75  ? 1.798   -11.741 -10.396 1.00 14.77 ? 75  VAL A CG2   1 
ATOM   593  N N     . LYS A 1 76  ? 4.159   -13.250 -12.895 1.00 25.75 ? 76  LYS A N     1 
ATOM   594  C CA    . LYS A 1 76  ? 5.318   -12.621 -13.484 1.00 19.67 ? 76  LYS A CA    1 
ATOM   595  C C     . LYS A 1 76  ? 5.165   -11.339 -14.165 1.00 22.01 ? 76  LYS A C     1 
ATOM   596  O O     . LYS A 1 76  ? 6.116   -10.855 -14.707 1.00 25.04 ? 76  LYS A O     1 
ATOM   597  C CB    . LYS A 1 76  ? 6.111   -13.555 -14.341 1.00 28.43 ? 76  LYS A CB    1 
ATOM   598  C CG    . LYS A 1 76  ? 6.671   -14.642 -13.459 1.00 33.36 ? 76  LYS A CG    1 
ATOM   599  C CD    . LYS A 1 76  ? 7.080   -15.899 -14.182 1.00 44.45 ? 76  LYS A CD    1 
ATOM   600  C CE    . LYS A 1 76  ? 7.870   -16.823 -13.261 1.00 57.03 ? 76  LYS A CE    1 
ATOM   601  N NZ    . LYS A 1 76  ? 8.311   -18.078 -13.898 1.00 62.93 ? 76  LYS A NZ    1 
ATOM   602  N N     . SER A 1 77  ? 4.015   -10.742 -14.163 1.00 20.56 ? 77  SER A N     1 
ATOM   603  C CA    . SER A 1 77  ? 3.847   -9.446  -14.810 1.00 17.06 ? 77  SER A CA    1 
ATOM   604  C C     . SER A 1 77  ? 2.595   -8.831  -14.240 1.00 19.67 ? 77  SER A C     1 
ATOM   605  O O     . SER A 1 77  ? 1.782   -9.531  -13.581 1.00 16.65 ? 77  SER A O     1 
ATOM   606  C CB    . SER A 1 77  ? 3.408   -9.498  -16.289 1.00 17.35 ? 77  SER A CB    1 
ATOM   607  O OG    . SER A 1 77  ? 2.312   -10.437 -16.493 1.00 20.29 ? 77  SER A OG    1 
ATOM   608  N N     . VAL A 1 78  ? 2.490   -7.562  -14.585 1.00 19.54 ? 78  VAL A N     1 
ATOM   609  C CA    . VAL A 1 78  ? 1.364   -6.780  -14.194 1.00 22.61 ? 78  VAL A CA    1 
ATOM   610  C C     . VAL A 1 78  ? 0.069   -7.387  -14.691 1.00 26.34 ? 78  VAL A C     1 
ATOM   611  O O     . VAL A 1 78  ? -0.856  -7.637  -13.926 1.00 27.52 ? 78  VAL A O     1 
ATOM   612  C CB    . VAL A 1 78  ? 1.565   -5.333  -14.537 1.00 22.75 ? 78  VAL A CB    1 
ATOM   613  C CG1   . VAL A 1 78  ? 0.291   -4.500  -14.278 1.00 23.03 ? 78  VAL A CG1   1 
ATOM   614  C CG2   . VAL A 1 78  ? 2.687   -4.867  -13.617 1.00 27.09 ? 78  VAL A CG2   1 
ATOM   615  N N     . ASP A 1 79  ? -0.004  -7.669  -15.970 1.00 28.61 ? 79  ASP A N     1 
ATOM   616  C CA    . ASP A 1 79  ? -1.210  -8.270  -16.471 1.00 25.86 ? 79  ASP A CA    1 
ATOM   617  C C     . ASP A 1 79  ? -1.547  -9.551  -15.805 1.00 27.00 ? 79  ASP A C     1 
ATOM   618  O O     . ASP A 1 79  ? -2.713  -9.775  -15.535 1.00 21.97 ? 79  ASP A O     1 
ATOM   619  C CB    . ASP A 1 79  ? -1.291  -8.410  -17.987 1.00 28.14 ? 79  ASP A CB    1 
ATOM   620  C CG    . ASP A 1 79  ? -0.998  -7.113  -18.686 1.00 42.02 ? 79  ASP A CG    1 
ATOM   621  O OD1   . ASP A 1 79  ? -1.661  -6.081  -18.241 1.00 45.39 ? 79  ASP A OD1   1 
ATOM   622  O OD2   . ASP A 1 79  ? -0.177  -7.022  -19.568 1.00 49.85 ? 79  ASP A OD2   1 
ATOM   623  N N     . GLU A 1 80  ? -0.574  -10.411 -15.514 1.00 19.27 ? 80  GLU A N     1 
ATOM   624  C CA    . GLU A 1 80  ? -0.994  -11.598 -14.867 1.00 19.34 ? 80  GLU A CA    1 
ATOM   625  C C     . GLU A 1 80  ? -1.501  -11.348 -13.501 1.00 15.45 ? 80  GLU A C     1 
ATOM   626  O O     . GLU A 1 80  ? -2.307  -12.073 -12.989 1.00 16.28 ? 80  GLU A O     1 
ATOM   627  C CB    . GLU A 1 80  ? 0.151   -12.511 -14.595 1.00 29.76 ? 80  GLU A CB    1 
ATOM   628  C CG    . GLU A 1 80  ? 0.307   -13.609 -15.622 1.00 41.92 ? 80  GLU A CG    1 
ATOM   629  C CD    . GLU A 1 80  ? 1.701   -14.162 -15.578 1.00 56.49 ? 80  GLU A CD    1 
ATOM   630  O OE1   . GLU A 1 80  ? 2.048   -14.655 -14.355 1.00 46.55 ? 80  GLU A OE1   1 
ATOM   631  O OE2   . GLU A 1 80  ? 2.434   -14.041 -16.582 1.00 58.20 ? 80  GLU A OE2   1 
ATOM   632  N N     . ALA A 1 81  ? -0.966  -10.336 -12.876 1.00 24.02 ? 81  ALA A N     1 
ATOM   633  C CA    . ALA A 1 81  ? -1.411  -10.101 -11.526 1.00 17.55 ? 81  ALA A CA    1 
ATOM   634  C C     . ALA A 1 81  ? -2.929  -9.748  -11.493 1.00 17.60 ? 81  ALA A C     1 
ATOM   635  O O     . ALA A 1 81  ? -3.709  -10.280 -10.704 1.00 16.66 ? 81  ALA A O     1 
ATOM   636  C CB    . ALA A 1 81  ? -0.548  -9.005  -10.956 1.00 14.45 ? 81  ALA A CB    1 
ATOM   637  N N     . ILE A 1 82  ? -3.276  -8.843  -12.386 1.00 19.38 ? 82  ILE A N     1 
ATOM   638  C CA    . ILE A 1 82  ? -4.622  -8.376  -12.534 1.00 22.56 ? 82  ILE A CA    1 
ATOM   639  C C     . ILE A 1 82  ? -5.471  -9.578  -12.842 1.00 24.04 ? 82  ILE A C     1 
ATOM   640  O O     . ILE A 1 82  ? -6.510  -9.819  -12.230 1.00 28.37 ? 82  ILE A O     1 
ATOM   641  C CB    . ILE A 1 82  ? -4.713  -7.253  -13.573 1.00 26.91 ? 82  ILE A CB    1 
ATOM   642  C CG1   . ILE A 1 82  ? -4.130  -5.986  -13.024 1.00 21.72 ? 82  ILE A CG1   1 
ATOM   643  C CG2   . ILE A 1 82  ? -6.140  -6.940  -13.970 1.00 24.01 ? 82  ILE A CG2   1 
ATOM   644  C CD1   . ILE A 1 82  ? -3.589  -5.184  -14.198 1.00 22.36 ? 82  ILE A CD1   1 
ATOM   645  N N     . ALA A 1 83  ? -5.072  -10.414 -13.740 1.00 19.42 ? 83  ALA A N     1 
ATOM   646  C CA    . ALA A 1 83  ? -5.947  -11.536 -13.963 1.00 14.93 ? 83  ALA A CA    1 
ATOM   647  C C     . ALA A 1 83  ? -6.073  -12.498 -12.861 1.00 20.63 ? 83  ALA A C     1 
ATOM   648  O O     . ALA A 1 83  ? -7.057  -13.206 -12.746 1.00 22.67 ? 83  ALA A O     1 
ATOM   649  C CB    . ALA A 1 83  ? -5.419  -12.310 -15.100 1.00 24.36 ? 83  ALA A CB    1 
ATOM   650  N N     . ALA A 1 84  ? -5.062  -12.576 -12.026 1.00 26.53 ? 84  ALA A N     1 
ATOM   651  C CA    . ALA A 1 84  ? -5.149  -13.546 -10.927 1.00 25.89 ? 84  ALA A CA    1 
ATOM   652  C C     . ALA A 1 84  ? -6.197  -13.143 -9.879  1.00 23.21 ? 84  ALA A C     1 
ATOM   653  O O     . ALA A 1 84  ? -6.617  -13.916 -9.017  1.00 25.66 ? 84  ALA A O     1 
ATOM   654  C CB    . ALA A 1 84  ? -3.740  -13.738 -10.299 1.00 29.10 ? 84  ALA A CB    1 
ATOM   655  N N     . CYS A 1 85  ? -6.586  -11.878 -9.947  1.00 25.48 ? 85  CYS A N     1 
ATOM   656  C CA    . CYS A 1 85  ? -7.545  -11.301 -9.037  1.00 24.08 ? 85  CYS A CA    1 
ATOM   657  C C     . CYS A 1 85  ? -8.955  -11.672 -9.367  1.00 31.48 ? 85  CYS A C     1 
ATOM   658  O O     . CYS A 1 85  ? -9.863  -11.569 -8.524  1.00 32.71 ? 85  CYS A O     1 
ATOM   659  C CB    . CYS A 1 85  ? -7.452  -9.782  -9.013  1.00 12.25 ? 85  CYS A CB    1 
ATOM   660  S SG    . CYS A 1 85  ? -5.949  -9.185  -8.224  1.00 22.04 ? 85  CYS A SG    1 
ATOM   661  N N     . GLY A 1 86  ? -9.140  -12.088 -10.586 1.00 21.23 ? 86  GLY A N     1 
ATOM   662  C CA    . GLY A 1 86  ? -10.481 -12.453 -10.902 1.00 25.35 ? 86  GLY A CA    1 
ATOM   663  C C     . GLY A 1 86  ? -11.468 -11.283 -10.914 1.00 25.52 ? 86  GLY A C     1 
ATOM   664  O O     . GLY A 1 86  ? -11.129 -10.131 -10.861 1.00 30.25 ? 86  GLY A O     1 
ATOM   665  N N     . ASP A 1 87  ? -12.723 -11.610 -10.986 1.00 29.72 ? 87  ASP A N     1 
ATOM   666  C CA    . ASP A 1 87  ? -13.768 -10.633 -11.044 1.00 45.95 ? 87  ASP A CA    1 
ATOM   667  C C     . ASP A 1 87  ? -14.155 -10.116 -9.670  1.00 34.62 ? 87  ASP A C     1 
ATOM   668  O O     . ASP A 1 87  ? -15.059 -10.662 -9.060  1.00 34.77 ? 87  ASP A O     1 
ATOM   669  C CB    . ASP A 1 87  ? -14.922 -11.312 -11.825 1.00 59.71 ? 87  ASP A CB    1 
ATOM   670  C CG    . ASP A 1 87  ? -15.519 -10.365 -12.814 1.00 77.88 ? 87  ASP A CG    1 
ATOM   671  O OD1   . ASP A 1 87  ? -14.806 -9.270  -12.885 1.00 85.36 ? 87  ASP A OD1   1 
ATOM   672  O OD2   . ASP A 1 87  ? -16.551 -10.560 -13.454 1.00 85.73 ? 87  ASP A OD2   1 
ATOM   673  N N     . VAL A 1 88  ? -13.463 -9.086  -9.205  1.00 23.64 ? 88  VAL A N     1 
ATOM   674  C CA    . VAL A 1 88  ? -13.737 -8.545  -7.904  1.00 14.68 ? 88  VAL A CA    1 
ATOM   675  C C     . VAL A 1 88  ? -14.043 -7.068  -7.961  1.00 20.69 ? 88  VAL A C     1 
ATOM   676  O O     . VAL A 1 88  ? -13.660 -6.336  -8.856  1.00 24.55 ? 88  VAL A O     1 
ATOM   677  C CB    . VAL A 1 88  ? -12.623 -8.793  -6.929  1.00 16.47 ? 88  VAL A CB    1 
ATOM   678  C CG1   . VAL A 1 88  ? -12.480 -10.291 -6.748  1.00 17.65 ? 88  VAL A CG1   1 
ATOM   679  C CG2   . VAL A 1 88  ? -11.404 -8.055  -7.465  1.00 14.52 ? 88  VAL A CG2   1 
ATOM   680  N N     . PRO A 1 89  ? -14.770 -6.595  -6.993  1.00 19.84 ? 89  PRO A N     1 
ATOM   681  C CA    . PRO A 1 89  ? -15.078 -5.186  -7.053  1.00 21.38 ? 89  PRO A CA    1 
ATOM   682  C C     . PRO A 1 89  ? -13.875 -4.299  -6.855  1.00 22.01 ? 89  PRO A C     1 
ATOM   683  O O     . PRO A 1 89  ? -13.794 -3.212  -7.449  1.00 27.48 ? 89  PRO A O     1 
ATOM   684  C CB    . PRO A 1 89  ? -16.093 -4.937  -5.929  1.00 18.69 ? 89  PRO A CB    1 
ATOM   685  C CG    . PRO A 1 89  ? -16.472 -6.272  -5.334  1.00 21.86 ? 89  PRO A CG    1 
ATOM   686  C CD    . PRO A 1 89  ? -15.552 -7.332  -5.941  1.00 22.39 ? 89  PRO A CD    1 
ATOM   687  N N     . GLU A 1 90  ? -12.912 -4.712  -6.004  1.00 16.70 ? 90  GLU A N     1 
ATOM   688  C CA    . GLU A 1 90  ? -11.757 -3.849  -5.768  1.00 13.30 ? 90  GLU A CA    1 
ATOM   689  C C     . GLU A 1 90  ? -10.481 -4.666  -5.439  1.00 19.93 ? 90  GLU A C     1 
ATOM   690  O O     . GLU A 1 90  ? -10.512 -5.582  -4.624  1.00 22.23 ? 90  GLU A O     1 
ATOM   691  C CB    . GLU A 1 90  ? -12.081 -3.008  -4.546  1.00 7.24  ? 90  GLU A CB    1 
ATOM   692  C CG    . GLU A 1 90  ? -11.005 -1.933  -4.287  1.00 15.07 ? 90  GLU A CG    1 
ATOM   693  C CD    . GLU A 1 90  ? -11.368 -0.896  -3.213  1.00 16.89 ? 90  GLU A CD    1 
ATOM   694  O OE1   . GLU A 1 90  ? -12.238 -1.311  -2.282  1.00 18.53 ? 90  GLU A OE1   1 
ATOM   695  O OE2   . GLU A 1 90  ? -10.818 0.190   -3.170  1.00 21.04 ? 90  GLU A OE2   1 
ATOM   696  N N     . ILE A 1 91  ? -9.409  -4.281  -6.099  1.00 18.54 ? 91  ILE A N     1 
ATOM   697  C CA    . ILE A 1 91  ? -8.086  -4.873  -5.975  1.00 16.59 ? 91  ILE A CA    1 
ATOM   698  C C     . ILE A 1 91  ? -7.238  -3.857  -5.212  1.00 18.88 ? 91  ILE A C     1 
ATOM   699  O O     . ILE A 1 91  ? -7.156  -2.656  -5.559  1.00 18.32 ? 91  ILE A O     1 
ATOM   700  C CB    . ILE A 1 91  ? -7.483  -5.015  -7.371  1.00 16.53 ? 91  ILE A CB    1 
ATOM   701  C CG1   . ILE A 1 91  ? -8.266  -6.090  -8.150  1.00 19.64 ? 91  ILE A CG1   1 
ATOM   702  C CG2   . ILE A 1 91  ? -5.935  -5.261  -7.291  1.00 17.62 ? 91  ILE A CG2   1 
ATOM   703  C CD1   . ILE A 1 91  ? -8.361  -5.949  -9.667  1.00 13.87 ? 91  ILE A CD1   1 
ATOM   704  N N     . MET A 1 92  ? -6.603  -4.342  -4.164  1.00 7.30  ? 92  MET A N     1 
ATOM   705  C CA    . MET A 1 92  ? -5.790  -3.450  -3.432  1.00 10.37 ? 92  MET A CA    1 
ATOM   706  C C     . MET A 1 92  ? -4.289  -3.761  -3.706  1.00 12.99 ? 92  MET A C     1 
ATOM   707  O O     . MET A 1 92  ? -3.911  -4.947  -3.642  1.00 17.75 ? 92  MET A O     1 
ATOM   708  C CB    . MET A 1 92  ? -6.026  -3.754  -1.914  1.00 13.58 ? 92  MET A CB    1 
ATOM   709  C CG    . MET A 1 92  ? -7.493  -3.565  -1.458  1.00 15.72 ? 92  MET A CG    1 
ATOM   710  S SD    . MET A 1 92  ? -8.005  -1.808  -1.709  1.00 22.50 ? 92  MET A SD    1 
ATOM   711  C CE    . MET A 1 92  ? -7.145  -0.877  -0.416  1.00 10.02 ? 92  MET A CE    1 
ATOM   712  N N     . VAL A 1 93  ? -3.556  -2.715  -4.040  1.00 14.26 ? 93  VAL A N     1 
ATOM   713  C CA    . VAL A 1 93  ? -2.108  -2.719  -4.316  1.00 11.50 ? 93  VAL A CA    1 
ATOM   714  C C     . VAL A 1 93  ? -1.440  -2.126  -3.075  1.00 17.21 ? 93  VAL A C     1 
ATOM   715  O O     . VAL A 1 93  ? -1.617  -0.927  -2.658  1.00 14.53 ? 93  VAL A O     1 
ATOM   716  C CB    . VAL A 1 93  ? -1.787  -1.959  -5.588  1.00 11.63 ? 93  VAL A CB    1 
ATOM   717  C CG1   . VAL A 1 93  ? -0.296  -1.936  -5.937  1.00 9.54  ? 93  VAL A CG1   1 
ATOM   718  C CG2   . VAL A 1 93  ? -2.624  -2.573  -6.736  1.00 13.65 ? 93  VAL A CG2   1 
ATOM   719  N N     . ILE A 1 94  ? -0.637  -3.013  -2.462  1.00 14.77 ? 94  ILE A N     1 
ATOM   720  C CA    . ILE A 1 94  ? 0.057   -2.665  -1.274  1.00 10.06 ? 94  ILE A CA    1 
ATOM   721  C C     . ILE A 1 94  ? 1.510   -2.368  -1.371  1.00 10.77 ? 94  ILE A C     1 
ATOM   722  O O     . ILE A 1 94  ? 2.122   -2.274  -0.367  1.00 15.52 ? 94  ILE A O     1 
ATOM   723  C CB    . ILE A 1 94  ? -0.271  -3.637  -0.125  1.00 13.09 ? 94  ILE A CB    1 
ATOM   724  C CG1   . ILE A 1 94  ? 0.365   -4.995  -0.431  1.00 14.14 ? 94  ILE A CG1   1 
ATOM   725  C CG2   . ILE A 1 94  ? -1.783  -3.887  -0.177  1.00 10.24 ? 94  ILE A CG2   1 
ATOM   726  C CD1   . ILE A 1 94  ? 0.385   -5.929  0.795   1.00 12.98 ? 94  ILE A CD1   1 
ATOM   727  N N     . GLY A 1 95  ? 2.057   -2.161  -2.520  1.00 9.25  ? 95  GLY A N     1 
ATOM   728  C CA    . GLY A 1 95  ? 3.467   -1.790  -2.458  1.00 8.97  ? 95  GLY A CA    1 
ATOM   729  C C     . GLY A 1 95  ? 4.367   -2.853  -3.075  1.00 10.91 ? 95  GLY A C     1 
ATOM   730  O O     . GLY A 1 95  ? 3.900   -3.905  -3.494  1.00 11.79 ? 95  GLY A O     1 
ATOM   731  N N     . GLY A 1 96  ? 5.659   -2.573  -3.159  1.00 9.76  ? 96  GLY A N     1 
ATOM   732  C CA    . GLY A 1 96  ? 6.412   -1.416  -2.713  1.00 4.80  ? 96  GLY A CA    1 
ATOM   733  C C     . GLY A 1 96  ? 6.546   -0.358  -3.787  1.00 14.41 ? 96  GLY A C     1 
ATOM   734  O O     . GLY A 1 96  ? 5.743   -0.289  -4.680  1.00 17.37 ? 96  GLY A O     1 
ATOM   735  N N     . GLY A 1 97  ? 7.555   0.457   -3.684  1.00 10.67 ? 97  GLY A N     1 
ATOM   736  C CA    . GLY A 1 97  ? 7.751   1.540   -4.642  1.00 14.21 ? 97  GLY A CA    1 
ATOM   737  C C     . GLY A 1 97  ? 7.607   1.181   -6.102  1.00 18.78 ? 97  GLY A C     1 
ATOM   738  O O     . GLY A 1 97  ? 6.898   1.841   -6.857  1.00 12.25 ? 97  GLY A O     1 
ATOM   739  N N     . ARG A 1 98  ? 8.324   0.120   -6.496  1.00 15.25 ? 98  ARG A N     1 
ATOM   740  C CA    . ARG A 1 98  ? 8.287   -0.311  -7.895  1.00 22.68 ? 98  ARG A CA    1 
ATOM   741  C C     . ARG A 1 98  ? 6.926   -0.647  -8.384  1.00 13.04 ? 98  ARG A C     1 
ATOM   742  O O     . ARG A 1 98  ? 6.495   -0.347  -9.497  1.00 18.14 ? 98  ARG A O     1 
ATOM   743  C CB    . ARG A 1 98  ? 9.080   -1.591  -8.040  1.00 21.53 ? 98  ARG A CB    1 
ATOM   744  C CG    . ARG A 1 98  ? 10.457  -1.332  -8.515  1.00 38.65 ? 98  ARG A CG    1 
ATOM   745  C CD    . ARG A 1 98  ? 10.931  -2.677  -9.017  1.00 57.58 ? 98  ARG A CD    1 
ATOM   746  N NE    . ARG A 1 98  ? 10.342  -3.116  -10.299 1.00 66.87 ? 98  ARG A NE    1 
ATOM   747  C CZ    . ARG A 1 98  ? 10.663  -4.269  -10.939 1.00 67.97 ? 98  ARG A CZ    1 
ATOM   748  N NH1   . ARG A 1 98  ? 11.553  -5.145  -10.463 1.00 66.64 ? 98  ARG A NH1   1 
ATOM   749  N NH2   . ARG A 1 98  ? 10.079  -4.568  -12.099 1.00 68.43 ? 98  ARG A NH2   1 
ATOM   750  N N     . VAL A 1 99  ? 6.232   -1.327  -7.516  1.00 13.23 ? 99  VAL A N     1 
ATOM   751  C CA    . VAL A 1 99  ? 4.871   -1.777  -7.760  1.00 13.26 ? 99  VAL A CA    1 
ATOM   752  C C     . VAL A 1 99  ? 3.882   -0.616  -7.796  1.00 18.48 ? 99  VAL A C     1 
ATOM   753  O O     . VAL A 1 99  ? 3.079   -0.547  -8.668  1.00 19.86 ? 99  VAL A O     1 
ATOM   754  C CB    . VAL A 1 99  ? 4.399   -2.857  -6.741  1.00 16.12 ? 99  VAL A CB    1 
ATOM   755  C CG1   . VAL A 1 99  ? 2.953   -3.171  -7.058  1.00 24.08 ? 99  VAL A CG1   1 
ATOM   756  C CG2   . VAL A 1 99  ? 5.240   -4.140  -6.839  1.00 14.64 ? 99  VAL A CG2   1 
ATOM   757  N N     . TYR A 1 100 ? 3.955   0.305   -6.878  1.00 11.63 ? 100 TYR A N     1 
ATOM   758  C CA    . TYR A 1 100 ? 3.024   1.425   -6.914  1.00 9.77  ? 100 TYR A CA    1 
ATOM   759  C C     . TYR A 1 100 ? 3.165   2.199   -8.219  1.00 16.69 ? 100 TYR A C     1 
ATOM   760  O O     . TYR A 1 100 ? 2.240   2.689   -8.903  1.00 20.65 ? 100 TYR A O     1 
ATOM   761  C CB    . TYR A 1 100 ? 3.452   2.400   -5.729  1.00 6.47  ? 100 TYR A CB    1 
ATOM   762  C CG    . TYR A 1 100 ? 2.982   1.966   -4.332  1.00 11.49 ? 100 TYR A CG    1 
ATOM   763  C CD1   . TYR A 1 100 ? 1.735   1.371   -4.121  1.00 12.59 ? 100 TYR A CD1   1 
ATOM   764  C CD2   . TYR A 1 100 ? 3.783   2.247   -3.217  1.00 12.24 ? 100 TYR A CD2   1 
ATOM   765  C CE1   . TYR A 1 100 ? 1.319   1.008   -2.835  1.00 15.33 ? 100 TYR A CE1   1 
ATOM   766  C CE2   . TYR A 1 100 ? 3.381   1.885   -1.934  1.00 5.70  ? 100 TYR A CE2   1 
ATOM   767  C CZ    . TYR A 1 100 ? 2.143   1.292   -1.734  1.00 10.17 ? 100 TYR A CZ    1 
ATOM   768  O OH    . TYR A 1 100 ? 1.764   0.928   -0.435  1.00 13.93 ? 100 TYR A OH    1 
ATOM   769  N N     . GLU A 1 101 ? 4.397   2.328   -8.612  1.00 19.95 ? 101 GLU A N     1 
ATOM   770  C CA    . GLU A 1 101 ? 4.726   3.058   -9.809  1.00 15.70 ? 101 GLU A CA    1 
ATOM   771  C C     . GLU A 1 101 ? 4.071   2.464   -11.005 1.00 17.34 ? 101 GLU A C     1 
ATOM   772  O O     . GLU A 1 101 ? 3.599   3.193   -11.862 1.00 22.46 ? 101 GLU A O     1 
ATOM   773  C CB    . GLU A 1 101 ? 6.228   3.026   -9.880  1.00 31.95 ? 101 GLU A CB    1 
ATOM   774  C CG    . GLU A 1 101 ? 6.825   3.828   -11.013 1.00 50.64 ? 101 GLU A CG    1 
ATOM   775  C CD    . GLU A 1 101 ? 8.307   4.025   -10.825 1.00 72.77 ? 101 GLU A CD    1 
ATOM   776  O OE1   . GLU A 1 101 ? 8.681   4.088   -9.545  1.00 76.50 ? 101 GLU A OE1   1 
ATOM   777  O OE2   . GLU A 1 101 ? 9.068   4.142   -11.783 1.00 78.61 ? 101 GLU A OE2   1 
ATOM   778  N N     . GLN A 1 102 ? 4.040   1.140   -11.083 1.00 16.43 ? 102 GLN A N     1 
ATOM   779  C CA    . GLN A 1 102 ? 3.405   0.453   -12.219 1.00 15.25 ? 102 GLN A CA    1 
ATOM   780  C C     . GLN A 1 102 ? 1.873   0.498   -12.164 1.00 16.57 ? 102 GLN A C     1 
ATOM   781  O O     . GLN A 1 102 ? 1.197   0.519   -13.168 1.00 22.78 ? 102 GLN A O     1 
ATOM   782  C CB    . GLN A 1 102 ? 3.846   -0.995  -12.415 1.00 13.26 ? 102 GLN A CB    1 
ATOM   783  C CG    . GLN A 1 102 ? 5.402   -1.025  -12.599 1.00 15.20 ? 102 GLN A CG    1 
ATOM   784  C CD    . GLN A 1 102 ? 5.986   -2.445  -12.459 1.00 19.85 ? 102 GLN A CD    1 
ATOM   785  O OE1   . GLN A 1 102 ? 5.711   -3.335  -13.247 1.00 19.32 ? 102 GLN A OE1   1 
ATOM   786  N NE2   . GLN A 1 102 ? 6.341   -2.813  -11.251 1.00 19.28 ? 102 GLN A NE2   1 
ATOM   787  N N     . PHE A 1 103 ? 1.326   0.497   -11.022 1.00 13.72 ? 103 PHE A N     1 
ATOM   788  C CA    . PHE A 1 103 ? -0.127  0.522   -10.919 1.00 12.78 ? 103 PHE A CA    1 
ATOM   789  C C     . PHE A 1 103 ? -0.817  1.931   -10.872 1.00 21.91 ? 103 PHE A C     1 
ATOM   790  O O     . PHE A 1 103 ? -2.011  2.035   -11.231 1.00 21.01 ? 103 PHE A O     1 
ATOM   791  C CB    . PHE A 1 103 ? -0.631  -0.337  -9.751  1.00 9.63  ? 103 PHE A CB    1 
ATOM   792  C CG    . PHE A 1 103 ? -0.536  -1.809  -10.051 1.00 15.47 ? 103 PHE A CG    1 
ATOM   793  C CD1   . PHE A 1 103 ? 0.661   -2.498  -9.863  1.00 21.43 ? 103 PHE A CD1   1 
ATOM   794  C CD2   . PHE A 1 103 ? -1.626  -2.495  -10.541 1.00 17.84 ? 103 PHE A CD2   1 
ATOM   795  C CE1   . PHE A 1 103 ? 0.777   -3.856  -10.143 1.00 16.34 ? 103 PHE A CE1   1 
ATOM   796  C CE2   . PHE A 1 103 ? -1.572  -3.857  -10.825 1.00 21.95 ? 103 PHE A CE2   1 
ATOM   797  C CZ    . PHE A 1 103 ? -0.356  -4.524  -10.630 1.00 25.96 ? 103 PHE A CZ    1 
ATOM   798  N N     . LEU A 1 104 ? -0.104  2.950   -10.417 1.00 12.89 ? 104 LEU A N     1 
ATOM   799  C CA    . LEU A 1 104 ? -0.644  4.290   -10.309 1.00 14.62 ? 104 LEU A CA    1 
ATOM   800  C C     . LEU A 1 104 ? -1.502  4.716   -11.494 1.00 26.75 ? 104 LEU A C     1 
ATOM   801  O O     . LEU A 1 104 ? -2.660  5.034   -11.355 1.00 27.40 ? 104 LEU A O     1 
ATOM   802  C CB    . LEU A 1 104 ? 0.435   5.337   -10.061 1.00 13.40 ? 104 LEU A CB    1 
ATOM   803  C CG    . LEU A 1 104 ? -0.128  6.759   -9.786  1.00 17.26 ? 104 LEU A CG    1 
ATOM   804  C CD1   . LEU A 1 104 ? -0.981  6.751   -8.524  1.00 24.76 ? 104 LEU A CD1   1 
ATOM   805  C CD2   . LEU A 1 104 ? 0.977   7.765   -9.536  1.00 21.34 ? 104 LEU A CD2   1 
ATOM   806  N N     . PRO A 1 105 ? -0.949  4.707   -12.635 1.00 21.66 ? 105 PRO A N     1 
ATOM   807  C CA    . PRO A 1 105 ? -1.653  5.086   -13.826 1.00 26.38 ? 105 PRO A CA    1 
ATOM   808  C C     . PRO A 1 105 ? -2.889  4.290   -14.071 1.00 21.17 ? 105 PRO A C     1 
ATOM   809  O O     . PRO A 1 105 ? -3.783  4.743   -14.801 1.00 28.44 ? 105 PRO A O     1 
ATOM   810  C CB    . PRO A 1 105 ? -0.691  4.853   -14.928 1.00 24.84 ? 105 PRO A CB    1 
ATOM   811  C CG    . PRO A 1 105 ? 0.622   4.414   -14.272 1.00 25.00 ? 105 PRO A CG    1 
ATOM   812  C CD    . PRO A 1 105 ? 0.385   4.186   -12.841 1.00 19.10 ? 105 PRO A CD    1 
ATOM   813  N N     . LYS A 1 106 ? -2.992  3.119   -13.491 1.00 18.23 ? 106 LYS A N     1 
ATOM   814  C CA    . LYS A 1 106 ? -4.180  2.371   -13.695 1.00 13.47 ? 106 LYS A CA    1 
ATOM   815  C C     . LYS A 1 106 ? -5.149  2.465   -12.481 1.00 21.76 ? 106 LYS A C     1 
ATOM   816  O O     . LYS A 1 106 ? -6.177  1.821   -12.458 1.00 19.28 ? 106 LYS A O     1 
ATOM   817  C CB    . LYS A 1 106 ? -3.915  0.915   -13.705 1.00 26.07 ? 106 LYS A CB    1 
ATOM   818  C CG    . LYS A 1 106 ? -2.966  0.505   -14.781 1.00 27.14 ? 106 LYS A CG    1 
ATOM   819  C CD    . LYS A 1 106 ? -2.745  -1.021  -14.809 1.00 27.77 ? 106 LYS A CD    1 
ATOM   820  C CE    . LYS A 1 106 ? -3.454  -1.862  -15.900 1.00 41.86 ? 106 LYS A CE    1 
ATOM   821  N NZ    . LYS A 1 106 ? -3.001  -1.755  -17.318 1.00 42.73 ? 106 LYS A NZ    1 
ATOM   822  N N     . ALA A 1 107 ? -4.844  3.215   -11.442 1.00 16.77 ? 107 ALA A N     1 
ATOM   823  C CA    . ALA A 1 107 ? -5.719  3.218   -10.294 1.00 12.46 ? 107 ALA A CA    1 
ATOM   824  C C     . ALA A 1 107 ? -6.830  4.292   -10.275 1.00 8.83  ? 107 ALA A C     1 
ATOM   825  O O     . ALA A 1 107 ? -6.660  5.431   -10.697 1.00 17.21 ? 107 ALA A O     1 
ATOM   826  C CB    . ALA A 1 107 ? -4.790  3.493   -9.117  1.00 10.44 ? 107 ALA A CB    1 
ATOM   827  N N     . GLN A 1 108 ? -7.909  3.895   -9.730  1.00 15.40 ? 108 GLN A N     1 
ATOM   828  C CA    . GLN A 1 108 ? -9.000  4.833   -9.649  1.00 16.32 ? 108 GLN A CA    1 
ATOM   829  C C     . GLN A 1 108 ? -9.059  5.506   -8.319  1.00 24.60 ? 108 GLN A C     1 
ATOM   830  O O     . GLN A 1 108 ? -9.577  6.627   -8.212  1.00 24.65 ? 108 GLN A O     1 
ATOM   831  C CB    . GLN A 1 108 ? -10.345 4.143   -9.802  1.00 25.51 ? 108 GLN A CB    1 
ATOM   832  C CG    . GLN A 1 108 ? -10.675 3.540   -11.179 1.00 45.13 ? 108 GLN A CG    1 
ATOM   833  C CD    . GLN A 1 108 ? -10.092 4.261   -12.402 1.00 62.29 ? 108 GLN A CD    1 
ATOM   834  O OE1   . GLN A 1 108 ? -10.018 5.503   -12.404 1.00 61.01 ? 108 GLN A OE1   1 
ATOM   835  N NE2   . GLN A 1 108 ? -9.622  3.495   -13.426 1.00 66.64 ? 108 GLN A NE2   1 
ATOM   836  N N     . LYS A 1 109 ? -8.553  4.830   -7.275  1.00 20.35 ? 109 LYS A N     1 
ATOM   837  C CA    . LYS A 1 109 ? -8.604  5.406   -5.937  1.00 13.11 ? 109 LYS A CA    1 
ATOM   838  C C     . LYS A 1 109 ? -7.267  5.234   -5.140  1.00 22.28 ? 109 LYS A C     1 
ATOM   839  O O     . LYS A 1 109 ? -6.584  4.199   -5.377  1.00 17.10 ? 109 LYS A O     1 
ATOM   840  C CB    . LYS A 1 109 ? -9.715  4.557   -5.387  1.00 16.63 ? 109 LYS A CB    1 
ATOM   841  C CG    . LYS A 1 109 ? -10.117 4.741   -3.963  1.00 22.59 ? 109 LYS A CG    1 
ATOM   842  C CD    . LYS A 1 109 ? -11.480 4.117   -3.720  1.00 25.28 ? 109 LYS A CD    1 
ATOM   843  C CE    . LYS A 1 109 ? -11.922 4.347   -2.261  1.00 43.19 ? 109 LYS A CE    1 
ATOM   844  N NZ    . LYS A 1 109 ? -13.095 3.617   -1.709  1.00 38.91 ? 109 LYS A NZ    1 
ATOM   845  N N     . LEU A 1 110 ? -6.917  6.190   -4.248  1.00 12.88 ? 110 LEU A N     1 
ATOM   846  C CA    . LEU A 1 110 ? -5.701  6.151   -3.392  1.00 13.76 ? 110 LEU A CA    1 
ATOM   847  C C     . LEU A 1 110 ? -6.168  6.269   -1.961  1.00 17.90 ? 110 LEU A C     1 
ATOM   848  O O     . LEU A 1 110 ? -6.979  7.088   -1.605  1.00 16.97 ? 110 LEU A O     1 
ATOM   849  C CB    . LEU A 1 110 ? -4.840  7.316   -3.652  1.00 15.45 ? 110 LEU A CB    1 
ATOM   850  C CG    . LEU A 1 110 ? -4.293  7.379   -5.089  1.00 19.70 ? 110 LEU A CG    1 
ATOM   851  C CD1   . LEU A 1 110 ? -3.445  8.612   -5.115  1.00 14.46 ? 110 LEU A CD1   1 
ATOM   852  C CD2   . LEU A 1 110 ? -3.463  6.112   -5.515  1.00 18.62 ? 110 LEU A CD2   1 
ATOM   853  N N     . TYR A 1 111 ? -5.686  5.413   -1.129  1.00 20.07 ? 111 TYR A N     1 
ATOM   854  C CA    . TYR A 1 111 ? -5.997  5.418   0.286   1.00 9.94  ? 111 TYR A CA    1 
ATOM   855  C C     . TYR A 1 111 ? -4.612  5.724   0.845   1.00 18.66 ? 111 TYR A C     1 
ATOM   856  O O     . TYR A 1 111 ? -3.750  4.819   0.858   1.00 15.50 ? 111 TYR A O     1 
ATOM   857  C CB    . TYR A 1 111 ? -6.408  4.049   0.839   1.00 10.31 ? 111 TYR A CB    1 
ATOM   858  C CG    . TYR A 1 111 ? -7.700  3.404   0.343   1.00 13.94 ? 111 TYR A CG    1 
ATOM   859  C CD1   . TYR A 1 111 ? -7.787  2.841   -0.933  1.00 18.68 ? 111 TYR A CD1   1 
ATOM   860  C CD2   . TYR A 1 111 ? -8.838  3.286   1.162   1.00 11.50 ? 111 TYR A CD2   1 
ATOM   861  C CE1   . TYR A 1 111 ? -8.957  2.213   -1.382  1.00 17.86 ? 111 TYR A CE1   1 
ATOM   862  C CE2   . TYR A 1 111 ? -10.031 2.650   0.735   1.00 15.74 ? 111 TYR A CE2   1 
ATOM   863  C CZ    . TYR A 1 111 ? -10.095 2.107   -0.563  1.00 19.95 ? 111 TYR A CZ    1 
ATOM   864  O OH    . TYR A 1 111 ? -11.222 1.464   -1.012  1.00 15.01 ? 111 TYR A OH    1 
ATOM   865  N N     . LEU A 1 112 ? -4.413  6.942   1.263   1.00 11.49 ? 112 LEU A N     1 
ATOM   866  C CA    . LEU A 1 112 ? -3.132  7.359   1.771   1.00 17.99 ? 112 LEU A CA    1 
ATOM   867  C C     . LEU A 1 112 ? -3.054  7.768   3.236   1.00 23.07 ? 112 LEU A C     1 
ATOM   868  O O     . LEU A 1 112 ? -4.000  8.363   3.780   1.00 19.83 ? 112 LEU A O     1 
ATOM   869  C CB    . LEU A 1 112 ? -2.673  8.593   0.995   1.00 11.35 ? 112 LEU A CB    1 
ATOM   870  C CG    . LEU A 1 112 ? -2.832  8.431   -0.468  1.00 11.61 ? 112 LEU A CG    1 
ATOM   871  C CD1   . LEU A 1 112 ? -2.233  9.731   -0.937  1.00 12.20 ? 112 LEU A CD1   1 
ATOM   872  C CD2   . LEU A 1 112 ? -1.854  7.320   -0.815  1.00 22.53 ? 112 LEU A CD2   1 
ATOM   873  N N     . THR A 1 113 ? -1.943  7.480   3.893   1.00 10.65 ? 113 THR A N     1 
ATOM   874  C CA    . THR A 1 113 ? -1.854  7.941   5.264   1.00 10.81 ? 113 THR A CA    1 
ATOM   875  C C     . THR A 1 113 ? -0.750  8.937   5.302   1.00 11.26 ? 113 THR A C     1 
ATOM   876  O O     . THR A 1 113 ? 0.377   8.547   5.032   1.00 24.02 ? 113 THR A O     1 
ATOM   877  C CB    . THR A 1 113 ? -1.667  6.902   6.364   1.00 8.23  ? 113 THR A CB    1 
ATOM   878  O OG1   . THR A 1 113 ? -2.618  5.960   6.288   1.00 10.52 ? 113 THR A OG1   1 
ATOM   879  C CG2   . THR A 1 113 ? -1.494  7.423   7.793   1.00 11.12 ? 113 THR A CG2   1 
ATOM   880  N N     . HIS A 1 114 ? -0.974  10.209  5.616   1.00 17.35 ? 114 HIS A N     1 
ATOM   881  C CA    . HIS A 1 114 ? 0.169   11.127  5.646   1.00 19.68 ? 114 HIS A CA    1 
ATOM   882  C C     . HIS A 1 114 ? 0.695   11.241  7.051   1.00 28.25 ? 114 HIS A C     1 
ATOM   883  O O     . HIS A 1 114 ? 0.017   11.655  7.988   1.00 14.32 ? 114 HIS A O     1 
ATOM   884  C CB    . HIS A 1 114 ? -0.143  12.517  5.195   1.00 13.40 ? 114 HIS A CB    1 
ATOM   885  C CG    . HIS A 1 114 ? -0.792  12.486  3.861   1.00 16.23 ? 114 HIS A CG    1 
ATOM   886  N ND1   . HIS A 1 114 ? -0.056  12.703  2.706   1.00 20.39 ? 114 HIS A ND1   1 
ATOM   887  C CD2   . HIS A 1 114 ? -2.104  12.292  3.523   1.00 22.12 ? 114 HIS A CD2   1 
ATOM   888  C CE1   . HIS A 1 114 ? -0.923  12.627  1.705   1.00 19.73 ? 114 HIS A CE1   1 
ATOM   889  N NE2   . HIS A 1 114 ? -2.163  12.376  2.157   1.00 17.89 ? 114 HIS A NE2   1 
ATOM   890  N N     . ILE A 1 115 ? 1.920   10.867  7.196   1.00 15.39 ? 115 ILE A N     1 
ATOM   891  C CA    . ILE A 1 115 ? 2.494   10.905  8.514   1.00 14.14 ? 115 ILE A CA    1 
ATOM   892  C C     . ILE A 1 115 ? 3.344   12.096  8.719   1.00 16.24 ? 115 ILE A C     1 
ATOM   893  O O     . ILE A 1 115 ? 4.166   12.446  7.860   1.00 18.05 ? 115 ILE A O     1 
ATOM   894  C CB    . ILE A 1 115 ? 3.340   9.607   8.659   1.00 15.23 ? 115 ILE A CB    1 
ATOM   895  C CG1   . ILE A 1 115 ? 2.509   8.348   8.420   1.00 9.60  ? 115 ILE A CG1   1 
ATOM   896  C CG2   . ILE A 1 115 ? 4.103   9.598   9.992   1.00 21.05 ? 115 ILE A CG2   1 
ATOM   897  C CD1   . ILE A 1 115 ? 3.323   7.057   8.354   1.00 15.58 ? 115 ILE A CD1   1 
ATOM   898  N N     . ASP A 1 116 ? 3.195   12.745  9.849   1.00 19.56 ? 116 ASP A N     1 
ATOM   899  C CA    . ASP A 1 116 ? 4.024   13.881  10.023  1.00 15.13 ? 116 ASP A CA    1 
ATOM   900  C C     . ASP A 1 116 ? 5.413   13.510  10.576  1.00 17.32 ? 116 ASP A C     1 
ATOM   901  O O     . ASP A 1 116 ? 5.709   13.696  11.765  1.00 16.79 ? 116 ASP A O     1 
ATOM   902  C CB    . ASP A 1 116 ? 3.403   14.863  10.979  1.00 12.21 ? 116 ASP A CB    1 
ATOM   903  C CG    . ASP A 1 116 ? 2.131   15.495  10.472  1.00 18.41 ? 116 ASP A CG    1 
ATOM   904  O OD1   . ASP A 1 116 ? 2.208   15.894  9.263   1.00 17.41 ? 116 ASP A OD1   1 
ATOM   905  O OD2   . ASP A 1 116 ? 1.100   15.352  11.025  1.00 19.59 ? 116 ASP A OD2   1 
ATOM   906  N N     . ALA A 1 117 ? 6.257   13.010  9.704   1.00 25.09 ? 117 ALA A N     1 
ATOM   907  C CA    . ALA A 1 117 ? 7.619   12.587  10.010  1.00 15.86 ? 117 ALA A CA    1 
ATOM   908  C C     . ALA A 1 117 ? 8.502   12.897  8.796   1.00 22.25 ? 117 ALA A C     1 
ATOM   909  O O     . ALA A 1 117 ? 8.107   12.853  7.610   1.00 23.62 ? 117 ALA A O     1 
ATOM   910  C CB    . ALA A 1 117 ? 7.614   11.104  10.413  1.00 11.32 ? 117 ALA A CB    1 
ATOM   911  N N     . GLU A 1 118 ? 9.719   13.297  9.122   1.00 27.05 ? 118 GLU A N     1 
ATOM   912  C CA    . GLU A 1 118 ? 10.777  13.593  8.172   1.00 34.73 ? 118 GLU A CA    1 
ATOM   913  C C     . GLU A 1 118 ? 11.851  12.476  8.410   1.00 35.83 ? 118 GLU A C     1 
ATOM   914  O O     . GLU A 1 118 ? 12.491  12.374  9.462   1.00 34.87 ? 118 GLU A O     1 
ATOM   915  C CB    . GLU A 1 118 ? 11.444  14.981  8.192   1.00 38.13 ? 118 GLU A CB    1 
ATOM   916  C CG    . GLU A 1 118 ? 12.377  15.166  9.402   0.00 23.34 ? 118 GLU A CG    1 
ATOM   917  C CD    . GLU A 1 118 ? 13.109  16.475  9.383   0.00 20.17 ? 118 GLU A CD    1 
ATOM   918  O OE1   . GLU A 1 118 ? 13.904  16.783  8.515   0.00 20.00 ? 118 GLU A OE1   1 
ATOM   919  O OE2   . GLU A 1 118 ? 12.753  17.268  10.362  0.00 20.00 ? 118 GLU A OE2   1 
ATOM   920  N N     . VAL A 1 119 ? 12.023  11.605  7.428   1.00 35.18 ? 119 VAL A N     1 
ATOM   921  C CA    . VAL A 1 119 ? 12.991  10.525  7.528   1.00 30.22 ? 119 VAL A CA    1 
ATOM   922  C C     . VAL A 1 119 ? 13.772  10.348  6.249   1.00 38.10 ? 119 VAL A C     1 
ATOM   923  O O     . VAL A 1 119 ? 13.343  10.770  5.157   1.00 38.00 ? 119 VAL A O     1 
ATOM   924  C CB    . VAL A 1 119 ? 12.453  9.205   8.074   1.00 32.19 ? 119 VAL A CB    1 
ATOM   925  C CG1   . VAL A 1 119 ? 11.479  9.528   9.160   1.00 42.08 ? 119 VAL A CG1   1 
ATOM   926  C CG2   . VAL A 1 119 ? 11.635  8.429   7.094   1.00 32.78 ? 119 VAL A CG2   1 
ATOM   927  N N     . GLU A 1 120 ? 14.941  9.728   6.401   1.00 41.34 ? 120 GLU A N     1 
ATOM   928  C CA    . GLU A 1 120 ? 15.786  9.470   5.257   1.00 39.31 ? 120 GLU A CA    1 
ATOM   929  C C     . GLU A 1 120 ? 15.256  8.201   4.607   1.00 29.99 ? 120 GLU A C     1 
ATOM   930  O O     . GLU A 1 120 ? 15.018  7.176   5.266   1.00 35.73 ? 120 GLU A O     1 
ATOM   931  C CB    . GLU A 1 120 ? 17.242  9.254   5.697   1.00 52.78 ? 120 GLU A CB    1 
ATOM   932  C CG    . GLU A 1 120 ? 17.956  10.552  6.077   1.00 68.46 ? 120 GLU A CG    1 
ATOM   933  C CD    . GLU A 1 120 ? 18.112  11.447  4.883   1.00 79.73 ? 120 GLU A CD    1 
ATOM   934  O OE1   . GLU A 1 120 ? 17.240  11.573  4.027   1.00 79.73 ? 120 GLU A OE1   1 
ATOM   935  O OE2   . GLU A 1 120 ? 19.300  12.026  4.847   1.00 84.62 ? 120 GLU A OE2   1 
ATOM   936  N N     . GLY A 1 121 ? 15.021  8.161   3.316   1.00 22.63 ? 121 GLY A N     1 
ATOM   937  C CA    . GLY A 1 121 ? 14.518  6.861   2.905   1.00 26.33 ? 121 GLY A CA    1 
ATOM   938  C C     . GLY A 1 121 ? 14.924  6.541   1.514   1.00 21.56 ? 121 GLY A C     1 
ATOM   939  O O     . GLY A 1 121 ? 15.370  7.401   0.779   1.00 29.02 ? 121 GLY A O     1 
ATOM   940  N N     . ASP A 1 122 ? 14.778  5.331   1.120   1.00 17.38 ? 122 ASP A N     1 
ATOM   941  C CA    . ASP A 1 122 ? 15.223  5.189   -0.220  1.00 22.47 ? 122 ASP A CA    1 
ATOM   942  C C     . ASP A 1 122 ? 14.134  4.818   -1.200  1.00 24.08 ? 122 ASP A C     1 
ATOM   943  O O     . ASP A 1 122 ? 14.412  4.533   -2.352  1.00 24.00 ? 122 ASP A O     1 
ATOM   944  C CB    . ASP A 1 122 ? 16.358  4.147   -0.188  1.00 32.40 ? 122 ASP A CB    1 
ATOM   945  C CG    . ASP A 1 122 ? 15.869  2.838   0.343   1.00 41.29 ? 122 ASP A CG    1 
ATOM   946  O OD1   . ASP A 1 122 ? 14.692  2.680   0.695   1.00 41.22 ? 122 ASP A OD1   1 
ATOM   947  O OD2   . ASP A 1 122 ? 16.820  1.914   0.396   1.00 42.66 ? 122 ASP A OD2   1 
ATOM   948  N N     . THR A 1 123 ? 12.895  4.806   -0.751  1.00 19.53 ? 123 THR A N     1 
ATOM   949  C CA    . THR A 1 123 ? 11.850  4.439   -1.647  1.00 17.33 ? 123 THR A CA    1 
ATOM   950  C C     . THR A 1 123 ? 10.746  5.483   -1.413  1.00 20.12 ? 123 THR A C     1 
ATOM   951  O O     . THR A 1 123 ? 10.464  5.750   -0.248  1.00 19.42 ? 123 THR A O     1 
ATOM   952  C CB    . THR A 1 123 ? 11.362  3.036   -1.197  1.00 16.06 ? 123 THR A CB    1 
ATOM   953  O OG1   . THR A 1 123 ? 12.452  2.180   -1.200  1.00 24.19 ? 123 THR A OG1   1 
ATOM   954  C CG2   . THR A 1 123 ? 10.434  2.434   -2.214  1.00 16.32 ? 123 THR A CG2   1 
ATOM   955  N N     . HIS A 1 124 ? 10.203  6.020   -2.492  1.00 16.47 ? 124 HIS A N     1 
ATOM   956  C CA    . HIS A 1 124 ? 9.125   7.052   -2.472  1.00 16.95 ? 124 HIS A CA    1 
ATOM   957  C C     . HIS A 1 124 ? 7.826   6.620   -3.107  1.00 20.37 ? 124 HIS A C     1 
ATOM   958  O O     . HIS A 1 124 ? 7.761   5.741   -4.010  1.00 18.37 ? 124 HIS A O     1 
ATOM   959  C CB    . HIS A 1 124 ? 9.563   8.213   -3.318  1.00 14.77 ? 124 HIS A CB    1 
ATOM   960  C CG    . HIS A 1 124 ? 10.780  8.664   -2.690  1.00 22.95 ? 124 HIS A CG    1 
ATOM   961  N ND1   . HIS A 1 124 ? 11.945  7.960   -2.875  1.00 24.35 ? 124 HIS A ND1   1 
ATOM   962  C CD2   . HIS A 1 124 ? 11.032  9.722   -1.866  1.00 24.88 ? 124 HIS A CD2   1 
ATOM   963  C CE1   . HIS A 1 124 ? 12.897  8.606   -2.163  1.00 22.22 ? 124 HIS A CE1   1 
ATOM   964  N NE2   . HIS A 1 124 ? 12.384  9.675   -1.538  1.00 19.78 ? 124 HIS A NE2   1 
ATOM   965  N N     . PHE A 1 125 ? 6.726   7.247   -2.658  1.00 17.06 ? 125 PHE A N     1 
ATOM   966  C CA    . PHE A 1 125 ? 5.550   6.828   -3.358  1.00 14.75 ? 125 PHE A CA    1 
ATOM   967  C C     . PHE A 1 125 ? 5.639   7.656   -4.659  1.00 13.20 ? 125 PHE A C     1 
ATOM   968  O O     . PHE A 1 125 ? 6.291   8.742   -4.652  1.00 15.81 ? 125 PHE A O     1 
ATOM   969  C CB    . PHE A 1 125 ? 4.359   7.281   -2.507  1.00 13.03 ? 125 PHE A CB    1 
ATOM   970  C CG    . PHE A 1 125 ? 3.020   6.942   -3.096  1.00 8.98  ? 125 PHE A CG    1 
ATOM   971  C CD1   . PHE A 1 125 ? 2.456   5.681   -2.947  1.00 11.72 ? 125 PHE A CD1   1 
ATOM   972  C CD2   . PHE A 1 125 ? 2.302   7.924   -3.776  1.00 16.97 ? 125 PHE A CD2   1 
ATOM   973  C CE1   . PHE A 1 125 ? 1.202   5.348   -3.471  1.00 16.81 ? 125 PHE A CE1   1 
ATOM   974  C CE2   . PHE A 1 125 ? 1.044   7.611   -4.293  1.00 15.76 ? 125 PHE A CE2   1 
ATOM   975  C CZ    . PHE A 1 125 ? 0.495   6.341   -4.160  1.00 8.84  ? 125 PHE A CZ    1 
ATOM   976  N N     . PRO A 1 126 ? 5.022   7.228   -5.815  1.00 13.11 ? 126 PRO A N     1 
ATOM   977  C CA    . PRO A 1 126 ? 5.110   8.046   -7.041  1.00 15.80 ? 126 PRO A CA    1 
ATOM   978  C C     . PRO A 1 126 ? 4.464   9.420   -6.841  1.00 23.41 ? 126 PRO A C     1 
ATOM   979  O O     . PRO A 1 126 ? 3.512   9.584   -6.068  1.00 24.34 ? 126 PRO A O     1 
ATOM   980  C CB    . PRO A 1 126 ? 4.252   7.341   -8.060  1.00 11.69 ? 126 PRO A CB    1 
ATOM   981  C CG    . PRO A 1 126 ? 3.783   6.059   -7.442  1.00 15.84 ? 126 PRO A CG    1 
ATOM   982  C CD    . PRO A 1 126 ? 4.104   6.091   -5.952  1.00 11.62 ? 126 PRO A CD    1 
ATOM   983  N N     . ASP A 1 127 ? 4.998   10.413  -7.542  1.00 26.73 ? 127 ASP A N     1 
ATOM   984  C CA    . ASP A 1 127 ? 4.499   11.775  -7.470  1.00 29.14 ? 127 ASP A CA    1 
ATOM   985  C C     . ASP A 1 127 ? 3.112   11.792  -8.060  1.00 31.31 ? 127 ASP A C     1 
ATOM   986  O O     . ASP A 1 127 ? 2.839   11.139  -9.044  1.00 35.91 ? 127 ASP A O     1 
ATOM   987  C CB    . ASP A 1 127 ? 5.323   12.673  -8.368  1.00 44.24 ? 127 ASP A CB    1 
ATOM   988  C CG    . ASP A 1 127 ? 5.374   14.079  -7.884  1.00 53.83 ? 127 ASP A CG    1 
ATOM   989  O OD1   . ASP A 1 127 ? 4.698   14.289  -6.767  1.00 55.89 ? 127 ASP A OD1   1 
ATOM   990  O OD2   . ASP A 1 127 ? 6.100   14.892  -8.424  1.00 56.70 ? 127 ASP A OD2   1 
ATOM   991  N N     . TYR A 1 128 ? 2.204   12.502  -7.483  1.00 23.20 ? 128 TYR A N     1 
ATOM   992  C CA    . TYR A 1 128 ? 0.889   12.490  -8.068  1.00 27.26 ? 128 TYR A CA    1 
ATOM   993  C C     . TYR A 1 128 ? 0.496   13.957  -8.016  1.00 30.32 ? 128 TYR A C     1 
ATOM   994  O O     . TYR A 1 128 ? 1.009   14.715  -7.185  1.00 29.97 ? 128 TYR A O     1 
ATOM   995  C CB    . TYR A 1 128 ? -0.127  11.477  -7.446  1.00 24.42 ? 128 TYR A CB    1 
ATOM   996  C CG    . TYR A 1 128 ? -0.256  11.808  -6.000  1.00 28.52 ? 128 TYR A CG    1 
ATOM   997  C CD1   . TYR A 1 128 ? 0.636   11.289  -5.072  1.00 25.01 ? 128 TYR A CD1   1 
ATOM   998  C CD2   . TYR A 1 128 ? -1.224  12.723  -5.570  1.00 32.21 ? 128 TYR A CD2   1 
ATOM   999  C CE1   . TYR A 1 128 ? 0.537   11.663  -3.738  1.00 30.63 ? 128 TYR A CE1   1 
ATOM   1000 C CE2   . TYR A 1 128 ? -1.330  13.111  -4.233  1.00 26.85 ? 128 TYR A CE2   1 
ATOM   1001 C CZ    . TYR A 1 128 ? -0.442  12.560  -3.305  1.00 35.95 ? 128 TYR A CZ    1 
ATOM   1002 O OH    . TYR A 1 128 ? -0.512  12.919  -1.961  1.00 28.61 ? 128 TYR A OH    1 
ATOM   1003 N N     . GLU A 1 129 ? -0.347  14.341  -8.939  1.00 35.32 ? 129 GLU A N     1 
ATOM   1004 C CA    . GLU A 1 129 ? -0.827  15.687  -9.074  1.00 34.23 ? 129 GLU A CA    1 
ATOM   1005 C C     . GLU A 1 129 ? -2.168  15.700  -8.382  1.00 32.21 ? 129 GLU A C     1 
ATOM   1006 O O     . GLU A 1 129 ? -3.091  15.025  -8.739  1.00 29.23 ? 129 GLU A O     1 
ATOM   1007 C CB    . GLU A 1 129 ? -1.040  15.909  -10.557 1.00 43.83 ? 129 GLU A CB    1 
ATOM   1008 C CG    . GLU A 1 129 ? -1.235  17.378  -10.903 1.00 52.34 ? 129 GLU A CG    1 
ATOM   1009 C CD    . GLU A 1 129 ? -0.013  18.193  -10.577 1.00 58.91 ? 129 GLU A CD    1 
ATOM   1010 O OE1   . GLU A 1 129 ? 1.038   17.980  -11.356 1.00 61.99 ? 129 GLU A OE1   1 
ATOM   1011 O OE2   . GLU A 1 129 ? 0.020   18.874  -9.593  1.00 53.84 ? 129 GLU A OE2   1 
ATOM   1012 N N     . PRO A 1 130 ? -2.276  16.450  -7.374  1.00 37.65 ? 130 PRO A N     1 
ATOM   1013 C CA    . PRO A 1 130 ? -3.503  16.524  -6.601  1.00 43.28 ? 130 PRO A CA    1 
ATOM   1014 C C     . PRO A 1 130 ? -4.772  16.922  -7.328  1.00 42.22 ? 130 PRO A C     1 
ATOM   1015 O O     . PRO A 1 130 ? -5.889  16.455  -7.023  1.00 45.67 ? 130 PRO A O     1 
ATOM   1016 C CB    . PRO A 1 130 ? -3.182  17.497  -5.488  1.00 47.13 ? 130 PRO A CB    1 
ATOM   1017 C CG    . PRO A 1 130 ? -1.671  17.758  -5.552  1.00 46.03 ? 130 PRO A CG    1 
ATOM   1018 C CD    . PRO A 1 130 ? -1.105  17.143  -6.811  1.00 39.05 ? 130 PRO A CD    1 
ATOM   1019 N N     . ASP A 1 131 ? -4.595  17.804  -8.295  1.00 46.59 ? 131 ASP A N     1 
ATOM   1020 C CA    . ASP A 1 131 ? -5.709  18.306  -9.099  1.00 55.98 ? 131 ASP A CA    1 
ATOM   1021 C C     . ASP A 1 131 ? -6.344  17.258  -9.984  1.00 44.09 ? 131 ASP A C     1 
ATOM   1022 O O     . ASP A 1 131 ? -7.346  17.507  -10.641 1.00 49.17 ? 131 ASP A O     1 
ATOM   1023 C CB    . ASP A 1 131 ? -5.319  19.539  -9.948  1.00 76.36 ? 131 ASP A CB    1 
ATOM   1024 C CG    . ASP A 1 131 ? -5.265  20.874  -9.195  1.00 93.30 ? 131 ASP A CG    1 
ATOM   1025 O OD1   . ASP A 1 131 ? -5.695  20.802  -7.920  1.00 95.14 ? 131 ASP A OD1   1 
ATOM   1026 O OD2   . ASP A 1 131 ? -4.887  21.931  -9.752  1.00 99.86 ? 131 ASP A OD2   1 
ATOM   1027 N N     . ASP A 1 132 ? -5.727  16.095  -10.004 1.00 34.24 ? 132 ASP A N     1 
ATOM   1028 C CA    . ASP A 1 132 ? -6.209  15.013  -10.780 1.00 30.87 ? 132 ASP A CA    1 
ATOM   1029 C C     . ASP A 1 132 ? -7.044  14.119  -9.915  1.00 23.50 ? 132 ASP A C     1 
ATOM   1030 O O     . ASP A 1 132 ? -7.660  13.171  -10.381 1.00 28.27 ? 132 ASP A O     1 
ATOM   1031 C CB    . ASP A 1 132 ? -5.056  14.201  -11.360 1.00 36.63 ? 132 ASP A CB    1 
ATOM   1032 C CG    . ASP A 1 132 ? -4.219  14.955  -12.335 1.00 47.61 ? 132 ASP A CG    1 
ATOM   1033 O OD1   . ASP A 1 132 ? -4.583  15.920  -12.984 1.00 50.98 ? 132 ASP A OD1   1 
ATOM   1034 O OD2   . ASP A 1 132 ? -3.037  14.434  -12.415 1.00 49.74 ? 132 ASP A OD2   1 
ATOM   1035 N N     . TRP A 1 133 ? -7.044  14.426  -8.630  1.00 21.22 ? 133 TRP A N     1 
ATOM   1036 C CA    . TRP A 1 133 ? -7.803  13.624  -7.698  1.00 17.32 ? 133 TRP A CA    1 
ATOM   1037 C C     . TRP A 1 133 ? -8.699  14.471  -6.825  1.00 28.13 ? 133 TRP A C     1 
ATOM   1038 O O     . TRP A 1 133 ? -8.381  15.635  -6.485  1.00 33.28 ? 133 TRP A O     1 
ATOM   1039 C CB    . TRP A 1 133 ? -6.775  12.936  -6.742  1.00 22.90 ? 133 TRP A CB    1 
ATOM   1040 C CG    . TRP A 1 133 ? -5.831  12.048  -7.501  1.00 18.75 ? 133 TRP A CG    1 
ATOM   1041 C CD1   . TRP A 1 133 ? -4.689  12.461  -8.130  1.00 19.27 ? 133 TRP A CD1   1 
ATOM   1042 C CD2   . TRP A 1 133 ? -5.940  10.593  -7.750  1.00 15.17 ? 133 TRP A CD2   1 
ATOM   1043 N NE1   . TRP A 1 133 ? -4.091  11.356  -8.757  1.00 18.19 ? 133 TRP A NE1   1 
ATOM   1044 C CE2   . TRP A 1 133 ? -4.823  10.205  -8.548  1.00 17.04 ? 133 TRP A CE2   1 
ATOM   1045 C CE3   . TRP A 1 133 ? -6.830  9.599   -7.400  1.00 11.71 ? 133 TRP A CE3   1 
ATOM   1046 C CZ2   . TRP A 1 133 ? -4.628  8.840   -8.956  1.00 12.60 ? 133 TRP A CZ2   1 
ATOM   1047 C CZ3   . TRP A 1 133 ? -6.631  8.283   -7.817  1.00 16.72 ? 133 TRP A CZ3   1 
ATOM   1048 C CH2   . TRP A 1 133 ? -5.560  7.908   -8.587  1.00 13.53 ? 133 TRP A CH2   1 
ATOM   1049 N N     . GLU A 1 134 ? -9.822  13.873  -6.469  1.00 20.39 ? 134 GLU A N     1 
ATOM   1050 C CA    . GLU A 1 134 ? -10.772 14.547  -5.592  1.00 30.15 ? 134 GLU A CA    1 
ATOM   1051 C C     . GLU A 1 134 ? -10.621 13.887  -4.176  1.00 26.96 ? 134 GLU A C     1 
ATOM   1052 O O     . GLU A 1 134 ? -10.720 12.672  -4.081  1.00 25.23 ? 134 GLU A O     1 
ATOM   1053 C CB    . GLU A 1 134 ? -12.240 14.359  -6.080  1.00 37.01 ? 134 GLU A CB    1 
ATOM   1054 C CG    . GLU A 1 134 ? -13.243 15.527  -5.788  1.00 39.35 ? 134 GLU A CG    1 
ATOM   1055 C CD    . GLU A 1 134 ? -14.625 15.253  -6.285  0.00 23.38 ? 134 GLU A CD    1 
ATOM   1056 O OE1   . GLU A 1 134 ? -14.730 14.099  -6.898  0.00 20.17 ? 134 GLU A OE1   1 
ATOM   1057 O OE2   . GLU A 1 134 ? -15.543 16.035  -6.128  0.00 20.17 ? 134 GLU A OE2   1 
ATOM   1058 N N     . SER A 1 135 ? -10.406 14.643  -3.090  1.00 23.14 ? 135 SER A N     1 
ATOM   1059 C CA    . SER A 1 135 ? -10.273 14.108  -1.726  1.00 21.64 ? 135 SER A CA    1 
ATOM   1060 C C     . SER A 1 135 ? -11.683 13.831  -1.304  1.00 24.23 ? 135 SER A C     1 
ATOM   1061 O O     . SER A 1 135 ? -12.493 14.755  -1.079  1.00 27.58 ? 135 SER A O     1 
ATOM   1062 C CB    . SER A 1 135 ? -9.623  15.185  -0.866  1.00 25.24 ? 135 SER A CB    1 
ATOM   1063 O OG    . SER A 1 135 ? -9.267  14.689  0.376   1.00 26.88 ? 135 SER A OG    1 
ATOM   1064 N N     . VAL A 1 136 ? -12.042 12.574  -1.236  1.00 16.20 ? 136 VAL A N     1 
ATOM   1065 C CA    . VAL A 1 136 ? -13.387 12.296  -0.854  1.00 20.52 ? 136 VAL A CA    1 
ATOM   1066 C C     . VAL A 1 136 ? -13.554 12.132  0.644   1.00 34.39 ? 136 VAL A C     1 
ATOM   1067 O O     . VAL A 1 136 ? -14.629 12.322  1.194   1.00 29.82 ? 136 VAL A O     1 
ATOM   1068 C CB    . VAL A 1 136 ? -13.961 11.105  -1.597  1.00 25.10 ? 136 VAL A CB    1 
ATOM   1069 C CG1   . VAL A 1 136 ? -13.657 11.181  -3.076  1.00 28.60 ? 136 VAL A CG1   1 
ATOM   1070 C CG2   . VAL A 1 136 ? -13.534 9.776   -1.041  1.00 30.24 ? 136 VAL A CG2   1 
ATOM   1071 N N     . PHE A 1 137 ? -12.459 11.764  1.307   1.00 25.55 ? 137 PHE A N     1 
ATOM   1072 C CA    . PHE A 1 137 ? -12.400 11.533  2.722   1.00 16.37 ? 137 PHE A CA    1 
ATOM   1073 C C     . PHE A 1 137 ? -11.047 11.964  3.265   1.00 20.66 ? 137 PHE A C     1 
ATOM   1074 O O     . PHE A 1 137 ? -10.017 11.769  2.603   1.00 15.16 ? 137 PHE A O     1 
ATOM   1075 C CB    . PHE A 1 137 ? -12.602 10.046  2.953   1.00 14.77 ? 137 PHE A CB    1 
ATOM   1076 C CG    . PHE A 1 137 ? -12.321 9.671   4.365   1.00 25.57 ? 137 PHE A CG    1 
ATOM   1077 C CD1   . PHE A 1 137 ? -11.021 9.416   4.801   1.00 20.76 ? 137 PHE A CD1   1 
ATOM   1078 C CD2   . PHE A 1 137 ? -13.369 9.545   5.290   1.00 26.22 ? 137 PHE A CD2   1 
ATOM   1079 C CE1   . PHE A 1 137 ? -10.774 9.050   6.121   1.00 21.09 ? 137 PHE A CE1   1 
ATOM   1080 C CE2   . PHE A 1 137 ? -13.134 9.176   6.627   1.00 28.24 ? 137 PHE A CE2   1 
ATOM   1081 C CZ    . PHE A 1 137 ? -11.819 8.927   7.031   1.00 20.61 ? 137 PHE A CZ    1 
ATOM   1082 N N     . SER A 1 138 ? -11.082 12.580  4.442   1.00 20.24 ? 138 SER A N     1 
ATOM   1083 C CA    . SER A 1 138 ? -9.824  13.054  5.066   1.00 28.46 ? 138 SER A CA    1 
ATOM   1084 C C     . SER A 1 138 ? -10.026 13.196  6.559   1.00 30.03 ? 138 SER A C     1 
ATOM   1085 O O     . SER A 1 138 ? -11.020 13.762  6.951   1.00 32.02 ? 138 SER A O     1 
ATOM   1086 C CB    . SER A 1 138 ? -9.241  14.253  4.393   1.00 29.12 ? 138 SER A CB    1 
ATOM   1087 O OG    . SER A 1 138 ? -9.306  15.305  5.295   1.00 40.52 ? 138 SER A OG    1 
ATOM   1088 N N     . GLU A 1 139 ? -9.145  12.680  7.406   1.00 19.43 ? 139 GLU A N     1 
ATOM   1089 C CA    . GLU A 1 139 ? -9.315  12.741  8.872   1.00 24.75 ? 139 GLU A CA    1 
ATOM   1090 C C     . GLU A 1 139 ? -7.985  12.738  9.591   1.00 23.01 ? 139 GLU A C     1 
ATOM   1091 O O     . GLU A 1 139 ? -7.239  11.749  9.567   1.00 28.94 ? 139 GLU A O     1 
ATOM   1092 C CB    . GLU A 1 139 ? -9.974  11.419  9.272   1.00 20.66 ? 139 GLU A CB    1 
ATOM   1093 C CG    . GLU A 1 139 ? -10.548 11.354  10.677  1.00 31.76 ? 139 GLU A CG    1 
ATOM   1094 C CD    . GLU A 1 139 ? -11.152 9.981   10.964  1.00 46.56 ? 139 GLU A CD    1 
ATOM   1095 O OE1   . GLU A 1 139 ? -10.369 8.935   10.734  1.00 43.94 ? 139 GLU A OE1   1 
ATOM   1096 O OE2   . GLU A 1 139 ? -12.284 9.845   11.372  1.00 53.08 ? 139 GLU A OE2   1 
ATOM   1097 N N     . PHE A 1 140 ? -7.696  13.834  10.226  1.00 22.21 ? 140 PHE A N     1 
ATOM   1098 C CA    . PHE A 1 140 ? -6.463  13.999  10.948  1.00 18.54 ? 140 PHE A CA    1 
ATOM   1099 C C     . PHE A 1 140 ? -6.508  13.501  12.357  1.00 23.40 ? 140 PHE A C     1 
ATOM   1100 O O     . PHE A 1 140 ? -7.498  13.632  13.043  1.00 19.86 ? 140 PHE A O     1 
ATOM   1101 C CB    . PHE A 1 140 ? -6.105  15.486  10.962  1.00 10.25 ? 140 PHE A CB    1 
ATOM   1102 C CG    . PHE A 1 140 ? -4.938  15.779  11.837  1.00 29.82 ? 140 PHE A CG    1 
ATOM   1103 C CD1   . PHE A 1 140 ? -3.632  15.571  11.361  1.00 34.02 ? 140 PHE A CD1   1 
ATOM   1104 C CD2   . PHE A 1 140 ? -5.100  16.224  13.156  1.00 26.57 ? 140 PHE A CD2   1 
ATOM   1105 C CE1   . PHE A 1 140 ? -2.511  15.818  12.159  1.00 25.81 ? 140 PHE A CE1   1 
ATOM   1106 C CE2   . PHE A 1 140 ? -3.989  16.483  13.957  1.00 25.09 ? 140 PHE A CE2   1 
ATOM   1107 C CZ    . PHE A 1 140 ? -2.701  16.282  13.457  1.00 26.03 ? 140 PHE A CZ    1 
ATOM   1108 N N     . HIS A 1 141 ? -5.400  12.933  12.781  1.00 19.30 ? 141 HIS A N     1 
ATOM   1109 C CA    . HIS A 1 141 ? -5.214  12.436  14.121  1.00 21.90 ? 141 HIS A CA    1 
ATOM   1110 C C     . HIS A 1 141 ? -3.905  12.901  14.693  1.00 21.40 ? 141 HIS A C     1 
ATOM   1111 O O     . HIS A 1 141 ? -2.848  12.915  13.985  1.00 21.57 ? 141 HIS A O     1 
ATOM   1112 C CB    . HIS A 1 141 ? -5.135  10.927  14.180  1.00 11.72 ? 141 HIS A CB    1 
ATOM   1113 C CG    . HIS A 1 141 ? -6.419  10.405  13.739  1.00 23.20 ? 141 HIS A CG    1 
ATOM   1114 N ND1   . HIS A 1 141 ? -7.445  10.101  14.646  1.00 21.93 ? 141 HIS A ND1   1 
ATOM   1115 C CD2   . HIS A 1 141 ? -6.835  10.163  12.475  1.00 23.67 ? 141 HIS A CD2   1 
ATOM   1116 C CE1   . HIS A 1 141 ? -8.442  9.654   13.887  1.00 28.91 ? 141 HIS A CE1   1 
ATOM   1117 N NE2   . HIS A 1 141 ? -8.108  9.661   12.589  1.00 23.86 ? 141 HIS A NE2   1 
ATOM   1118 N N     . ASP A 1 142 ? -3.953  13.282  15.974  1.00 23.45 ? 142 ASP A N     1 
ATOM   1119 C CA    . ASP A 1 142 ? -2.733  13.749  16.689  1.00 18.35 ? 142 ASP A CA    1 
ATOM   1120 C C     . ASP A 1 142 ? -1.985  12.490  17.230  1.00 16.01 ? 142 ASP A C     1 
ATOM   1121 O O     . ASP A 1 142 ? -2.555  11.415  17.415  1.00 16.96 ? 142 ASP A O     1 
ATOM   1122 C CB    . ASP A 1 142 ? -3.014  14.550  17.973  1.00 25.52 ? 142 ASP A CB    1 
ATOM   1123 C CG    . ASP A 1 142 ? -3.677  15.908  17.941  1.00 44.29 ? 142 ASP A CG    1 
ATOM   1124 O OD1   . ASP A 1 142 ? -3.089  16.820  17.190  1.00 41.92 ? 142 ASP A OD1   1 
ATOM   1125 O OD2   . ASP A 1 142 ? -4.568  16.175  18.731  1.00 58.91 ? 142 ASP A OD2   1 
ATOM   1126 N N     . ALA A 1 143 ? -0.698  12.586  17.525  1.00 17.35 ? 143 ALA A N     1 
ATOM   1127 C CA    . ALA A 1 143 ? -0.044  11.388  18.060  1.00 17.64 ? 143 ALA A CA    1 
ATOM   1128 C C     . ALA A 1 143 ? -0.625  11.161  19.449  1.00 19.24 ? 143 ALA A C     1 
ATOM   1129 O O     . ALA A 1 143 ? -1.245  12.038  20.046  1.00 24.70 ? 143 ALA A O     1 
ATOM   1130 C CB    . ALA A 1 143 ? 1.442   11.735  18.204  1.00 15.45 ? 143 ALA A CB    1 
ATOM   1131 N N     . ASP A 1 144 ? -0.447  10.016  20.008  1.00 21.54 ? 144 ASP A N     1 
ATOM   1132 C CA    . ASP A 1 144 ? -0.973  9.771   21.305  1.00 14.83 ? 144 ASP A CA    1 
ATOM   1133 C C     . ASP A 1 144 ? -0.086  8.719   21.998  1.00 19.98 ? 144 ASP A C     1 
ATOM   1134 O O     . ASP A 1 144 ? 1.065   8.417   21.588  1.00 19.57 ? 144 ASP A O     1 
ATOM   1135 C CB    . ASP A 1 144 ? -2.445  9.381   21.161  1.00 18.40 ? 144 ASP A CB    1 
ATOM   1136 C CG    . ASP A 1 144 ? -2.642  8.117   20.417  1.00 25.14 ? 144 ASP A CG    1 
ATOM   1137 O OD1   . ASP A 1 144 ? -1.859  7.203   20.366  1.00 25.25 ? 144 ASP A OD1   1 
ATOM   1138 O OD2   . ASP A 1 144 ? -3.826  8.073   19.935  1.00 22.50 ? 144 ASP A OD2   1 
ATOM   1139 N N     . ALA A 1 145 ? -0.582  8.175   23.030  1.00 12.97 ? 145 ALA A N     1 
ATOM   1140 C CA    . ALA A 1 145 ? 0.227   7.209   23.738  1.00 20.98 ? 145 ALA A CA    1 
ATOM   1141 C C     . ALA A 1 145 ? 0.502   5.978   22.963  1.00 33.37 ? 145 ALA A C     1 
ATOM   1142 O O     . ALA A 1 145 ? 1.390   5.192   23.318  1.00 28.34 ? 145 ALA A O     1 
ATOM   1143 C CB    . ALA A 1 145 ? -0.512  6.704   24.921  1.00 23.26 ? 145 ALA A CB    1 
ATOM   1144 N N     . GLN A 1 146 ? -0.285  5.795   21.936  1.00 29.64 ? 146 GLN A N     1 
ATOM   1145 C CA    . GLN A 1 146 ? -0.064  4.623   21.174  1.00 26.71 ? 146 GLN A CA    1 
ATOM   1146 C C     . GLN A 1 146 ? 0.573   4.933   19.851  1.00 21.90 ? 146 GLN A C     1 
ATOM   1147 O O     . GLN A 1 146 ? 1.218   4.075   19.343  1.00 23.64 ? 146 GLN A O     1 
ATOM   1148 C CB    . GLN A 1 146 ? -1.417  3.929   20.924  1.00 32.27 ? 146 GLN A CB    1 
ATOM   1149 C CG    . GLN A 1 146 ? -2.119  3.541   22.234  1.00 48.01 ? 146 GLN A CG    1 
ATOM   1150 C CD    . GLN A 1 146 ? -3.356  2.724   21.960  1.00 75.06 ? 146 GLN A CD    1 
ATOM   1151 O OE1   . GLN A 1 146 ? -4.104  2.290   22.865  1.00 82.51 ? 146 GLN A OE1   1 
ATOM   1152 N NE2   . GLN A 1 146 ? -3.581  2.520   20.667  1.00 84.79 ? 146 GLN A NE2   1 
ATOM   1153 N N     . ASN A 1 147 ? 0.379   6.136   19.302  1.00 16.13 ? 147 ASN A N     1 
ATOM   1154 C CA    . ASN A 1 147 ? 0.904   6.529   18.001  1.00 18.04 ? 147 ASN A CA    1 
ATOM   1155 C C     . ASN A 1 147 ? 1.935   7.558   18.147  1.00 15.80 ? 147 ASN A C     1 
ATOM   1156 O O     . ASN A 1 147 ? 1.639   8.621   18.604  1.00 16.21 ? 147 ASN A O     1 
ATOM   1157 C CB    . ASN A 1 147 ? -0.379  6.990   17.207  1.00 17.99 ? 147 ASN A CB    1 
ATOM   1158 C CG    . ASN A 1 147 ? -1.345  5.806   17.083  1.00 15.62 ? 147 ASN A CG    1 
ATOM   1159 O OD1   . ASN A 1 147 ? -1.153  4.885   16.270  1.00 19.62 ? 147 ASN A OD1   1 
ATOM   1160 N ND2   . ASN A 1 147 ? -2.343  5.689   17.946  1.00 19.08 ? 147 ASN A ND2   1 
ATOM   1161 N N     . SER A 1 148 ? 3.192   7.243   17.783  1.00 15.52 ? 148 SER A N     1 
ATOM   1162 C CA    . SER A 1 148 ? 4.317   8.154   17.952  1.00 13.96 ? 148 SER A CA    1 
ATOM   1163 C C     . SER A 1 148 ? 4.289   9.486   17.195  1.00 17.12 ? 148 SER A C     1 
ATOM   1164 O O     . SER A 1 148 ? 4.938   10.454  17.632  1.00 15.26 ? 148 SER A O     1 
ATOM   1165 C CB    . SER A 1 148 ? 5.644   7.458   17.605  1.00 18.30 ? 148 SER A CB    1 
ATOM   1166 O OG    . SER A 1 148 ? 5.460   6.916   16.290  1.00 17.66 ? 148 SER A OG    1 
ATOM   1167 N N     . HIS A 1 149 ? 3.562   9.551   16.074  1.00 19.70 ? 149 HIS A N     1 
ATOM   1168 C CA    . HIS A 1 149 ? 3.488   10.768  15.282  1.00 12.89 ? 149 HIS A CA    1 
ATOM   1169 C C     . HIS A 1 149 ? 2.036   11.062  14.856  1.00 11.92 ? 149 HIS A C     1 
ATOM   1170 O O     . HIS A 1 149 ? 1.222   10.187  14.937  1.00 17.84 ? 149 HIS A O     1 
ATOM   1171 C CB    . HIS A 1 149 ? 4.303   10.547  14.028  1.00 17.02 ? 149 HIS A CB    1 
ATOM   1172 C CG    . HIS A 1 149 ? 5.784   10.309  14.182  1.00 19.81 ? 149 HIS A CG    1 
ATOM   1173 N ND1   . HIS A 1 149 ? 6.289   9.055   14.528  1.00 19.27 ? 149 HIS A ND1   1 
ATOM   1174 C CD2   . HIS A 1 149 ? 6.819   11.148  13.985  1.00 17.60 ? 149 HIS A CD2   1 
ATOM   1175 C CE1   . HIS A 1 149 ? 7.588   9.165   14.550  1.00 14.31 ? 149 HIS A CE1   1 
ATOM   1176 N NE2   . HIS A 1 149 ? 7.941   10.393  14.233  1.00 17.63 ? 149 HIS A NE2   1 
ATOM   1177 N N     . SER A 1 150 ? 1.736   12.313  14.437  1.00 15.92 ? 150 SER A N     1 
ATOM   1178 C CA    . SER A 1 150 ? 0.405   12.656  14.018  1.00 16.17 ? 150 SER A CA    1 
ATOM   1179 C C     . SER A 1 150 ? 0.320   12.213  12.620  1.00 18.39 ? 150 SER A C     1 
ATOM   1180 O O     . SER A 1 150 ? 1.374   12.113  11.927  1.00 15.44 ? 150 SER A O     1 
ATOM   1181 C CB    . SER A 1 150 ? 0.126   14.134  14.070  1.00 12.04 ? 150 SER A CB    1 
ATOM   1182 O OG    . SER A 1 150 ? 1.243   14.837  13.591  1.00 16.71 ? 150 SER A OG    1 
ATOM   1183 N N     . TYR A 1 151 ? -0.920  11.956  12.237  1.00 15.14 ? 151 TYR A N     1 
ATOM   1184 C CA    . TYR A 1 151 ? -1.178  11.486  10.917  1.00 12.94 ? 151 TYR A CA    1 
ATOM   1185 C C     . TYR A 1 151 ? -2.548  11.784  10.434  1.00 21.53 ? 151 TYR A C     1 
ATOM   1186 O O     . TYR A 1 151 ? -3.464  12.064  11.218  1.00 24.15 ? 151 TYR A O     1 
ATOM   1187 C CB    . TYR A 1 151 ? -0.999  9.934   10.918  1.00 15.91 ? 151 TYR A CB    1 
ATOM   1188 C CG    . TYR A 1 151 ? -1.880  9.297   11.956  1.00 22.15 ? 151 TYR A CG    1 
ATOM   1189 C CD1   . TYR A 1 151 ? -1.455  9.233   13.292  1.00 22.01 ? 151 TYR A CD1   1 
ATOM   1190 C CD2   . TYR A 1 151 ? -3.139  8.776   11.634  1.00 17.58 ? 151 TYR A CD2   1 
ATOM   1191 C CE1   . TYR A 1 151 ? -2.245  8.640   14.278  1.00 15.00 ? 151 TYR A CE1   1 
ATOM   1192 C CE2   . TYR A 1 151 ? -3.957  8.199   12.604  1.00 12.30 ? 151 TYR A CE2   1 
ATOM   1193 C CZ    . TYR A 1 151 ? -3.498  8.149   13.913  1.00 10.66 ? 151 TYR A CZ    1 
ATOM   1194 O OH    . TYR A 1 151 ? -4.313  7.605   14.835  1.00 18.62 ? 151 TYR A OH    1 
ATOM   1195 N N     . CYS A 1 152 ? -2.674  11.679  9.122   1.00 16.95 ? 152 CYS A N     1 
ATOM   1196 C CA    . CYS A 1 152 ? -3.956  11.937  8.468   1.00 14.64 ? 152 CYS A CA    1 
ATOM   1197 C C     . CYS A 1 152 ? -4.263  10.956  7.424   1.00 12.71 ? 152 CYS A C     1 
ATOM   1198 O O     . CYS A 1 152 ? -3.413  10.781  6.563   1.00 22.87 ? 152 CYS A O     1 
ATOM   1199 C CB    . CYS A 1 152 ? -3.759  13.257  7.709   1.00 15.71 ? 152 CYS A CB    1 
ATOM   1200 S SG    . CYS A 1 152 ? -5.255  13.962  6.944   1.00 27.10 ? 152 CYS A SG    1 
ATOM   1201 N N     . PHE A 1 153 ? -5.467  10.392  7.482   1.00 8.56  ? 153 PHE A N     1 
ATOM   1202 C CA    . PHE A 1 153 ? -6.009  9.424   6.517   1.00 9.23  ? 153 PHE A CA    1 
ATOM   1203 C C     . PHE A 1 153 ? -6.768  10.202  5.501   1.00 23.71 ? 153 PHE A C     1 
ATOM   1204 O O     . PHE A 1 153 ? -7.576  11.074  5.861   1.00 17.30 ? 153 PHE A O     1 
ATOM   1205 C CB    . PHE A 1 153 ? -7.056  8.558   7.081   1.00 9.24  ? 153 PHE A CB    1 
ATOM   1206 C CG    . PHE A 1 153 ? -6.502  7.660   8.112   1.00 20.67 ? 153 PHE A CG    1 
ATOM   1207 C CD1   . PHE A 1 153 ? -5.318  6.965   7.870   1.00 13.20 ? 153 PHE A CD1   1 
ATOM   1208 C CD2   . PHE A 1 153 ? -7.162  7.509   9.326   1.00 13.93 ? 153 PHE A CD2   1 
ATOM   1209 C CE1   . PHE A 1 153 ? -4.814  6.126   8.848   1.00 19.19 ? 153 PHE A CE1   1 
ATOM   1210 C CE2   . PHE A 1 153 ? -6.670  6.655   10.317  1.00 23.62 ? 153 PHE A CE2   1 
ATOM   1211 C CZ    . PHE A 1 153 ? -5.487  5.957   10.063  1.00 14.15 ? 153 PHE A CZ    1 
ATOM   1212 N N     . GLU A 1 154 ? -6.510  9.885   4.280   1.00 14.82 ? 154 GLU A N     1 
ATOM   1213 C CA    . GLU A 1 154 ? -7.140  10.517  3.140   1.00 16.72 ? 154 GLU A CA    1 
ATOM   1214 C C     . GLU A 1 154 ? -7.424  9.528   2.036   1.00 20.95 ? 154 GLU A C     1 
ATOM   1215 O O     . GLU A 1 154 ? -6.559  8.684   1.717   1.00 21.77 ? 154 GLU A O     1 
ATOM   1216 C CB    . GLU A 1 154 ? -6.175  11.553  2.591   1.00 16.58 ? 154 GLU A CB    1 
ATOM   1217 C CG    . GLU A 1 154 ? -6.714  12.297  1.372   1.00 28.98 ? 154 GLU A CG    1 
ATOM   1218 C CD    . GLU A 1 154 ? -5.883  13.520  0.929   1.00 41.21 ? 154 GLU A CD    1 
ATOM   1219 O OE1   . GLU A 1 154 ? -4.548  13.347  0.963   1.00 35.65 ? 154 GLU A OE1   1 
ATOM   1220 O OE2   . GLU A 1 154 ? -6.424  14.522  0.432   1.00 42.10 ? 154 GLU A OE2   1 
ATOM   1221 N N     . ILE A 1 155 ? -8.656  9.629   1.444   1.00 11.59 ? 155 ILE A N     1 
ATOM   1222 C CA    . ILE A 1 155 ? -9.098  8.816   0.346   1.00 8.66  ? 155 ILE A CA    1 
ATOM   1223 C C     . ILE A 1 155 ? -9.244  9.768   -0.846  1.00 17.75 ? 155 ILE A C     1 
ATOM   1224 O O     . ILE A 1 155 ? -9.939  10.790  -0.712  1.00 20.70 ? 155 ILE A O     1 
ATOM   1225 C CB    . ILE A 1 155 ? -10.339 8.048   0.625   1.00 15.95 ? 155 ILE A CB    1 
ATOM   1226 C CG1   . ILE A 1 155 ? -10.036 7.099   1.767   1.00 18.22 ? 155 ILE A CG1   1 
ATOM   1227 C CG2   . ILE A 1 155 ? -10.767 7.195   -0.571  1.00 16.55 ? 155 ILE A CG2   1 
ATOM   1228 C CD1   . ILE A 1 155 ? -11.250 6.258   2.087   1.00 18.19 ? 155 ILE A CD1   1 
ATOM   1229 N N     . LEU A 1 156 ? -8.570  9.464   -1.977  1.00 13.54 ? 156 LEU A N     1 
ATOM   1230 C CA    . LEU A 1 156 ? -8.592  10.238  -3.263  1.00 12.05 ? 156 LEU A CA    1 
ATOM   1231 C C     . LEU A 1 156 ? -9.199  9.397   -4.378  1.00 21.86 ? 156 LEU A C     1 
ATOM   1232 O O     . LEU A 1 156 ? -8.924  8.193   -4.444  1.00 13.99 ? 156 LEU A O     1 
ATOM   1233 C CB    . LEU A 1 156 ? -7.318  10.893  -3.692  1.00 14.50 ? 156 LEU A CB    1 
ATOM   1234 C CG    . LEU A 1 156 ? -6.888  11.697  -2.534  1.00 23.81 ? 156 LEU A CG    1 
ATOM   1235 C CD1   . LEU A 1 156 ? -5.619  11.063  -2.091  1.00 36.35 ? 156 LEU A CD1   1 
ATOM   1236 C CD2   . LEU A 1 156 ? -6.498  13.006  -3.048  1.00 22.99 ? 156 LEU A CD2   1 
ATOM   1237 N N     . GLU A 1 157 ? -10.082 10.031  -5.217  1.00 17.86 ? 157 GLU A N     1 
ATOM   1238 C CA    . GLU A 1 157 ? -10.778 9.409   -6.377  1.00 22.84 ? 157 GLU A CA    1 
ATOM   1239 C C     . GLU A 1 157 ? -10.233 10.104  -7.583  1.00 19.07 ? 157 GLU A C     1 
ATOM   1240 O O     . GLU A 1 157 ? -10.030 11.307  -7.577  1.00 22.80 ? 157 GLU A O     1 
ATOM   1241 C CB    . GLU A 1 157 ? -12.333 9.299   -6.376  1.00 21.80 ? 157 GLU A CB    1 
ATOM   1242 C CG    . GLU A 1 157 ? -12.872 8.438   -5.222  1.00 39.80 ? 157 GLU A CG    1 
ATOM   1243 C CD    . GLU A 1 157 ? -14.379 8.277   -5.218  1.00 53.75 ? 157 GLU A CD    1 
ATOM   1244 O OE1   . GLU A 1 157 ? -15.159 9.009   -5.839  1.00 55.14 ? 157 GLU A OE1   1 
ATOM   1245 O OE2   . GLU A 1 157 ? -14.753 7.263   -4.462  1.00 56.86 ? 157 GLU A OE2   1 
ATOM   1246 N N     . ARG A 1 158 ? -9.936  9.328   -8.592  1.00 26.40 ? 158 ARG A N     1 
ATOM   1247 C CA    . ARG A 1 158 ? -9.359  9.900   -9.801  1.00 31.86 ? 158 ARG A CA    1 
ATOM   1248 C C     . ARG A 1 158 ? -10.387 10.762  -10.496 1.00 28.17 ? 158 ARG A C     1 
ATOM   1249 O O     . ARG A 1 158 ? -11.488 10.309  -10.745 1.00 27.95 ? 158 ARG A O     1 
ATOM   1250 C CB    . ARG A 1 158 ? -8.914  8.797   -10.762 1.00 26.37 ? 158 ARG A CB    1 
ATOM   1251 C CG    . ARG A 1 158 ? -7.889  9.326   -11.710 1.00 32.16 ? 158 ARG A CG    1 
ATOM   1252 C CD    . ARG A 1 158 ? -7.489  8.217   -12.630 1.00 42.20 ? 158 ARG A CD    1 
ATOM   1253 N NE    . ARG A 1 158 ? -6.399  7.436   -12.099 1.00 50.58 ? 158 ARG A NE    1 
ATOM   1254 C CZ    . ARG A 1 158 ? -5.153  7.867   -12.178 1.00 54.24 ? 158 ARG A CZ    1 
ATOM   1255 N NH1   . ARG A 1 158 ? -4.859  9.049   -12.738 1.00 51.57 ? 158 ARG A NH1   1 
ATOM   1256 N NH2   . ARG A 1 158 ? -4.196  7.098   -11.672 1.00 48.70 ? 158 ARG A NH2   1 
ATOM   1257 N N     . ARG A 1 159 ? -10.080 11.969  -10.799 1.00 27.17 ? 159 ARG A N     1 
ATOM   1258 C CA    . ARG A 1 159 ? -11.154 12.680  -11.476 1.00 36.31 ? 159 ARG A CA    1 
ATOM   1259 C C     . ARG A 1 159 ? -11.196 12.189  -12.957 1.00 40.24 ? 159 ARG A C     1 
ATOM   1260 O O     . ARG A 1 159 ? -10.202 12.433  -13.712 1.00 38.25 ? 159 ARG A O     1 
ATOM   1261 C CB    . ARG A 1 159 ? -11.017 14.204  -11.454 1.00 30.47 ? 159 ARG A CB    1 
ATOM   1262 C CG    . ARG A 1 159 ? -10.782 14.974  -10.160 1.00 21.94 ? 159 ARG A CG    1 
ATOM   1263 C CD    . ARG A 1 159 ? -10.645 16.457  -10.460 1.00 27.12 ? 159 ARG A CD    1 
ATOM   1264 N NE    . ARG A 1 159 ? -10.056 17.127  -9.277  1.00 57.00 ? 159 ARG A NE    1 
ATOM   1265 C CZ    . ARG A 1 159 ? -10.641 17.580  -8.050  1.00 62.32 ? 159 ARG A CZ    1 
ATOM   1266 N NH1   . ARG A 1 159 ? -11.975 17.481  -7.724  1.00 57.34 ? 159 ARG A NH1   1 
ATOM   1267 N NH2   . ARG A 1 159 ? -9.833  18.172  -7.101  1.00 60.84 ? 159 ARG A NH2   1 
ATOM   1268 O OXT   . ARG A 1 159 ? -12.216 11.564  -13.388 1.00 41.99 ? 159 ARG A OXT   1 
HETATM 1269 N N1    . FOL B 2 .   ? -0.496  1.212   3.954   1.00 29.19 ? 161 FOL A N1    1 
HETATM 1270 C C2    . FOL B 2 .   ? -0.755  1.707   5.148   1.00 28.55 ? 161 FOL A C2    1 
HETATM 1271 N NA2   . FOL B 2 .   ? -1.683  2.492   5.421   1.00 16.81 ? 161 FOL A NA2   1 
HETATM 1272 N N3    . FOL B 2 .   ? 0.059   1.357   6.228   1.00 27.30 ? 161 FOL A N3    1 
HETATM 1273 C C4    . FOL B 2 .   ? 1.121   0.507   6.149   1.00 32.17 ? 161 FOL A C4    1 
HETATM 1274 O O4    . FOL B 2 .   ? 1.767   0.238   7.176   1.00 36.02 ? 161 FOL A O4    1 
HETATM 1275 C C4A   . FOL B 2 .   ? 1.396   -0.073  4.831   1.00 20.98 ? 161 FOL A C4A   1 
HETATM 1276 N N5    . FOL B 2 .   ? 2.269   -1.186  4.721   1.00 18.04 ? 161 FOL A N5    1 
HETATM 1277 C C6    . FOL B 2 .   ? 2.269   -1.876  3.538   1.00 26.35 ? 161 FOL A C6    1 
HETATM 1278 C C7    . FOL B 2 .   ? 1.391   -1.413  2.553   1.00 22.87 ? 161 FOL A C7    1 
HETATM 1279 N N8    . FOL B 2 .   ? 0.559   -0.388  2.666   1.00 32.58 ? 161 FOL A N8    1 
HETATM 1280 C C8A   . FOL B 2 .   ? 0.581   0.295   3.827   1.00 23.52 ? 161 FOL A C8A   1 
HETATM 1281 C C9    . FOL B 2 .   ? 3.228   -3.057  3.336   1.00 18.65 ? 161 FOL A C9    1 
HETATM 1282 N N10   . FOL B 2 .   ? 3.798   -3.465  4.653   1.00 18.62 ? 161 FOL A N10   1 
HETATM 1283 C C11   . FOL B 2 .   ? 1.473   -5.435  7.689   1.00 25.26 ? 161 FOL A C11   1 
HETATM 1284 C C12   . FOL B 2 .   ? 2.852   -5.226  7.793   1.00 36.36 ? 161 FOL A C12   1 
HETATM 1285 C C13   . FOL B 2 .   ? 3.578   -4.585  6.804   1.00 26.82 ? 161 FOL A C13   1 
HETATM 1286 C C14   . FOL B 2 .   ? 2.926   -4.108  5.606   1.00 27.44 ? 161 FOL A C14   1 
HETATM 1287 C C15   . FOL B 2 .   ? 1.561   -4.295  5.449   1.00 13.94 ? 161 FOL A C15   1 
HETATM 1288 C C16   . FOL B 2 .   ? 0.862   -4.953  6.503   1.00 22.18 ? 161 FOL A C16   1 
HETATM 1289 C C     . FOL B 2 .   ? 0.723   -6.106  8.737   1.00 27.20 ? 161 FOL A C     1 
HETATM 1290 O O     . FOL B 2 .   ? 1.197   -6.735  9.650   1.00 37.38 ? 161 FOL A O     1 
HETATM 1291 N N     . FOL B 2 .   ? -0.524  -6.154  8.652   1.00 30.12 ? 161 FOL A N     1 
HETATM 1292 C CA    . FOL B 2 .   ? -1.418  -6.901  9.534   1.00 33.07 ? 161 FOL A CA    1 
HETATM 1293 C CB    . FOL B 2 .   ? -1.626  -5.869  10.653  1.00 44.08 ? 161 FOL A CB    1 
HETATM 1294 C CG    . FOL B 2 .   ? -2.041  -6.461  12.070  1.00 59.62 ? 161 FOL A CG    1 
HETATM 1295 C CD    . FOL B 2 .   ? -2.463  -5.206  12.845  1.00 68.56 ? 161 FOL A CD    1 
HETATM 1296 O OE1   . FOL B 2 .   ? -1.367  -4.808  13.389  1.00 73.38 ? 161 FOL A OE1   1 
HETATM 1297 O OE2   . FOL B 2 .   ? -3.646  -4.638  12.765  1.00 57.83 ? 161 FOL A OE2   1 
HETATM 1298 C CT    . FOL B 2 .   ? -2.680  -7.079  8.691   1.00 33.36 ? 161 FOL A CT    1 
HETATM 1299 O O1    . FOL B 2 .   ? -2.987  -6.310  7.762   1.00 31.78 ? 161 FOL A O1    1 
HETATM 1300 O O2    . FOL B 2 .   ? -3.290  -8.121  8.830   1.00 28.30 ? 161 FOL A O2    1 
HETATM 1301 P PB    . ATR C 3 .   ? 10.578  -1.856  -3.552  1.00 20.90 ? 164 ATR A PB    1 
HETATM 1302 O O1B   . ATR C 3 .   ? 10.583  -1.014  -4.778  1.00 20.02 ? 164 ATR A O1B   1 
HETATM 1303 O O2B   . ATR C 3 .   ? 11.917  -2.007  -2.934  1.00 26.20 ? 164 ATR A O2B   1 
HETATM 1304 O O3B   . ATR C 3 .   ? 9.655   -1.255  -2.412  1.00 20.07 ? 164 ATR A O3B   1 
HETATM 1305 P PA    . ATR C 3 .   ? 8.611   -3.949  -4.186  1.00 17.15 ? 164 ATR A PA    1 
HETATM 1306 O O1A   . ATR C 3 .   ? 7.996   -3.073  -5.202  1.00 16.29 ? 164 ATR A O1A   1 
HETATM 1307 O O2A   . ATR C 3 .   ? 7.955   -4.570  -2.986  1.00 12.12 ? 164 ATR A O2A   1 
HETATM 1308 O O3A   . ATR C 3 .   ? 9.976   -3.321  -3.721  1.00 16.27 ? 164 ATR A O3A   1 
HETATM 1309 O "O5'" . ATR C 3 .   ? 9.290   -5.282  -4.818  1.00 18.83 ? 164 ATR A "O5'" 1 
HETATM 1310 C "C5'" . ATR C 3 .   ? 10.030  -5.266  -6.043  1.00 14.99 ? 164 ATR A "C5'" 1 
HETATM 1311 C "C4'" . ATR C 3 .   ? 10.040  -6.690  -6.517  1.00 15.76 ? 164 ATR A "C4'" 1 
HETATM 1312 O "O4'" . ATR C 3 .   ? 8.790   -7.060  -7.130  1.00 16.82 ? 164 ATR A "O4'" 1 
HETATM 1313 C "C3'" . ATR C 3 .   ? 10.888  -6.669  -7.766  1.00 22.89 ? 164 ATR A "C3'" 1 
HETATM 1314 O "O3'" . ATR C 3 .   ? 12.214  -6.748  -7.324  1.00 22.94 ? 164 ATR A "O3'" 1 
HETATM 1315 C "C2'" . ATR C 3 .   ? 10.535  -7.920  -8.543  1.00 13.21 ? 164 ATR A "C2'" 1 
HETATM 1316 O "O2'" . ATR C 3 .   ? 10.803  -9.116  -7.806  1.00 21.26 ? 164 ATR A "O2'" 1 
HETATM 1317 P "P2'" . ATR C 3 .   ? 12.119  -10.055 -8.189  1.00 15.92 ? 164 ATR A "P2'" 1 
HETATM 1318 O O1P   . ATR C 3 .   ? 11.769  -11.361 -7.403  1.00 14.99 ? 164 ATR A O1P   1 
HETATM 1319 O O2P   . ATR C 3 .   ? 12.196  -9.927  -9.709  1.00 16.42 ? 164 ATR A O2P   1 
HETATM 1320 O O3P   . ATR C 3 .   ? 13.199  -9.144  -7.614  1.00 14.26 ? 164 ATR A O3P   1 
HETATM 1321 C "C1'" . ATR C 3 .   ? 9.038   -7.722  -8.351  1.00 17.73 ? 164 ATR A "C1'" 1 
HETATM 1322 N N9    . ATR C 3 .   ? 8.421   -7.012  -9.457  1.00 13.95 ? 164 ATR A N9    1 
HETATM 1323 C C8    . ATR C 3 .   ? 8.064   -5.719  -9.515  1.00 17.36 ? 164 ATR A C8    1 
HETATM 1324 N N7    . ATR C 3 .   ? 7.488   -5.399  -10.648 1.00 15.93 ? 164 ATR A N7    1 
HETATM 1325 C C5    . ATR C 3 .   ? 7.494   -6.596  -11.362 1.00 19.80 ? 164 ATR A C5    1 
HETATM 1326 C C6    . ATR C 3 .   ? 7.054   -6.954  -12.645 1.00 22.77 ? 164 ATR A C6    1 
HETATM 1327 N N6    . ATR C 3 .   ? 6.458   -6.103  -13.522 1.00 23.13 ? 164 ATR A N6    1 
HETATM 1328 N N1    . ATR C 3 .   ? 7.272   -8.228  -13.033 1.00 31.81 ? 164 ATR A N1    1 
HETATM 1329 C C2    . ATR C 3 .   ? 7.864   -9.094  -12.193 1.00 26.03 ? 164 ATR A C2    1 
HETATM 1330 N N3    . ATR C 3 .   ? 8.313   -8.853  -10.984 1.00 21.60 ? 164 ATR A N3    1 
HETATM 1331 C C4    . ATR C 3 .   ? 8.109   -7.575  -10.633 1.00 13.68 ? 164 ATR A C4    1 
HETATM 1332 O O     . HOH D 4 .   ? -3.339  4.691   3.887   1.00 14.86 ? 302 HOH A O     1 
HETATM 1333 O O     . HOH D 4 .   ? 6.852   -15.646 -9.734  1.00 31.43 ? 305 HOH A O     1 
HETATM 1334 O O     . HOH D 4 .   ? 11.710  1.140   -5.602  1.00 21.89 ? 307 HOH A O     1 
HETATM 1335 O O     . HOH D 4 .   ? 2.708   12.573  3.394   1.00 31.88 ? 309 HOH A O     1 
HETATM 1336 O O     . HOH D 4 .   ? 5.403   -20.734 -4.743  1.00 28.40 ? 310 HOH A O     1 
HETATM 1337 O O     . HOH D 4 .   ? 3.311   13.903  5.627   1.00 26.22 ? 311 HOH A O     1 
HETATM 1338 O O     . HOH D 4 .   ? 14.852  3.515   11.208  1.00 33.35 ? 312 HOH A O     1 
HETATM 1339 O O     . HOH D 4 .   ? -13.021 -9.083  -2.861  1.00 28.35 ? 314 HOH A O     1 
HETATM 1340 O O     . HOH D 4 .   ? -7.561  3.427   12.690  1.00 31.36 ? 316 HOH A O     1 
HETATM 1341 O O     . HOH D 4 .   ? 9.201   -16.736 0.385   1.00 41.04 ? 318 HOH A O     1 
HETATM 1342 O O     . HOH D 4 .   ? 4.208   14.155  14.481  1.00 24.19 ? 320 HOH A O     1 
HETATM 1343 O O     . HOH D 4 .   ? -12.748 -6.704  -3.819  1.00 18.68 ? 321 HOH A O     1 
HETATM 1344 O O     . HOH D 4 .   ? 2.379   -26.739 -1.447  1.00 23.46 ? 323 HOH A O     1 
HETATM 1345 O O     . HOH D 4 .   ? 2.440   1.122   20.036  1.00 46.11 ? 327 HOH A O     1 
HETATM 1346 O O     . HOH D 4 .   ? -2.556  -14.991 -13.697 1.00 43.73 ? 328 HOH A O     1 
HETATM 1347 O O     . HOH D 4 .   ? 5.948   -17.507 -11.083 1.00 31.95 ? 335 HOH A O     1 
HETATM 1348 O O     . HOH D 4 .   ? -3.130  8.901   16.928  1.00 38.63 ? 337 HOH A O     1 
HETATM 1349 O O     . HOH D 4 .   ? -12.299 0.478   1.672   1.00 37.51 ? 338 HOH A O     1 
HETATM 1350 O O     . HOH D 4 .   ? 10.579  12.124  4.596   1.00 40.16 ? 340 HOH A O     1 
HETATM 1351 O O     . HOH D 4 .   ? -12.589 -4.609  3.527   1.00 37.42 ? 348 HOH A O     1 
HETATM 1352 O O     . HOH D 4 .   ? 2.793   14.311  -5.293  1.00 51.80 ? 349 HOH A O     1 
HETATM 1353 O O     . HOH D 4 .   ? -13.881 13.308  5.616   1.00 20.93 ? 353 HOH A O     1 
HETATM 1354 O O     . HOH D 4 .   ? 4.288   -6.155  -15.752 1.00 34.54 ? 354 HOH A O     1 
HETATM 1355 O O     . HOH D 4 .   ? 2.263   -6.775  -17.679 1.00 35.75 ? 357 HOH A O     1 
HETATM 1356 O O     . HOH D 4 .   ? 10.305  13.607  12.048  1.00 44.04 ? 358 HOH A O     1 
HETATM 1357 O O     . HOH D 4 .   ? 6.390   -19.482 -9.441  1.00 30.39 ? 359 HOH A O     1 
HETATM 1358 O O     . HOH D 4 .   ? -14.420 -1.640  1.104   1.00 52.84 ? 362 HOH A O     1 
HETATM 1359 O O     . HOH D 4 .   ? 7.081   4.467   -6.776  1.00 39.25 ? 363 HOH A O     1 
HETATM 1360 O O     . HOH D 4 .   ? -9.629  -11.959 -0.993  1.00 33.96 ? 365 HOH A O     1 
HETATM 1361 O O     . HOH D 4 .   ? -1.753  15.389  -0.548  1.00 41.60 ? 369 HOH A O     1 
HETATM 1362 O O     . HOH D 4 .   ? 1.162   15.265  6.605   1.00 31.97 ? 370 HOH A O     1 
HETATM 1363 O O     . HOH D 4 .   ? -9.255  -8.906  -12.435 1.00 46.58 ? 375 HOH A O     1 
HETATM 1364 O O     . HOH D 4 .   ? 7.603   -23.216 -3.086  1.00 32.57 ? 379 HOH A O     1 
HETATM 1365 O O     . HOH D 4 .   ? -14.364 -5.977  4.029   1.00 40.55 ? 385 HOH A O     1 
HETATM 1366 O O     . HOH D 4 .   ? 10.580  -15.517 -6.244  1.00 35.14 ? 406 HOH A O     1 
HETATM 1367 O O     . HOH D 4 .   ? -0.800  14.481  9.125   1.00 35.94 ? 407 HOH A O     1 
HETATM 1368 O O     . HOH D 4 .   ? 11.218  -15.961 -3.896  1.00 34.19 ? 408 HOH A O     1 
HETATM 1369 O O     . HOH D 4 .   ? 0.920   15.268  17.845  1.00 47.76 ? 411 HOH A O     1 
HETATM 1370 O O     . HOH D 4 .   ? 13.441  12.922  2.750   1.00 37.08 ? 423 HOH A O     1 
HETATM 1371 O O     . HOH D 4 .   ? 3.890   -17.741 -12.197 1.00 44.66 ? 425 HOH A O     1 
HETATM 1372 O O     . HOH D 4 .   ? 3.558   5.781   -12.106 1.00 34.39 ? 428 HOH A O     1 
HETATM 1373 O O     . HOH D 4 .   ? 8.881   -0.726  8.944   1.00 39.31 ? 449 HOH A O     1 
HETATM 1374 O O     . HOH D 4 .   ? 16.487  -17.998 -9.751  1.00 50.17 ? 456 HOH A O     1 
HETATM 1375 O O     . HOH D 4 .   ? 13.314  -4.258  -7.847  1.00 43.61 ? 461 HOH A O     1 
HETATM 1376 O O     . HOH D 4 .   ? 4.887   15.605  -3.145  1.00 58.80 ? 479 HOH A O     1 
HETATM 1377 O O     . HOH D 4 .   ? -8.351  -2.871  11.374  1.00 46.24 ? 499 HOH A O     1 
HETATM 1378 O O     . HOH D 4 .   ? 12.017  17.398  6.922   1.00 65.94 ? 509 HOH A O     1 
HETATM 1379 O O     . HOH D 4 .   ? 3.541   1.286   12.766  1.00 27.60 ? 600 HOH A O     1 
HETATM 1380 O O     . HOH D 4 .   ? 2.389   2.348   9.253   1.00 49.53 ? 601 HOH A O     1 
HETATM 1381 O O     . HOH D 4 .   ? 14.225  10.960  0.761   1.00 28.91 ? 602 HOH A O     1 
HETATM 1382 O O     . HOH D 4 .   ? -14.013 10.830  -10.726 1.00 69.58 ? 604 HOH A O     1 
HETATM 1383 O O     . HOH D 4 .   ? 12.894  -7.952  -11.279 1.00 33.34 ? 605 HOH A O     1 
HETATM 1384 O O     . HOH D 4 .   ? 13.414  0.544   1.115   1.00 48.02 ? 606 HOH A O     1 
HETATM 1385 O O     . HOH D 4 .   ? -10.374 17.385  -4.095  1.00 44.46 ? 607 HOH A O     1 
HETATM 1386 O O     . HOH D 4 .   ? 13.242  -18.751 -7.169  1.00 44.26 ? 608 HOH A O     1 
HETATM 1387 O O     . HOH D 4 .   ? -0.228  -13.147 13.858  1.00 63.66 ? 609 HOH A O     1 
HETATM 1388 O O     . HOH D 4 .   ? 5.343   -3.476  -15.830 1.00 61.20 ? 610 HOH A O     1 
HETATM 1389 O O     . HOH D 4 .   ? -6.974  -16.618 5.905   1.00 41.16 ? 611 HOH A O     1 
HETATM 1390 O O     . HOH D 4 .   ? -3.845  -17.539 -3.285  1.00 49.45 ? 613 HOH A O     1 
HETATM 1391 O O     . HOH D 4 .   ? 5.559   13.426  17.022  1.00 58.39 ? 614 HOH A O     1 
HETATM 1392 O O     . HOH D 4 .   ? -14.002 0.800   -1.652  1.00 40.04 ? 615 HOH A O     1 
HETATM 1393 O O     . HOH D 4 .   ? 14.247  1.894   -3.671  1.00 50.43 ? 616 HOH A O     1 
HETATM 1394 O O     . HOH D 4 .   ? -11.793 -13.295 2.268   1.00 46.92 ? 617 HOH A O     1 
HETATM 1395 O O     . HOH D 4 .   ? 1.801   -19.363 -8.082  1.00 38.51 ? 618 HOH A O     1 
HETATM 1396 O O     . HOH D 4 .   ? 2.620   16.886  -7.642  1.00 61.44 ? 619 HOH A O     1 
HETATM 1397 O O     . HOH D 4 .   ? -4.603  -15.662 3.217   1.00 48.90 ? 620 HOH A O     1 
HETATM 1398 O O     . HOH D 4 .   ? -0.721  -15.630 8.352   1.00 38.55 ? 621 HOH A O     1 
HETATM 1399 O O     . HOH D 4 .   ? -14.922 -2.637  -2.152  1.00 50.48 ? 622 HOH A O     1 
HETATM 1400 O O     . HOH D 4 .   ? -3.679  -16.171 -0.719  1.00 39.10 ? 624 HOH A O     1 
HETATM 1401 O O     . HOH D 4 .   ? 4.303   -1.395  7.796   1.00 49.60 ? 625 HOH A O     1 
HETATM 1402 O O     . HOH D 4 .   ? 9.725   -22.678 -5.060  1.00 47.92 ? 626 HOH A O     1 
HETATM 1403 O O     . HOH D 4 .   ? -14.703 2.423   1.407   1.00 50.86 ? 627 HOH A O     1 
HETATM 1404 O O     . HOH D 4 .   ? -8.179  2.113   14.868  1.00 43.83 ? 628 HOH A O     1 
HETATM 1405 O O     . HOH D 4 .   ? 1.977   -10.803 -19.171 1.00 62.87 ? 629 HOH A O     1 
HETATM 1406 O O     . HOH D 4 .   ? -10.517 -13.439 -6.986  1.00 43.32 ? 633 HOH A O     1 
HETATM 1407 O O     . HOH D 4 .   ? 15.624  -7.513  -5.985  1.00 51.85 ? 636 HOH A O     1 
HETATM 1408 O O     . HOH D 4 .   ? -4.252  3.546   18.141  1.00 42.92 ? 637 HOH A O     1 
HETATM 1409 O O     . HOH D 4 .   ? -9.347  13.421  14.378  1.00 61.25 ? 640 HOH A O     1 
HETATM 1410 O O     . HOH D 4 .   ? 6.782   -13.385 3.690   1.00 34.61 ? 641 HOH A O     1 
HETATM 1411 O O     . HOH D 4 .   ? 2.615   5.438   26.465  1.00 60.32 ? 642 HOH A O     1 
HETATM 1412 O O     . HOH D 4 .   ? 8.806   0.729   12.355  1.00 52.87 ? 643 HOH A O     1 
HETATM 1413 O O     . HOH D 4 .   ? 1.497   -20.806 -5.445  1.00 57.56 ? 644 HOH A O     1 
HETATM 1414 O O     . HOH D 4 .   ? -13.107 -13.476 -8.645  1.00 35.59 ? 646 HOH A O     1 
HETATM 1415 O O     . HOH D 4 .   ? -9.313  1.188   -11.547 1.00 29.75 ? 647 HOH A O     1 
HETATM 1416 O O     . HOH D 4 .   ? -17.844 -8.087  -8.678  1.00 49.51 ? 648 HOH A O     1 
HETATM 1417 O O     . HOH D 4 .   ? 11.490  0.595   5.989   1.00 41.93 ? 649 HOH A O     1 
HETATM 1418 O O     . HOH D 4 .   ? 7.493   0.392   5.282   1.00 64.64 ? 650 HOH A O     1 
HETATM 1419 O O     . HOH D 4 .   ? 7.248   -8.039  -15.848 1.00 49.60 ? 651 HOH A O     1 
HETATM 1420 O O     . HOH D 4 .   ? -2.459  18.894  -8.487  1.00 43.06 ? 652 HOH A O     1 
HETATM 1421 O O     . HOH D 4 .   ? -11.409 15.684  2.063   1.00 43.45 ? 653 HOH A O     1 
HETATM 1422 O O     . HOH D 4 .   ? 3.273   -0.089  15.146  1.00 66.09 ? 655 HOH A O     1 
HETATM 1423 O O     . HOH D 4 .   ? -16.599 8.708   -2.415  1.00 76.01 ? 656 HOH A O     1 
HETATM 1424 O O     . HOH D 4 .   ? 10.931  9.308   14.023  1.00 42.54 ? 658 HOH A O     1 
HETATM 1425 O O     . HOH D 4 .   ? 10.427  11.721  15.396  1.00 63.07 ? 659 HOH A O     1 
HETATM 1426 O O     . HOH D 4 .   ? -12.273 3.839   8.326   1.00 59.08 ? 660 HOH A O     1 
HETATM 1427 O O     . HOH D 4 .   ? 0.161   15.868  20.723  1.00 72.18 ? 661 HOH A O     1 
HETATM 1428 O O     . HOH D 4 .   ? -6.887  16.657  -4.155  1.00 59.30 ? 662 HOH A O     1 
HETATM 1429 O O     . HOH D 4 .   ? -9.392  16.365  9.585   1.00 76.65 ? 664 HOH A O     1 
HETATM 1430 O O     . HOH D 4 .   ? -16.701 13.487  0.232   1.00 50.70 ? 665 HOH A O     1 
HETATM 1431 O O     . HOH D 4 .   ? 13.388  -13.948 -6.233  1.00 61.31 ? 666 HOH A O     1 
HETATM 1432 O O     . HOH D 4 .   ? -6.533  6.968   15.750  1.00 47.11 ? 667 HOH A O     1 
HETATM 1433 O O     . HOH D 4 .   ? -3.657  -1.866  15.235  1.00 58.83 ? 668 HOH A O     1 
HETATM 1434 O O     . HOH D 4 .   ? -0.294  14.867  -14.902 1.00 69.14 ? 670 HOH A O     1 
HETATM 1435 O O     . HOH D 4 .   ? -5.385  10.973  18.459  1.00 58.15 ? 671 HOH A O     1 
HETATM 1436 O O     . HOH D 4 .   ? -11.368 -12.675 -4.167  1.00 40.75 ? 672 HOH A O     1 
HETATM 1437 O O     . HOH D 4 .   ? -8.779  -3.531  13.573  1.00 62.51 ? 673 HOH A O     1 
HETATM 1438 O O     . HOH D 4 .   ? -6.612  14.162  16.693  1.00 57.58 ? 674 HOH A O     1 
HETATM 1439 O O     . HOH D 4 .   ? -4.966  -9.924  11.490  1.00 55.06 ? 675 HOH A O     1 
HETATM 1440 O O     . HOH D 4 .   ? -7.827  11.466  16.735  1.00 63.51 ? 676 HOH A O     1 
HETATM 1441 O O     . HOH D 4 .   ? 15.871  -14.496 -4.500  1.00 63.26 ? 677 HOH A O     1 
HETATM 1442 O O     . HOH D 4 .   ? 8.627   -15.380 9.125   1.00 62.36 ? 678 HOH A O     1 
HETATM 1443 O O     . HOH D 4 .   ? 5.837   -24.154 -0.935  1.00 48.06 ? 679 HOH A O     1 
HETATM 1444 O O     . HOH D 4 .   ? -13.047 -4.444  6.243   1.00 76.74 ? 682 HOH A O     1 
HETATM 1445 O O     . HOH D 4 .   ? 16.609  0.184   -2.380  1.00 64.01 ? 683 HOH A O     1 
HETATM 1446 O O     . HOH D 4 .   ? 3.752   2.961   23.511  1.00 47.33 ? 684 HOH A O     1 
HETATM 1447 O O     . HOH D 4 .   ? -0.366  17.006  16.373  1.00 66.12 ? 685 HOH A O     1 
HETATM 1448 O O     . HOH D 4 .   ? -14.219 12.240  -8.484  1.00 58.67 ? 686 HOH A O     1 
HETATM 1449 O O     . HOH D 4 .   ? -11.521 8.020   -13.865 1.00 51.57 ? 687 HOH A O     1 
HETATM 1450 O O     . HOH D 4 .   ? 14.172  -14.869 -1.739  1.00 70.45 ? 688 HOH A O     1 
HETATM 1451 O O     . HOH D 4 .   ? -2.232  -16.363 6.612   1.00 61.18 ? 689 HOH A O     1 
HETATM 1452 O O     . HOH D 4 .   ? -15.978 0.597   -0.036  1.00 62.41 ? 690 HOH A O     1 
HETATM 1453 O O     . HOH D 4 .   ? -12.912 8.975   -12.317 1.00 64.27 ? 691 HOH A O     1 
HETATM 1454 O O     . HOH D 4 .   ? 3.862   15.191  -11.187 1.00 65.36 ? 693 HOH A O     1 
HETATM 1455 O O     . HOH D 4 .   ? 9.855   -10.023 -14.862 1.00 53.40 ? 695 HOH A O     1 
HETATM 1456 O O     . HOH D 4 .   ? 9.144   9.434   -5.969  1.00 62.66 ? 696 HOH A O     1 
HETATM 1457 O O     . HOH D 4 .   ? 16.579  -10.816 -0.459  1.00 70.84 ? 697 HOH A O     1 
HETATM 1458 O O     . HOH D 4 .   ? 6.516   -26.909 -1.615  1.00 80.07 ? 699 HOH A O     1 
HETATM 1459 O O     . HOH D 4 .   ? 7.188   -3.012  5.602   1.00 54.60 ? 700 HOH A O     1 
HETATM 1460 O O     . HOH D 4 .   ? -10.820 -15.909 2.954   1.00 62.66 ? 701 HOH A O     1 
HETATM 1461 O O     . HOH D 4 .   ? -6.057  1.880   16.573  1.00 71.63 ? 702 HOH A O     1 
HETATM 1462 O O     . HOH D 4 .   ? 11.772  -17.435 -13.867 1.00 76.61 ? 703 HOH A O     1 
HETATM 1463 O O     . HOH D 4 .   ? 5.101   3.061   4.641   1.00 34.04 ? 704 HOH A O     1 
HETATM 1464 O O     . HOH D 4 .   ? 3.370   2.312   2.456   1.00 25.95 ? 705 HOH A O     1 
HETATM 1465 O O     . HOH D 4 .   ? -12.130 0.992   -12.704 1.00 58.96 ? 706 HOH A O     1 
HETATM 1466 O O     . HOH D 4 .   ? -14.026 -2.055  -11.392 1.00 63.08 ? 708 HOH A O     1 
HETATM 1467 O O     . HOH D 4 .   ? 10.650  -0.742  2.325   1.00 56.97 ? 709 HOH A O     1 
HETATM 1468 O O     . HOH D 4 .   ? 4.362   0.104   1.067   1.00 57.83 ? 710 HOH A O     1 
HETATM 1469 O O     . HOH D 4 .   ? 9.560   -2.943  -0.857  1.00 60.11 ? 711 HOH A O     1 
HETATM 1470 O O     . HOH D 4 .   ? 8.187   -0.314  0.118   1.00 61.51 ? 712 HOH A O     1 
HETATM 1471 O O     . HOH D 4 .   ? 4.472   -20.437 -7.979  1.00 57.46 ? 713 HOH A O     1 
HETATM 1472 O O     . HOH D 4 .   ? 11.338  -3.445  2.187   1.00 68.85 ? 714 HOH A O     1 
HETATM 1473 O O     . HOH D 4 .   ? 3.477   9.342   -11.371 1.00 65.09 ? 716 HOH A O     1 
HETATM 1474 O O     . HOH D 4 .   ? 7.683   -2.273  2.495   1.00 60.02 ? 717 HOH A O     1 
HETATM 1475 O O     . HOH D 4 .   ? 13.859  -1.560  -1.819  1.00 66.80 ? 718 HOH A O     1 
# 
